data_1P1L
# 
_entry.id   1P1L 
# 
_audit_conform.dict_name       mmcif_pdbx.dic 
_audit_conform.dict_version    5.386 
_audit_conform.dict_location   http://mmcif.pdb.org/dictionaries/ascii/mmcif_pdbx.dic 
# 
loop_
_database_2.database_id 
_database_2.database_code 
_database_2.pdbx_database_accession 
_database_2.pdbx_DOI 
PDB   1P1L         pdb_00001p1l 10.2210/pdb1p1l/pdb 
RCSB  RCSB018900   ?            ?                   
WWPDB D_1000018900 ?            ?                   
# 
loop_
_pdbx_audit_revision_history.ordinal 
_pdbx_audit_revision_history.data_content_type 
_pdbx_audit_revision_history.major_revision 
_pdbx_audit_revision_history.minor_revision 
_pdbx_audit_revision_history.revision_date 
1 'Structure model' 1 0 2003-04-29 
2 'Structure model' 1 1 2008-04-29 
3 'Structure model' 1 2 2011-07-13 
4 'Structure model' 1 3 2021-02-03 
5 'Structure model' 1 4 2024-02-14 
# 
_pdbx_audit_revision_details.ordinal             1 
_pdbx_audit_revision_details.revision_ordinal    1 
_pdbx_audit_revision_details.data_content_type   'Structure model' 
_pdbx_audit_revision_details.provider            repository 
_pdbx_audit_revision_details.type                'Initial release' 
_pdbx_audit_revision_details.description         ? 
_pdbx_audit_revision_details.details             ? 
# 
loop_
_pdbx_audit_revision_group.ordinal 
_pdbx_audit_revision_group.revision_ordinal 
_pdbx_audit_revision_group.data_content_type 
_pdbx_audit_revision_group.group 
1 2 'Structure model' 'Version format compliance' 
2 3 'Structure model' 'Derived calculations'      
3 3 'Structure model' 'Version format compliance' 
4 4 'Structure model' 'Structure summary'         
5 5 'Structure model' 'Data collection'           
6 5 'Structure model' 'Database references'       
# 
loop_
_pdbx_audit_revision_category.ordinal 
_pdbx_audit_revision_category.revision_ordinal 
_pdbx_audit_revision_category.data_content_type 
_pdbx_audit_revision_category.category 
1 4 'Structure model' audit_author   
2 5 'Structure model' chem_comp_atom 
3 5 'Structure model' chem_comp_bond 
4 5 'Structure model' database_2     
# 
loop_
_pdbx_audit_revision_item.ordinal 
_pdbx_audit_revision_item.revision_ordinal 
_pdbx_audit_revision_item.data_content_type 
_pdbx_audit_revision_item.item 
1 4 'Structure model' '_audit_author.identifier_ORCID'      
2 5 'Structure model' '_database_2.pdbx_DOI'                
3 5 'Structure model' '_database_2.pdbx_database_accession' 
# 
_pdbx_database_status.status_code                     REL 
_pdbx_database_status.entry_id                        1P1L 
_pdbx_database_status.recvd_initial_deposition_date   2003-04-12 
_pdbx_database_status.deposit_site                    RCSB 
_pdbx_database_status.process_site                    RCSB 
_pdbx_database_status.SG_entry                        Y 
_pdbx_database_status.status_code_sf                  REL 
_pdbx_database_status.pdb_format_compatible           Y 
_pdbx_database_status.status_code_mr                  ? 
_pdbx_database_status.status_code_cs                  ? 
_pdbx_database_status.status_code_nmr_data            ? 
_pdbx_database_status.methods_development_category    ? 
# 
loop_
_pdbx_database_related.db_name 
_pdbx_database_related.db_id 
_pdbx_database_related.details 
_pdbx_database_related.content_type 
PDB      1NZA         'FROM ANOTHER ORGANISM' unspecified 
PDB      1KR4         'FROM ANOTHER ORGANISM' unspecified 
TargetDB NYSGXRC-T835 .                       unspecified 
# 
loop_
_audit_author.name 
_audit_author.pdbx_ordinal 
_audit_author.identifier_ORCID 
'Kniewel, R.'                                                    1 ?                   
'Buglino, J.A.'                                                  2 ?                   
'Lima, C.D.'                                                     3 ?                   
'Burley, S.K.'                                                   4 0000-0002-2487-9713 
'New York SGX Research Center for Structural Genomics (NYSGXRC)' 5 ?                   
# 
_citation.id                        primary 
_citation.title                     
;Structure of the Periplasmic divalent cation tolerance protein CutA 
from Archaeoglobus fulgidus
;
_citation.journal_abbrev            'To be Published' 
_citation.journal_volume            ? 
_citation.page_first                ? 
_citation.page_last                 ? 
_citation.year                      2003 
_citation.journal_id_ASTM           ? 
_citation.country                   ? 
_citation.journal_id_ISSN           ? 
_citation.journal_id_CSD            0353 
_citation.book_publisher            ? 
_citation.pdbx_database_id_PubMed   ? 
_citation.pdbx_database_id_DOI      ? 
# 
loop_
_citation_author.citation_id 
_citation_author.name 
_citation_author.ordinal 
_citation_author.identifier_ORCID 
primary 'Kniewel, R.'   1 ? 
primary 'Buglino, J.A.' 2 ? 
primary 'Lima, C.D.'    3 ? 
# 
loop_
_entity.id 
_entity.type 
_entity.src_method 
_entity.pdbx_description 
_entity.formula_weight 
_entity.pdbx_number_of_molecules 
_entity.pdbx_ec 
_entity.pdbx_mutation 
_entity.pdbx_fragment 
_entity.details 
1 polymer man 'Periplasmic divalent cation tolerance protein CUTA' 11900.855 1  ? ? ? ? 
2 water   nat water                                                18.015    56 ? ? ? ? 
# 
_entity_name_com.entity_id   1 
_entity_name_com.name        cutA 
# 
_entity_poly.entity_id                      1 
_entity_poly.type                           'polypeptide(L)' 
_entity_poly.nstd_linkage                   no 
_entity_poly.nstd_monomer                   no 
_entity_poly.pdbx_seq_one_letter_code       
;MHNFIYITAPSLEEAERIAKRLLEKKLAACVNIFPIKSFFWWEGKIEAATEFAMIVKTRSEKFAEVRDEVKAMHSYTTPC
ICAIPIERGLKEFLDWIDETVE
;
_entity_poly.pdbx_seq_one_letter_code_can   
;MHNFIYITAPSLEEAERIAKRLLEKKLAACVNIFPIKSFFWWEGKIEAATEFAMIVKTRSEKFAEVRDEVKAMHSYTTPC
ICAIPIERGLKEFLDWIDETVE
;
_entity_poly.pdbx_strand_id                 A 
_entity_poly.pdbx_target_identifier         NYSGXRC-T835 
# 
_pdbx_entity_nonpoly.entity_id   2 
_pdbx_entity_nonpoly.name        water 
_pdbx_entity_nonpoly.comp_id     HOH 
# 
loop_
_entity_poly_seq.entity_id 
_entity_poly_seq.num 
_entity_poly_seq.mon_id 
_entity_poly_seq.hetero 
1 1   MET n 
1 2   HIS n 
1 3   ASN n 
1 4   PHE n 
1 5   ILE n 
1 6   TYR n 
1 7   ILE n 
1 8   THR n 
1 9   ALA n 
1 10  PRO n 
1 11  SER n 
1 12  LEU n 
1 13  GLU n 
1 14  GLU n 
1 15  ALA n 
1 16  GLU n 
1 17  ARG n 
1 18  ILE n 
1 19  ALA n 
1 20  LYS n 
1 21  ARG n 
1 22  LEU n 
1 23  LEU n 
1 24  GLU n 
1 25  LYS n 
1 26  LYS n 
1 27  LEU n 
1 28  ALA n 
1 29  ALA n 
1 30  CYS n 
1 31  VAL n 
1 32  ASN n 
1 33  ILE n 
1 34  PHE n 
1 35  PRO n 
1 36  ILE n 
1 37  LYS n 
1 38  SER n 
1 39  PHE n 
1 40  PHE n 
1 41  TRP n 
1 42  TRP n 
1 43  GLU n 
1 44  GLY n 
1 45  LYS n 
1 46  ILE n 
1 47  GLU n 
1 48  ALA n 
1 49  ALA n 
1 50  THR n 
1 51  GLU n 
1 52  PHE n 
1 53  ALA n 
1 54  MET n 
1 55  ILE n 
1 56  VAL n 
1 57  LYS n 
1 58  THR n 
1 59  ARG n 
1 60  SER n 
1 61  GLU n 
1 62  LYS n 
1 63  PHE n 
1 64  ALA n 
1 65  GLU n 
1 66  VAL n 
1 67  ARG n 
1 68  ASP n 
1 69  GLU n 
1 70  VAL n 
1 71  LYS n 
1 72  ALA n 
1 73  MET n 
1 74  HIS n 
1 75  SER n 
1 76  TYR n 
1 77  THR n 
1 78  THR n 
1 79  PRO n 
1 80  CYS n 
1 81  ILE n 
1 82  CYS n 
1 83  ALA n 
1 84  ILE n 
1 85  PRO n 
1 86  ILE n 
1 87  GLU n 
1 88  ARG n 
1 89  GLY n 
1 90  LEU n 
1 91  LYS n 
1 92  GLU n 
1 93  PHE n 
1 94  LEU n 
1 95  ASP n 
1 96  TRP n 
1 97  ILE n 
1 98  ASP n 
1 99  GLU n 
1 100 THR n 
1 101 VAL n 
1 102 GLU n 
# 
_entity_src_gen.entity_id                          1 
_entity_src_gen.pdbx_src_id                        1 
_entity_src_gen.pdbx_alt_source_flag               sample 
_entity_src_gen.pdbx_seq_type                      ? 
_entity_src_gen.pdbx_beg_seq_num                   ? 
_entity_src_gen.pdbx_end_seq_num                   ? 
_entity_src_gen.gene_src_common_name               ? 
_entity_src_gen.gene_src_genus                     Archaeoglobus 
_entity_src_gen.pdbx_gene_src_gene                 CUTA 
_entity_src_gen.gene_src_species                   ? 
_entity_src_gen.gene_src_strain                    ? 
_entity_src_gen.gene_src_tissue                    ? 
_entity_src_gen.gene_src_tissue_fraction           ? 
_entity_src_gen.gene_src_details                   ? 
_entity_src_gen.pdbx_gene_src_fragment             ? 
_entity_src_gen.pdbx_gene_src_scientific_name      'Archaeoglobus fulgidus' 
_entity_src_gen.pdbx_gene_src_ncbi_taxonomy_id     2234 
_entity_src_gen.pdbx_gene_src_variant              ? 
_entity_src_gen.pdbx_gene_src_cell_line            ? 
_entity_src_gen.pdbx_gene_src_atcc                 ? 
_entity_src_gen.pdbx_gene_src_organ                ? 
_entity_src_gen.pdbx_gene_src_organelle            ? 
_entity_src_gen.pdbx_gene_src_cell                 ? 
_entity_src_gen.pdbx_gene_src_cellular_location    ? 
_entity_src_gen.host_org_common_name               ? 
_entity_src_gen.pdbx_host_org_scientific_name      'Escherichia coli' 
_entity_src_gen.pdbx_host_org_ncbi_taxonomy_id     562 
_entity_src_gen.host_org_genus                     Escherichia 
_entity_src_gen.pdbx_host_org_gene                 ? 
_entity_src_gen.pdbx_host_org_organ                ? 
_entity_src_gen.host_org_species                   ? 
_entity_src_gen.pdbx_host_org_tissue               ? 
_entity_src_gen.pdbx_host_org_tissue_fraction      ? 
_entity_src_gen.pdbx_host_org_strain               ? 
_entity_src_gen.pdbx_host_org_variant              ? 
_entity_src_gen.pdbx_host_org_cell_line            ? 
_entity_src_gen.pdbx_host_org_atcc                 ? 
_entity_src_gen.pdbx_host_org_culture_collection   ? 
_entity_src_gen.pdbx_host_org_cell                 ? 
_entity_src_gen.pdbx_host_org_organelle            ? 
_entity_src_gen.pdbx_host_org_cellular_location    ? 
_entity_src_gen.pdbx_host_org_vector_type          plasmid 
_entity_src_gen.pdbx_host_org_vector               ? 
_entity_src_gen.host_org_details                   ? 
_entity_src_gen.expression_system_id               ? 
_entity_src_gen.plasmid_name                       ? 
_entity_src_gen.plasmid_details                    ? 
_entity_src_gen.pdbx_description                   ? 
# 
loop_
_chem_comp.id 
_chem_comp.type 
_chem_comp.mon_nstd_flag 
_chem_comp.name 
_chem_comp.pdbx_synonyms 
_chem_comp.formula 
_chem_comp.formula_weight 
ALA 'L-peptide linking' y ALANINE         ? 'C3 H7 N O2'     89.093  
ARG 'L-peptide linking' y ARGININE        ? 'C6 H15 N4 O2 1' 175.209 
ASN 'L-peptide linking' y ASPARAGINE      ? 'C4 H8 N2 O3'    132.118 
ASP 'L-peptide linking' y 'ASPARTIC ACID' ? 'C4 H7 N O4'     133.103 
CYS 'L-peptide linking' y CYSTEINE        ? 'C3 H7 N O2 S'   121.158 
GLU 'L-peptide linking' y 'GLUTAMIC ACID' ? 'C5 H9 N O4'     147.129 
GLY 'peptide linking'   y GLYCINE         ? 'C2 H5 N O2'     75.067  
HIS 'L-peptide linking' y HISTIDINE       ? 'C6 H10 N3 O2 1' 156.162 
HOH non-polymer         . WATER           ? 'H2 O'           18.015  
ILE 'L-peptide linking' y ISOLEUCINE      ? 'C6 H13 N O2'    131.173 
LEU 'L-peptide linking' y LEUCINE         ? 'C6 H13 N O2'    131.173 
LYS 'L-peptide linking' y LYSINE          ? 'C6 H15 N2 O2 1' 147.195 
MET 'L-peptide linking' y METHIONINE      ? 'C5 H11 N O2 S'  149.211 
PHE 'L-peptide linking' y PHENYLALANINE   ? 'C9 H11 N O2'    165.189 
PRO 'L-peptide linking' y PROLINE         ? 'C5 H9 N O2'     115.130 
SER 'L-peptide linking' y SERINE          ? 'C3 H7 N O3'     105.093 
THR 'L-peptide linking' y THREONINE       ? 'C4 H9 N O3'     119.119 
TRP 'L-peptide linking' y TRYPTOPHAN      ? 'C11 H12 N2 O2'  204.225 
TYR 'L-peptide linking' y TYROSINE        ? 'C9 H11 N O3'    181.189 
VAL 'L-peptide linking' y VALINE          ? 'C5 H11 N O2'    117.146 
# 
loop_
_pdbx_poly_seq_scheme.asym_id 
_pdbx_poly_seq_scheme.entity_id 
_pdbx_poly_seq_scheme.seq_id 
_pdbx_poly_seq_scheme.mon_id 
_pdbx_poly_seq_scheme.ndb_seq_num 
_pdbx_poly_seq_scheme.pdb_seq_num 
_pdbx_poly_seq_scheme.auth_seq_num 
_pdbx_poly_seq_scheme.pdb_mon_id 
_pdbx_poly_seq_scheme.auth_mon_id 
_pdbx_poly_seq_scheme.pdb_strand_id 
_pdbx_poly_seq_scheme.pdb_ins_code 
_pdbx_poly_seq_scheme.hetero 
A 1 1   MET 1   1   1   MET MET A . n 
A 1 2   HIS 2   2   2   HIS HIS A . n 
A 1 3   ASN 3   3   3   ASN ASN A . n 
A 1 4   PHE 4   4   4   PHE PHE A . n 
A 1 5   ILE 5   5   5   ILE ILE A . n 
A 1 6   TYR 6   6   6   TYR TYR A . n 
A 1 7   ILE 7   7   7   ILE ILE A . n 
A 1 8   THR 8   8   8   THR THR A . n 
A 1 9   ALA 9   9   9   ALA ALA A . n 
A 1 10  PRO 10  10  10  PRO PRO A . n 
A 1 11  SER 11  11  11  SER SER A . n 
A 1 12  LEU 12  12  12  LEU LEU A . n 
A 1 13  GLU 13  13  13  GLU GLU A . n 
A 1 14  GLU 14  14  14  GLU GLU A . n 
A 1 15  ALA 15  15  15  ALA ALA A . n 
A 1 16  GLU 16  16  16  GLU GLU A . n 
A 1 17  ARG 17  17  17  ARG ARG A . n 
A 1 18  ILE 18  18  18  ILE ILE A . n 
A 1 19  ALA 19  19  19  ALA ALA A . n 
A 1 20  LYS 20  20  20  LYS LYS A . n 
A 1 21  ARG 21  21  21  ARG ARG A . n 
A 1 22  LEU 22  22  22  LEU LEU A . n 
A 1 23  LEU 23  23  23  LEU LEU A . n 
A 1 24  GLU 24  24  24  GLU GLU A . n 
A 1 25  LYS 25  25  25  LYS LYS A . n 
A 1 26  LYS 26  26  26  LYS LYS A . n 
A 1 27  LEU 27  27  27  LEU LEU A . n 
A 1 28  ALA 28  28  28  ALA ALA A . n 
A 1 29  ALA 29  29  29  ALA ALA A . n 
A 1 30  CYS 30  30  30  CYS CYS A . n 
A 1 31  VAL 31  31  31  VAL VAL A . n 
A 1 32  ASN 32  32  32  ASN ASN A . n 
A 1 33  ILE 33  33  33  ILE ILE A . n 
A 1 34  PHE 34  34  34  PHE PHE A . n 
A 1 35  PRO 35  35  35  PRO PRO A . n 
A 1 36  ILE 36  36  36  ILE ILE A . n 
A 1 37  LYS 37  37  37  LYS LYS A . n 
A 1 38  SER 38  38  38  SER SER A . n 
A 1 39  PHE 39  39  39  PHE PHE A . n 
A 1 40  PHE 40  40  40  PHE PHE A . n 
A 1 41  TRP 41  41  41  TRP TRP A . n 
A 1 42  TRP 42  42  42  TRP TRP A . n 
A 1 43  GLU 43  43  43  GLU GLU A . n 
A 1 44  GLY 44  44  44  GLY GLY A . n 
A 1 45  LYS 45  45  45  LYS LYS A . n 
A 1 46  ILE 46  46  46  ILE ILE A . n 
A 1 47  GLU 47  47  47  GLU GLU A . n 
A 1 48  ALA 48  48  48  ALA ALA A . n 
A 1 49  ALA 49  49  49  ALA ALA A . n 
A 1 50  THR 50  50  50  THR THR A . n 
A 1 51  GLU 51  51  51  GLU GLU A . n 
A 1 52  PHE 52  52  52  PHE PHE A . n 
A 1 53  ALA 53  53  53  ALA ALA A . n 
A 1 54  MET 54  54  54  MET MET A . n 
A 1 55  ILE 55  55  55  ILE ILE A . n 
A 1 56  VAL 56  56  56  VAL VAL A . n 
A 1 57  LYS 57  57  57  LYS LYS A . n 
A 1 58  THR 58  58  58  THR THR A . n 
A 1 59  ARG 59  59  59  ARG ARG A . n 
A 1 60  SER 60  60  60  SER SER A . n 
A 1 61  GLU 61  61  61  GLU GLU A . n 
A 1 62  LYS 62  62  62  LYS LYS A . n 
A 1 63  PHE 63  63  63  PHE PHE A . n 
A 1 64  ALA 64  64  64  ALA ALA A . n 
A 1 65  GLU 65  65  65  GLU GLU A . n 
A 1 66  VAL 66  66  66  VAL VAL A . n 
A 1 67  ARG 67  67  67  ARG ARG A . n 
A 1 68  ASP 68  68  68  ASP ASP A . n 
A 1 69  GLU 69  69  69  GLU GLU A . n 
A 1 70  VAL 70  70  70  VAL VAL A . n 
A 1 71  LYS 71  71  71  LYS LYS A . n 
A 1 72  ALA 72  72  72  ALA ALA A . n 
A 1 73  MET 73  73  73  MET MET A . n 
A 1 74  HIS 74  74  74  HIS HIS A . n 
A 1 75  SER 75  75  75  SER SER A . n 
A 1 76  TYR 76  76  76  TYR TYR A . n 
A 1 77  THR 77  77  77  THR THR A . n 
A 1 78  THR 78  78  78  THR THR A . n 
A 1 79  PRO 79  79  79  PRO PRO A . n 
A 1 80  CYS 80  80  80  CYS CYS A . n 
A 1 81  ILE 81  81  81  ILE ILE A . n 
A 1 82  CYS 82  82  82  CYS CYS A . n 
A 1 83  ALA 83  83  83  ALA ALA A . n 
A 1 84  ILE 84  84  84  ILE ILE A . n 
A 1 85  PRO 85  85  85  PRO PRO A . n 
A 1 86  ILE 86  86  86  ILE ILE A . n 
A 1 87  GLU 87  87  87  GLU GLU A . n 
A 1 88  ARG 88  88  88  ARG ARG A . n 
A 1 89  GLY 89  89  89  GLY GLY A . n 
A 1 90  LEU 90  90  90  LEU LEU A . n 
A 1 91  LYS 91  91  91  LYS LYS A . n 
A 1 92  GLU 92  92  92  GLU GLU A . n 
A 1 93  PHE 93  93  93  PHE PHE A . n 
A 1 94  LEU 94  94  94  LEU LEU A . n 
A 1 95  ASP 95  95  95  ASP ASP A . n 
A 1 96  TRP 96  96  96  TRP TRP A . n 
A 1 97  ILE 97  97  97  ILE ILE A . n 
A 1 98  ASP 98  98  98  ASP ASP A . n 
A 1 99  GLU 99  99  99  GLU GLU A . n 
A 1 100 THR 100 100 100 THR THR A . n 
A 1 101 VAL 101 101 101 VAL VAL A . n 
A 1 102 GLU 102 102 102 GLU GLU A . n 
# 
loop_
_pdbx_nonpoly_scheme.asym_id 
_pdbx_nonpoly_scheme.entity_id 
_pdbx_nonpoly_scheme.mon_id 
_pdbx_nonpoly_scheme.ndb_seq_num 
_pdbx_nonpoly_scheme.pdb_seq_num 
_pdbx_nonpoly_scheme.auth_seq_num 
_pdbx_nonpoly_scheme.pdb_mon_id 
_pdbx_nonpoly_scheme.auth_mon_id 
_pdbx_nonpoly_scheme.pdb_strand_id 
_pdbx_nonpoly_scheme.pdb_ins_code 
B 2 HOH 1  103 1  HOH HOH A . 
B 2 HOH 2  104 2  HOH HOH A . 
B 2 HOH 3  105 3  HOH HOH A . 
B 2 HOH 4  106 4  HOH HOH A . 
B 2 HOH 5  107 5  HOH HOH A . 
B 2 HOH 6  108 6  HOH HOH A . 
B 2 HOH 7  109 7  HOH HOH A . 
B 2 HOH 8  110 8  HOH HOH A . 
B 2 HOH 9  111 9  HOH HOH A . 
B 2 HOH 10 112 10 HOH HOH A . 
B 2 HOH 11 113 11 HOH HOH A . 
B 2 HOH 12 114 12 HOH HOH A . 
B 2 HOH 13 115 13 HOH HOH A . 
B 2 HOH 14 116 14 HOH HOH A . 
B 2 HOH 15 117 15 HOH HOH A . 
B 2 HOH 16 118 16 HOH HOH A . 
B 2 HOH 17 119 17 HOH HOH A . 
B 2 HOH 18 120 18 HOH HOH A . 
B 2 HOH 19 121 19 HOH HOH A . 
B 2 HOH 20 122 20 HOH HOH A . 
B 2 HOH 21 123 21 HOH HOH A . 
B 2 HOH 22 124 22 HOH HOH A . 
B 2 HOH 23 125 23 HOH HOH A . 
B 2 HOH 24 126 24 HOH HOH A . 
B 2 HOH 25 127 25 HOH HOH A . 
B 2 HOH 26 128 26 HOH HOH A . 
B 2 HOH 27 129 27 HOH HOH A . 
B 2 HOH 28 130 28 HOH HOH A . 
B 2 HOH 29 131 29 HOH HOH A . 
B 2 HOH 30 132 30 HOH HOH A . 
B 2 HOH 31 133 31 HOH HOH A . 
B 2 HOH 32 134 32 HOH HOH A . 
B 2 HOH 33 135 33 HOH HOH A . 
B 2 HOH 34 136 34 HOH HOH A . 
B 2 HOH 35 137 35 HOH HOH A . 
B 2 HOH 36 138 36 HOH HOH A . 
B 2 HOH 37 139 37 HOH HOH A . 
B 2 HOH 38 140 38 HOH HOH A . 
B 2 HOH 39 141 39 HOH HOH A . 
B 2 HOH 40 142 40 HOH HOH A . 
B 2 HOH 41 143 41 HOH HOH A . 
B 2 HOH 42 144 42 HOH HOH A . 
B 2 HOH 43 145 43 HOH HOH A . 
B 2 HOH 44 146 44 HOH HOH A . 
B 2 HOH 45 147 45 HOH HOH A . 
B 2 HOH 46 148 46 HOH HOH A . 
B 2 HOH 47 149 47 HOH HOH A . 
B 2 HOH 48 150 48 HOH HOH A . 
B 2 HOH 49 151 49 HOH HOH A . 
B 2 HOH 50 152 50 HOH HOH A . 
B 2 HOH 51 153 51 HOH HOH A . 
B 2 HOH 52 154 52 HOH HOH A . 
B 2 HOH 53 155 53 HOH HOH A . 
B 2 HOH 54 156 54 HOH HOH A . 
B 2 HOH 55 157 55 HOH HOH A . 
B 2 HOH 56 158 56 HOH HOH A . 
# 
loop_
_software.name 
_software.classification 
_software.version 
_software.citation_id 
_software.pdbx_ordinal 
DENZO     'data reduction' .   ? 1 
SCALEPACK 'data scaling'   .   ? 2 
SOLVE     phasing          .   ? 3 
RESOLVE   'model building' .   ? 4 
CNS       refinement       0.9 ? 5 
RESOLVE   phasing          .   ? 6 
# 
_cell.entry_id           1P1L 
_cell.length_a           90.967 
_cell.length_b           90.967 
_cell.length_c           90.967 
_cell.angle_alpha        90.00 
_cell.angle_beta         90.00 
_cell.angle_gamma        90.00 
_cell.Z_PDB              24 
_cell.pdbx_unique_axis   ? 
# 
_symmetry.entry_id                         1P1L 
_symmetry.space_group_name_H-M             'I 21 3' 
_symmetry.cell_setting                     cubic 
_symmetry.pdbx_full_space_group_name_H-M   ? 
_symmetry.Int_Tables_number                199 
# 
_exptl.entry_id          1P1L 
_exptl.method            'X-RAY DIFFRACTION' 
_exptl.crystals_number   2 
# 
_exptl_crystal.id                    1 
_exptl_crystal.density_Matthews      2.51 
_exptl_crystal.density_percent_sol   50.6 
_exptl_crystal.density_meas          ? 
_exptl_crystal.description           ? 
# 
_exptl_crystal_grow.crystal_id      1 
_exptl_crystal_grow.method          'VAPOR DIFFUSION, HANGING DROP' 
_exptl_crystal_grow.temp            291 
_exptl_crystal_grow.pH              5.6 
_exptl_crystal_grow.pdbx_details    
;21% PEG 1500, 0.1M Na Citrate pH 5.6, 3% MPD, 0.15M Magnesium Chloride, 
0.2M Ammonium Sulfate, VAPOR DIFFUSION, HANGING DROP, temperature 291K
;
_exptl_crystal_grow.temp_details    ? 
_exptl_crystal_grow.pdbx_pH_range   . 
# 
loop_
_diffrn.id 
_diffrn.ambient_temp 
_diffrn.ambient_temp_details 
_diffrn.crystal_id 
1   110 ? 1 
2   110 ? 1 
1,2 ?   ? 1 
# 
loop_
_diffrn_detector.diffrn_id 
_diffrn_detector.detector 
_diffrn_detector.type 
_diffrn_detector.pdbx_collection_date 
_diffrn_detector.details 
1 'IMAGE PLATE' 'RIGAKU RAXIS IV' 2003-03-12 'osmic multilayer' 
2 'IMAGE PLATE' 'RIGAKU RAXIS IV' 2003-03-13 'osmic multilayer' 
# 
loop_
_diffrn_radiation.diffrn_id 
_diffrn_radiation.wavelength_id 
_diffrn_radiation.pdbx_monochromatic_or_laue_m_l 
_diffrn_radiation.monochromator 
_diffrn_radiation.pdbx_diffrn_protocol 
_diffrn_radiation.pdbx_scattering_type 
1 1 M OSMIC 'SINGLE WAVELENGTH' x-ray 
2 1 M OSMIC SIR                 x-ray 
# 
_diffrn_radiation_wavelength.id           1 
_diffrn_radiation_wavelength.wavelength   1.5418 
_diffrn_radiation_wavelength.wt           1.0 
# 
loop_
_diffrn_source.diffrn_id 
_diffrn_source.source 
_diffrn_source.type 
_diffrn_source.pdbx_synchrotron_site 
_diffrn_source.pdbx_synchrotron_beamline 
_diffrn_source.pdbx_wavelength 
_diffrn_source.pdbx_wavelength_list 
1 'ROTATING ANODE' 'RIGAKU RU200' ? ? ? 1.5418 
2 'ROTATING ANODE' 'RIGAKU RU200' ? ? ? 1.5418 
# 
_reflns.entry_id                     1P1L 
_reflns.observed_criterion_sigma_I   0 
_reflns.observed_criterion_sigma_F   0 
_reflns.d_resolution_low             20. 
_reflns.d_resolution_high            2.0 
_reflns.number_obs                   8551 
_reflns.number_all                   8551 
_reflns.percent_possible_obs         93.7 
_reflns.pdbx_Rmerge_I_obs            0.048 
_reflns.pdbx_Rsym_value              ? 
_reflns.pdbx_netI_over_sigmaI        37.3 
_reflns.B_iso_Wilson_estimate        25.6 
_reflns.pdbx_redundancy              ? 
_reflns.R_free_details               ? 
_reflns.limit_h_max                  ? 
_reflns.limit_h_min                  ? 
_reflns.limit_k_max                  ? 
_reflns.limit_k_min                  ? 
_reflns.limit_l_max                  ? 
_reflns.limit_l_min                  ? 
_reflns.observed_criterion_F_max     ? 
_reflns.observed_criterion_F_min     ? 
_reflns.pdbx_ordinal                 1 
_reflns.pdbx_diffrn_id               1,2 
# 
_reflns_shell.d_res_high             2.00 
_reflns_shell.d_res_low              2.07 
_reflns_shell.percent_possible_all   79.5 
_reflns_shell.Rmerge_I_obs           0.118 
_reflns_shell.pdbx_Rsym_value        ? 
_reflns_shell.meanI_over_sigI_obs    11 
_reflns_shell.pdbx_redundancy        ? 
_reflns_shell.percent_possible_obs   ? 
_reflns_shell.number_unique_all      ? 
_reflns_shell.pdbx_ordinal           1 
_reflns_shell.pdbx_diffrn_id         1,2 
# 
_refine.entry_id                                 1P1L 
_refine.ls_number_reflns_obs                     8534 
_refine.ls_number_reflns_all                     8534 
_refine.pdbx_ls_sigma_I                          ? 
_refine.pdbx_ls_sigma_F                          0.0 
_refine.pdbx_data_cutoff_high_absF               ? 
_refine.pdbx_data_cutoff_low_absF                ? 
_refine.pdbx_data_cutoff_high_rms_absF           ? 
_refine.ls_d_res_low                             19.40 
_refine.ls_d_res_high                            2.00 
_refine.ls_percent_reflns_obs                    99.0 
_refine.ls_R_factor_obs                          0.2071 
_refine.ls_R_factor_all                          0.2071 
_refine.ls_R_factor_R_work                       0.207 
_refine.ls_R_factor_R_free                       0.229 
_refine.ls_R_factor_R_free_error                 0.011 
_refine.ls_R_factor_R_free_error_details         ? 
_refine.ls_percent_reflns_R_free                 5.1 
_refine.ls_number_reflns_R_free                  438 
_refine.ls_number_parameters                     ? 
_refine.ls_number_restraints                     ? 
_refine.occupancy_min                            ? 
_refine.occupancy_max                            ? 
_refine.correlation_coeff_Fo_to_Fc               ? 
_refine.correlation_coeff_Fo_to_Fc_free          ? 
_refine.B_iso_mean                               26.0 
_refine.aniso_B[1][1]                            0.00 
_refine.aniso_B[2][2]                            0.00 
_refine.aniso_B[3][3]                            0.00 
_refine.aniso_B[1][2]                            0.00 
_refine.aniso_B[1][3]                            0.00 
_refine.aniso_B[2][3]                            0.00 
_refine.solvent_model_details                    'FLAT MODEL' 
_refine.solvent_model_param_ksol                 0.398561 
_refine.solvent_model_param_bsol                 52.6094 
_refine.pdbx_solvent_vdw_probe_radii             ? 
_refine.pdbx_solvent_ion_probe_radii             ? 
_refine.pdbx_solvent_shrinkage_radii             ? 
_refine.pdbx_ls_cross_valid_method               THROUGHOUT 
_refine.details                                  ? 
_refine.pdbx_starting_model                      ? 
_refine.pdbx_method_to_determine_struct          SIR 
_refine.pdbx_isotropic_thermal_model             RESTRAINED 
_refine.pdbx_stereochemistry_target_values       'Engh & Huber' 
_refine.pdbx_stereochem_target_val_spec_case     ? 
_refine.pdbx_R_Free_selection_details            RANDOM 
_refine.pdbx_overall_ESU_R                       ? 
_refine.pdbx_overall_ESU_R_Free                  ? 
_refine.overall_SU_ML                            ? 
_refine.overall_SU_B                             ? 
_refine.ls_redundancy_reflns_obs                 ? 
_refine.B_iso_min                                ? 
_refine.B_iso_max                                ? 
_refine.overall_SU_R_Cruickshank_DPI             ? 
_refine.overall_SU_R_free                        ? 
_refine.pdbx_refine_id                           'X-RAY DIFFRACTION' 
_refine.pdbx_diffrn_id                           1 
_refine.pdbx_TLS_residual_ADP_flag               ? 
_refine.pdbx_overall_phase_error                 ? 
_refine.pdbx_overall_SU_R_free_Cruickshank_DPI   ? 
_refine.pdbx_overall_SU_R_Blow_DPI               ? 
_refine.pdbx_overall_SU_R_free_Blow_DPI          ? 
# 
_refine_analyze.entry_id                        1P1L 
_refine_analyze.Luzzati_coordinate_error_obs    ? 
_refine_analyze.Luzzati_sigma_a_obs             ? 
_refine_analyze.Luzzati_d_res_low_obs           ? 
_refine_analyze.Luzzati_coordinate_error_free   0.27 
_refine_analyze.Luzzati_sigma_a_free            ? 
_refine_analyze.Luzzati_d_res_low_free          ? 
_refine_analyze.number_disordered_residues      ? 
_refine_analyze.occupancy_sum_hydrogen          ? 
_refine_analyze.occupancy_sum_non_hydrogen      ? 
_refine_analyze.pdbx_Luzzati_d_res_high_obs     ? 
_refine_analyze.pdbx_refine_id                  'X-RAY DIFFRACTION' 
# 
_refine_hist.pdbx_refine_id                   'X-RAY DIFFRACTION' 
_refine_hist.cycle_id                         LAST 
_refine_hist.pdbx_number_atoms_protein        836 
_refine_hist.pdbx_number_atoms_nucleic_acid   0 
_refine_hist.pdbx_number_atoms_ligand         0 
_refine_hist.number_atoms_solvent             56 
_refine_hist.number_atoms_total               892 
_refine_hist.d_res_high                       2.00 
_refine_hist.d_res_low                        19.40 
# 
loop_
_refine_ls_restr.type 
_refine_ls_restr.dev_ideal 
_refine_ls_restr.dev_ideal_target 
_refine_ls_restr.weight 
_refine_ls_restr.number 
_refine_ls_restr.pdbx_refine_id 
_refine_ls_restr.pdbx_restraint_function 
c_bond_d           0.007 ?    ? ? 'X-RAY DIFFRACTION' ? 
c_angle_deg        1.2   ?    ? ? 'X-RAY DIFFRACTION' ? 
c_dihedral_angle_d 22.1  ?    ? ? 'X-RAY DIFFRACTION' ? 
c_improper_angle_d 0.70  ?    ? ? 'X-RAY DIFFRACTION' ? 
c_mcbond_it        0.91  1.50 ? ? 'X-RAY DIFFRACTION' ? 
c_mcangle_it       1.43  2.00 ? ? 'X-RAY DIFFRACTION' ? 
c_scbond_it        1.85  2.00 ? ? 'X-RAY DIFFRACTION' ? 
c_scangle_it       2.80  2.50 ? ? 'X-RAY DIFFRACTION' ? 
# 
_refine_ls_shell.pdbx_total_number_of_bins_used   10 
_refine_ls_shell.d_res_high                       2.00 
_refine_ls_shell.d_res_low                        2.07 
_refine_ls_shell.number_reflns_R_work             774 
_refine_ls_shell.R_factor_R_work                  0.195 
_refine_ls_shell.percent_reflns_obs               95.7 
_refine_ls_shell.R_factor_R_free                  0.214 
_refine_ls_shell.R_factor_R_free_error            0.031 
_refine_ls_shell.percent_reflns_R_free            5.7 
_refine_ls_shell.number_reflns_R_free             47 
_refine_ls_shell.number_reflns_obs                ? 
_refine_ls_shell.redundancy_reflns_obs            ? 
_refine_ls_shell.number_reflns_all                ? 
_refine_ls_shell.pdbx_refine_id                   'X-RAY DIFFRACTION' 
_refine_ls_shell.R_factor_all                     ? 
# 
loop_
_pdbx_xplor_file.serial_no 
_pdbx_xplor_file.param_file 
_pdbx_xplor_file.topol_file 
_pdbx_xplor_file.pdbx_refine_id 
1 PROTEIN_REP.PARAM PROTEIN.TOP 'X-RAY DIFFRACTION' 
2 DNA-RNA_REP.PARAM DNA-RNA.TOP 'X-RAY DIFFRACTION' 
3 WATER_REP.PARAM   WATER.TOP   'X-RAY DIFFRACTION' 
4 ION.PARAM         ION.TOP     'X-RAY DIFFRACTION' 
# 
_struct.entry_id                  1P1L 
_struct.title                     'Structure of the Periplasmic divalent cation tolerance protein CutA from Archaeoglobus fulgidus' 
_struct.pdbx_model_details        ? 
_struct.pdbx_CASP_flag            ? 
_struct.pdbx_model_type_details   ? 
# 
_struct_keywords.entry_id        1P1L 
_struct_keywords.pdbx_keywords   'STRUCTURAL GENOMICS, UNKNOWN FUNCTION' 
_struct_keywords.text            
;T835, NYSGXRC, PSI, Protein Structure Initiative, New York SGX Research Center for Structural Genomics, STRUCTURAL GENOMICS, UNKNOWN FUNCTION
;
# 
loop_
_struct_asym.id 
_struct_asym.pdbx_blank_PDB_chainid_flag 
_struct_asym.pdbx_modified 
_struct_asym.entity_id 
_struct_asym.details 
A N N 1 ? 
B N N 2 ? 
# 
_struct_ref.id                         1 
_struct_ref.entity_id                  1 
_struct_ref.db_name                    UNP 
_struct_ref.db_code                    CUTA_ARCFU 
_struct_ref.pdbx_db_accession          O28301 
_struct_ref.pdbx_align_begin           1 
_struct_ref.pdbx_seq_one_letter_code   
;MHNFIYITAPSLEEAERIAKRLLEKKLAACVNIFPIKSFFWWEGKIEAATEFAMIVKTRSEKFAEVRDEVKAMHSYTTPC
ICAIPIERGLKEFLDWIDETVE
;
_struct_ref.pdbx_db_isoform            ? 
# 
_struct_ref_seq.align_id                      1 
_struct_ref_seq.ref_id                        1 
_struct_ref_seq.pdbx_PDB_id_code              1P1L 
_struct_ref_seq.pdbx_strand_id                A 
_struct_ref_seq.seq_align_beg                 1 
_struct_ref_seq.pdbx_seq_align_beg_ins_code   ? 
_struct_ref_seq.seq_align_end                 102 
_struct_ref_seq.pdbx_seq_align_end_ins_code   ? 
_struct_ref_seq.pdbx_db_accession             O28301 
_struct_ref_seq.db_align_beg                  1 
_struct_ref_seq.pdbx_db_align_beg_ins_code    ? 
_struct_ref_seq.db_align_end                  102 
_struct_ref_seq.pdbx_db_align_end_ins_code    ? 
_struct_ref_seq.pdbx_auth_seq_align_beg       1 
_struct_ref_seq.pdbx_auth_seq_align_end       102 
# 
loop_
_pdbx_struct_assembly.id 
_pdbx_struct_assembly.details 
_pdbx_struct_assembly.method_details 
_pdbx_struct_assembly.oligomeric_details 
_pdbx_struct_assembly.oligomeric_count 
1 author_defined_assembly   ?        monomeric 1 
2 software_defined_assembly PISA,PQS trimeric  3 
# 
loop_
_pdbx_struct_assembly_prop.biol_id 
_pdbx_struct_assembly_prop.type 
_pdbx_struct_assembly_prop.value 
_pdbx_struct_assembly_prop.details 
2 'ABSA (A^2)' 6870  ? 
2 MORE         -59   ? 
2 'SSA (A^2)'  12610 ? 
# 
loop_
_pdbx_struct_assembly_gen.assembly_id 
_pdbx_struct_assembly_gen.oper_expression 
_pdbx_struct_assembly_gen.asym_id_list 
1 1     A,B 
2 1,2,3 A,B 
# 
loop_
_pdbx_struct_oper_list.id 
_pdbx_struct_oper_list.type 
_pdbx_struct_oper_list.name 
_pdbx_struct_oper_list.symmetry_operation 
_pdbx_struct_oper_list.matrix[1][1] 
_pdbx_struct_oper_list.matrix[1][2] 
_pdbx_struct_oper_list.matrix[1][3] 
_pdbx_struct_oper_list.vector[1] 
_pdbx_struct_oper_list.matrix[2][1] 
_pdbx_struct_oper_list.matrix[2][2] 
_pdbx_struct_oper_list.matrix[2][3] 
_pdbx_struct_oper_list.vector[2] 
_pdbx_struct_oper_list.matrix[3][1] 
_pdbx_struct_oper_list.matrix[3][2] 
_pdbx_struct_oper_list.matrix[3][3] 
_pdbx_struct_oper_list.vector[3] 
1 'identity operation'         1_555 x,y,z 1.0000000000 0.0000000000  0.0000000000  0.0000000000  0.0000000000  1.0000000000  0.0000000000  0.0000000000  0.0000000000  0.0000000000  1.0000000000  0.0000000000   
2 'crystal symmetry operation' 5_555 z,x,y 0.6925738315 -0.7138869627 -0.1034741141 4.4633116496  -0.1976958375 -0.3258004705 0.9245379437  17.7807535344 -0.6937274996 -0.6198543844 -0.3667733611 -6.9781240404  
3 'crystal symmetry operation' 9_555 y,z,x 0.6925738315 -0.1976958375 -0.6937274996 -4.4169084326 -0.7138869627 -0.3258004705 -0.6198543844 4.6538570824  -0.1034741141 0.9245379437  -0.3667733611 -18.5365340992 
# 
_struct_biol.id   1 
# 
loop_
_struct_conf.conf_type_id 
_struct_conf.id 
_struct_conf.pdbx_PDB_helix_id 
_struct_conf.beg_label_comp_id 
_struct_conf.beg_label_asym_id 
_struct_conf.beg_label_seq_id 
_struct_conf.pdbx_beg_PDB_ins_code 
_struct_conf.end_label_comp_id 
_struct_conf.end_label_asym_id 
_struct_conf.end_label_seq_id 
_struct_conf.pdbx_end_PDB_ins_code 
_struct_conf.beg_auth_comp_id 
_struct_conf.beg_auth_asym_id 
_struct_conf.beg_auth_seq_id 
_struct_conf.end_auth_comp_id 
_struct_conf.end_auth_asym_id 
_struct_conf.end_auth_seq_id 
_struct_conf.pdbx_PDB_helix_class 
_struct_conf.details 
_struct_conf.pdbx_PDB_helix_length 
HELX_P HELX_P1 1 SER A 11 ? LYS A 25  ? SER A 11 LYS A 25  1 ? 15 
HELX_P HELX_P2 2 LYS A 62 ? HIS A 74  ? LYS A 62 HIS A 74  1 ? 13 
HELX_P HELX_P3 3 LEU A 90 ? GLU A 102 ? LEU A 90 GLU A 102 1 ? 13 
# 
_struct_conf_type.id          HELX_P 
_struct_conf_type.criteria    ? 
_struct_conf_type.reference   ? 
# 
_struct_sheet.id               A 
_struct_sheet.type             ? 
_struct_sheet.number_strands   4 
_struct_sheet.details          ? 
# 
loop_
_struct_sheet_order.sheet_id 
_struct_sheet_order.range_id_1 
_struct_sheet_order.range_id_2 
_struct_sheet_order.offset 
_struct_sheet_order.sense 
A 1 2 ? anti-parallel 
A 2 3 ? anti-parallel 
A 3 4 ? anti-parallel 
# 
loop_
_struct_sheet_range.sheet_id 
_struct_sheet_range.id 
_struct_sheet_range.beg_label_comp_id 
_struct_sheet_range.beg_label_asym_id 
_struct_sheet_range.beg_label_seq_id 
_struct_sheet_range.pdbx_beg_PDB_ins_code 
_struct_sheet_range.end_label_comp_id 
_struct_sheet_range.end_label_asym_id 
_struct_sheet_range.end_label_seq_id 
_struct_sheet_range.pdbx_end_PDB_ins_code 
_struct_sheet_range.beg_auth_comp_id 
_struct_sheet_range.beg_auth_asym_id 
_struct_sheet_range.beg_auth_seq_id 
_struct_sheet_range.end_auth_comp_id 
_struct_sheet_range.end_auth_asym_id 
_struct_sheet_range.end_auth_seq_id 
A 1 CYS A 30 ? TRP A 42 ? CYS A 30 TRP A 42 
A 2 LYS A 45 ? ARG A 59 ? LYS A 45 ARG A 59 
A 3 HIS A 2  ? ALA A 9  ? HIS A 2  ALA A 9  
A 4 ILE A 81 ? PRO A 85 ? ILE A 81 PRO A 85 
# 
loop_
_pdbx_struct_sheet_hbond.sheet_id 
_pdbx_struct_sheet_hbond.range_id_1 
_pdbx_struct_sheet_hbond.range_id_2 
_pdbx_struct_sheet_hbond.range_1_label_atom_id 
_pdbx_struct_sheet_hbond.range_1_label_comp_id 
_pdbx_struct_sheet_hbond.range_1_label_asym_id 
_pdbx_struct_sheet_hbond.range_1_label_seq_id 
_pdbx_struct_sheet_hbond.range_1_PDB_ins_code 
_pdbx_struct_sheet_hbond.range_1_auth_atom_id 
_pdbx_struct_sheet_hbond.range_1_auth_comp_id 
_pdbx_struct_sheet_hbond.range_1_auth_asym_id 
_pdbx_struct_sheet_hbond.range_1_auth_seq_id 
_pdbx_struct_sheet_hbond.range_2_label_atom_id 
_pdbx_struct_sheet_hbond.range_2_label_comp_id 
_pdbx_struct_sheet_hbond.range_2_label_asym_id 
_pdbx_struct_sheet_hbond.range_2_label_seq_id 
_pdbx_struct_sheet_hbond.range_2_PDB_ins_code 
_pdbx_struct_sheet_hbond.range_2_auth_atom_id 
_pdbx_struct_sheet_hbond.range_2_auth_comp_id 
_pdbx_struct_sheet_hbond.range_2_auth_asym_id 
_pdbx_struct_sheet_hbond.range_2_auth_seq_id 
A 1 2 N SER A 38 ? N SER A 38 O ALA A 49 ? O ALA A 49 
A 2 3 O PHE A 52 ? O PHE A 52 N ALA A 9  ? N ALA A 9  
A 3 4 N PHE A 4  ? N PHE A 4  O ILE A 84 ? O ILE A 84 
# 
_pdbx_SG_project.id                    1 
_pdbx_SG_project.project_name          'PSI, Protein Structure Initiative' 
_pdbx_SG_project.full_name_of_center   'New York SGX Research Center for Structural Genomics' 
_pdbx_SG_project.initial_of_center     NYSGXRC 
# 
loop_
_chem_comp_atom.comp_id 
_chem_comp_atom.atom_id 
_chem_comp_atom.type_symbol 
_chem_comp_atom.pdbx_aromatic_flag 
_chem_comp_atom.pdbx_stereo_config 
_chem_comp_atom.pdbx_ordinal 
ALA N    N N N 1   
ALA CA   C N S 2   
ALA C    C N N 3   
ALA O    O N N 4   
ALA CB   C N N 5   
ALA OXT  O N N 6   
ALA H    H N N 7   
ALA H2   H N N 8   
ALA HA   H N N 9   
ALA HB1  H N N 10  
ALA HB2  H N N 11  
ALA HB3  H N N 12  
ALA HXT  H N N 13  
ARG N    N N N 14  
ARG CA   C N S 15  
ARG C    C N N 16  
ARG O    O N N 17  
ARG CB   C N N 18  
ARG CG   C N N 19  
ARG CD   C N N 20  
ARG NE   N N N 21  
ARG CZ   C N N 22  
ARG NH1  N N N 23  
ARG NH2  N N N 24  
ARG OXT  O N N 25  
ARG H    H N N 26  
ARG H2   H N N 27  
ARG HA   H N N 28  
ARG HB2  H N N 29  
ARG HB3  H N N 30  
ARG HG2  H N N 31  
ARG HG3  H N N 32  
ARG HD2  H N N 33  
ARG HD3  H N N 34  
ARG HE   H N N 35  
ARG HH11 H N N 36  
ARG HH12 H N N 37  
ARG HH21 H N N 38  
ARG HH22 H N N 39  
ARG HXT  H N N 40  
ASN N    N N N 41  
ASN CA   C N S 42  
ASN C    C N N 43  
ASN O    O N N 44  
ASN CB   C N N 45  
ASN CG   C N N 46  
ASN OD1  O N N 47  
ASN ND2  N N N 48  
ASN OXT  O N N 49  
ASN H    H N N 50  
ASN H2   H N N 51  
ASN HA   H N N 52  
ASN HB2  H N N 53  
ASN HB3  H N N 54  
ASN HD21 H N N 55  
ASN HD22 H N N 56  
ASN HXT  H N N 57  
ASP N    N N N 58  
ASP CA   C N S 59  
ASP C    C N N 60  
ASP O    O N N 61  
ASP CB   C N N 62  
ASP CG   C N N 63  
ASP OD1  O N N 64  
ASP OD2  O N N 65  
ASP OXT  O N N 66  
ASP H    H N N 67  
ASP H2   H N N 68  
ASP HA   H N N 69  
ASP HB2  H N N 70  
ASP HB3  H N N 71  
ASP HD2  H N N 72  
ASP HXT  H N N 73  
CYS N    N N N 74  
CYS CA   C N R 75  
CYS C    C N N 76  
CYS O    O N N 77  
CYS CB   C N N 78  
CYS SG   S N N 79  
CYS OXT  O N N 80  
CYS H    H N N 81  
CYS H2   H N N 82  
CYS HA   H N N 83  
CYS HB2  H N N 84  
CYS HB3  H N N 85  
CYS HG   H N N 86  
CYS HXT  H N N 87  
GLU N    N N N 88  
GLU CA   C N S 89  
GLU C    C N N 90  
GLU O    O N N 91  
GLU CB   C N N 92  
GLU CG   C N N 93  
GLU CD   C N N 94  
GLU OE1  O N N 95  
GLU OE2  O N N 96  
GLU OXT  O N N 97  
GLU H    H N N 98  
GLU H2   H N N 99  
GLU HA   H N N 100 
GLU HB2  H N N 101 
GLU HB3  H N N 102 
GLU HG2  H N N 103 
GLU HG3  H N N 104 
GLU HE2  H N N 105 
GLU HXT  H N N 106 
GLY N    N N N 107 
GLY CA   C N N 108 
GLY C    C N N 109 
GLY O    O N N 110 
GLY OXT  O N N 111 
GLY H    H N N 112 
GLY H2   H N N 113 
GLY HA2  H N N 114 
GLY HA3  H N N 115 
GLY HXT  H N N 116 
HIS N    N N N 117 
HIS CA   C N S 118 
HIS C    C N N 119 
HIS O    O N N 120 
HIS CB   C N N 121 
HIS CG   C Y N 122 
HIS ND1  N Y N 123 
HIS CD2  C Y N 124 
HIS CE1  C Y N 125 
HIS NE2  N Y N 126 
HIS OXT  O N N 127 
HIS H    H N N 128 
HIS H2   H N N 129 
HIS HA   H N N 130 
HIS HB2  H N N 131 
HIS HB3  H N N 132 
HIS HD1  H N N 133 
HIS HD2  H N N 134 
HIS HE1  H N N 135 
HIS HE2  H N N 136 
HIS HXT  H N N 137 
HOH O    O N N 138 
HOH H1   H N N 139 
HOH H2   H N N 140 
ILE N    N N N 141 
ILE CA   C N S 142 
ILE C    C N N 143 
ILE O    O N N 144 
ILE CB   C N S 145 
ILE CG1  C N N 146 
ILE CG2  C N N 147 
ILE CD1  C N N 148 
ILE OXT  O N N 149 
ILE H    H N N 150 
ILE H2   H N N 151 
ILE HA   H N N 152 
ILE HB   H N N 153 
ILE HG12 H N N 154 
ILE HG13 H N N 155 
ILE HG21 H N N 156 
ILE HG22 H N N 157 
ILE HG23 H N N 158 
ILE HD11 H N N 159 
ILE HD12 H N N 160 
ILE HD13 H N N 161 
ILE HXT  H N N 162 
LEU N    N N N 163 
LEU CA   C N S 164 
LEU C    C N N 165 
LEU O    O N N 166 
LEU CB   C N N 167 
LEU CG   C N N 168 
LEU CD1  C N N 169 
LEU CD2  C N N 170 
LEU OXT  O N N 171 
LEU H    H N N 172 
LEU H2   H N N 173 
LEU HA   H N N 174 
LEU HB2  H N N 175 
LEU HB3  H N N 176 
LEU HG   H N N 177 
LEU HD11 H N N 178 
LEU HD12 H N N 179 
LEU HD13 H N N 180 
LEU HD21 H N N 181 
LEU HD22 H N N 182 
LEU HD23 H N N 183 
LEU HXT  H N N 184 
LYS N    N N N 185 
LYS CA   C N S 186 
LYS C    C N N 187 
LYS O    O N N 188 
LYS CB   C N N 189 
LYS CG   C N N 190 
LYS CD   C N N 191 
LYS CE   C N N 192 
LYS NZ   N N N 193 
LYS OXT  O N N 194 
LYS H    H N N 195 
LYS H2   H N N 196 
LYS HA   H N N 197 
LYS HB2  H N N 198 
LYS HB3  H N N 199 
LYS HG2  H N N 200 
LYS HG3  H N N 201 
LYS HD2  H N N 202 
LYS HD3  H N N 203 
LYS HE2  H N N 204 
LYS HE3  H N N 205 
LYS HZ1  H N N 206 
LYS HZ2  H N N 207 
LYS HZ3  H N N 208 
LYS HXT  H N N 209 
MET N    N N N 210 
MET CA   C N S 211 
MET C    C N N 212 
MET O    O N N 213 
MET CB   C N N 214 
MET CG   C N N 215 
MET SD   S N N 216 
MET CE   C N N 217 
MET OXT  O N N 218 
MET H    H N N 219 
MET H2   H N N 220 
MET HA   H N N 221 
MET HB2  H N N 222 
MET HB3  H N N 223 
MET HG2  H N N 224 
MET HG3  H N N 225 
MET HE1  H N N 226 
MET HE2  H N N 227 
MET HE3  H N N 228 
MET HXT  H N N 229 
PHE N    N N N 230 
PHE CA   C N S 231 
PHE C    C N N 232 
PHE O    O N N 233 
PHE CB   C N N 234 
PHE CG   C Y N 235 
PHE CD1  C Y N 236 
PHE CD2  C Y N 237 
PHE CE1  C Y N 238 
PHE CE2  C Y N 239 
PHE CZ   C Y N 240 
PHE OXT  O N N 241 
PHE H    H N N 242 
PHE H2   H N N 243 
PHE HA   H N N 244 
PHE HB2  H N N 245 
PHE HB3  H N N 246 
PHE HD1  H N N 247 
PHE HD2  H N N 248 
PHE HE1  H N N 249 
PHE HE2  H N N 250 
PHE HZ   H N N 251 
PHE HXT  H N N 252 
PRO N    N N N 253 
PRO CA   C N S 254 
PRO C    C N N 255 
PRO O    O N N 256 
PRO CB   C N N 257 
PRO CG   C N N 258 
PRO CD   C N N 259 
PRO OXT  O N N 260 
PRO H    H N N 261 
PRO HA   H N N 262 
PRO HB2  H N N 263 
PRO HB3  H N N 264 
PRO HG2  H N N 265 
PRO HG3  H N N 266 
PRO HD2  H N N 267 
PRO HD3  H N N 268 
PRO HXT  H N N 269 
SER N    N N N 270 
SER CA   C N S 271 
SER C    C N N 272 
SER O    O N N 273 
SER CB   C N N 274 
SER OG   O N N 275 
SER OXT  O N N 276 
SER H    H N N 277 
SER H2   H N N 278 
SER HA   H N N 279 
SER HB2  H N N 280 
SER HB3  H N N 281 
SER HG   H N N 282 
SER HXT  H N N 283 
THR N    N N N 284 
THR CA   C N S 285 
THR C    C N N 286 
THR O    O N N 287 
THR CB   C N R 288 
THR OG1  O N N 289 
THR CG2  C N N 290 
THR OXT  O N N 291 
THR H    H N N 292 
THR H2   H N N 293 
THR HA   H N N 294 
THR HB   H N N 295 
THR HG1  H N N 296 
THR HG21 H N N 297 
THR HG22 H N N 298 
THR HG23 H N N 299 
THR HXT  H N N 300 
TRP N    N N N 301 
TRP CA   C N S 302 
TRP C    C N N 303 
TRP O    O N N 304 
TRP CB   C N N 305 
TRP CG   C Y N 306 
TRP CD1  C Y N 307 
TRP CD2  C Y N 308 
TRP NE1  N Y N 309 
TRP CE2  C Y N 310 
TRP CE3  C Y N 311 
TRP CZ2  C Y N 312 
TRP CZ3  C Y N 313 
TRP CH2  C Y N 314 
TRP OXT  O N N 315 
TRP H    H N N 316 
TRP H2   H N N 317 
TRP HA   H N N 318 
TRP HB2  H N N 319 
TRP HB3  H N N 320 
TRP HD1  H N N 321 
TRP HE1  H N N 322 
TRP HE3  H N N 323 
TRP HZ2  H N N 324 
TRP HZ3  H N N 325 
TRP HH2  H N N 326 
TRP HXT  H N N 327 
TYR N    N N N 328 
TYR CA   C N S 329 
TYR C    C N N 330 
TYR O    O N N 331 
TYR CB   C N N 332 
TYR CG   C Y N 333 
TYR CD1  C Y N 334 
TYR CD2  C Y N 335 
TYR CE1  C Y N 336 
TYR CE2  C Y N 337 
TYR CZ   C Y N 338 
TYR OH   O N N 339 
TYR OXT  O N N 340 
TYR H    H N N 341 
TYR H2   H N N 342 
TYR HA   H N N 343 
TYR HB2  H N N 344 
TYR HB3  H N N 345 
TYR HD1  H N N 346 
TYR HD2  H N N 347 
TYR HE1  H N N 348 
TYR HE2  H N N 349 
TYR HH   H N N 350 
TYR HXT  H N N 351 
VAL N    N N N 352 
VAL CA   C N S 353 
VAL C    C N N 354 
VAL O    O N N 355 
VAL CB   C N N 356 
VAL CG1  C N N 357 
VAL CG2  C N N 358 
VAL OXT  O N N 359 
VAL H    H N N 360 
VAL H2   H N N 361 
VAL HA   H N N 362 
VAL HB   H N N 363 
VAL HG11 H N N 364 
VAL HG12 H N N 365 
VAL HG13 H N N 366 
VAL HG21 H N N 367 
VAL HG22 H N N 368 
VAL HG23 H N N 369 
VAL HXT  H N N 370 
# 
loop_
_chem_comp_bond.comp_id 
_chem_comp_bond.atom_id_1 
_chem_comp_bond.atom_id_2 
_chem_comp_bond.value_order 
_chem_comp_bond.pdbx_aromatic_flag 
_chem_comp_bond.pdbx_stereo_config 
_chem_comp_bond.pdbx_ordinal 
ALA N   CA   sing N N 1   
ALA N   H    sing N N 2   
ALA N   H2   sing N N 3   
ALA CA  C    sing N N 4   
ALA CA  CB   sing N N 5   
ALA CA  HA   sing N N 6   
ALA C   O    doub N N 7   
ALA C   OXT  sing N N 8   
ALA CB  HB1  sing N N 9   
ALA CB  HB2  sing N N 10  
ALA CB  HB3  sing N N 11  
ALA OXT HXT  sing N N 12  
ARG N   CA   sing N N 13  
ARG N   H    sing N N 14  
ARG N   H2   sing N N 15  
ARG CA  C    sing N N 16  
ARG CA  CB   sing N N 17  
ARG CA  HA   sing N N 18  
ARG C   O    doub N N 19  
ARG C   OXT  sing N N 20  
ARG CB  CG   sing N N 21  
ARG CB  HB2  sing N N 22  
ARG CB  HB3  sing N N 23  
ARG CG  CD   sing N N 24  
ARG CG  HG2  sing N N 25  
ARG CG  HG3  sing N N 26  
ARG CD  NE   sing N N 27  
ARG CD  HD2  sing N N 28  
ARG CD  HD3  sing N N 29  
ARG NE  CZ   sing N N 30  
ARG NE  HE   sing N N 31  
ARG CZ  NH1  sing N N 32  
ARG CZ  NH2  doub N N 33  
ARG NH1 HH11 sing N N 34  
ARG NH1 HH12 sing N N 35  
ARG NH2 HH21 sing N N 36  
ARG NH2 HH22 sing N N 37  
ARG OXT HXT  sing N N 38  
ASN N   CA   sing N N 39  
ASN N   H    sing N N 40  
ASN N   H2   sing N N 41  
ASN CA  C    sing N N 42  
ASN CA  CB   sing N N 43  
ASN CA  HA   sing N N 44  
ASN C   O    doub N N 45  
ASN C   OXT  sing N N 46  
ASN CB  CG   sing N N 47  
ASN CB  HB2  sing N N 48  
ASN CB  HB3  sing N N 49  
ASN CG  OD1  doub N N 50  
ASN CG  ND2  sing N N 51  
ASN ND2 HD21 sing N N 52  
ASN ND2 HD22 sing N N 53  
ASN OXT HXT  sing N N 54  
ASP N   CA   sing N N 55  
ASP N   H    sing N N 56  
ASP N   H2   sing N N 57  
ASP CA  C    sing N N 58  
ASP CA  CB   sing N N 59  
ASP CA  HA   sing N N 60  
ASP C   O    doub N N 61  
ASP C   OXT  sing N N 62  
ASP CB  CG   sing N N 63  
ASP CB  HB2  sing N N 64  
ASP CB  HB3  sing N N 65  
ASP CG  OD1  doub N N 66  
ASP CG  OD2  sing N N 67  
ASP OD2 HD2  sing N N 68  
ASP OXT HXT  sing N N 69  
CYS N   CA   sing N N 70  
CYS N   H    sing N N 71  
CYS N   H2   sing N N 72  
CYS CA  C    sing N N 73  
CYS CA  CB   sing N N 74  
CYS CA  HA   sing N N 75  
CYS C   O    doub N N 76  
CYS C   OXT  sing N N 77  
CYS CB  SG   sing N N 78  
CYS CB  HB2  sing N N 79  
CYS CB  HB3  sing N N 80  
CYS SG  HG   sing N N 81  
CYS OXT HXT  sing N N 82  
GLU N   CA   sing N N 83  
GLU N   H    sing N N 84  
GLU N   H2   sing N N 85  
GLU CA  C    sing N N 86  
GLU CA  CB   sing N N 87  
GLU CA  HA   sing N N 88  
GLU C   O    doub N N 89  
GLU C   OXT  sing N N 90  
GLU CB  CG   sing N N 91  
GLU CB  HB2  sing N N 92  
GLU CB  HB3  sing N N 93  
GLU CG  CD   sing N N 94  
GLU CG  HG2  sing N N 95  
GLU CG  HG3  sing N N 96  
GLU CD  OE1  doub N N 97  
GLU CD  OE2  sing N N 98  
GLU OE2 HE2  sing N N 99  
GLU OXT HXT  sing N N 100 
GLY N   CA   sing N N 101 
GLY N   H    sing N N 102 
GLY N   H2   sing N N 103 
GLY CA  C    sing N N 104 
GLY CA  HA2  sing N N 105 
GLY CA  HA3  sing N N 106 
GLY C   O    doub N N 107 
GLY C   OXT  sing N N 108 
GLY OXT HXT  sing N N 109 
HIS N   CA   sing N N 110 
HIS N   H    sing N N 111 
HIS N   H2   sing N N 112 
HIS CA  C    sing N N 113 
HIS CA  CB   sing N N 114 
HIS CA  HA   sing N N 115 
HIS C   O    doub N N 116 
HIS C   OXT  sing N N 117 
HIS CB  CG   sing N N 118 
HIS CB  HB2  sing N N 119 
HIS CB  HB3  sing N N 120 
HIS CG  ND1  sing Y N 121 
HIS CG  CD2  doub Y N 122 
HIS ND1 CE1  doub Y N 123 
HIS ND1 HD1  sing N N 124 
HIS CD2 NE2  sing Y N 125 
HIS CD2 HD2  sing N N 126 
HIS CE1 NE2  sing Y N 127 
HIS CE1 HE1  sing N N 128 
HIS NE2 HE2  sing N N 129 
HIS OXT HXT  sing N N 130 
HOH O   H1   sing N N 131 
HOH O   H2   sing N N 132 
ILE N   CA   sing N N 133 
ILE N   H    sing N N 134 
ILE N   H2   sing N N 135 
ILE CA  C    sing N N 136 
ILE CA  CB   sing N N 137 
ILE CA  HA   sing N N 138 
ILE C   O    doub N N 139 
ILE C   OXT  sing N N 140 
ILE CB  CG1  sing N N 141 
ILE CB  CG2  sing N N 142 
ILE CB  HB   sing N N 143 
ILE CG1 CD1  sing N N 144 
ILE CG1 HG12 sing N N 145 
ILE CG1 HG13 sing N N 146 
ILE CG2 HG21 sing N N 147 
ILE CG2 HG22 sing N N 148 
ILE CG2 HG23 sing N N 149 
ILE CD1 HD11 sing N N 150 
ILE CD1 HD12 sing N N 151 
ILE CD1 HD13 sing N N 152 
ILE OXT HXT  sing N N 153 
LEU N   CA   sing N N 154 
LEU N   H    sing N N 155 
LEU N   H2   sing N N 156 
LEU CA  C    sing N N 157 
LEU CA  CB   sing N N 158 
LEU CA  HA   sing N N 159 
LEU C   O    doub N N 160 
LEU C   OXT  sing N N 161 
LEU CB  CG   sing N N 162 
LEU CB  HB2  sing N N 163 
LEU CB  HB3  sing N N 164 
LEU CG  CD1  sing N N 165 
LEU CG  CD2  sing N N 166 
LEU CG  HG   sing N N 167 
LEU CD1 HD11 sing N N 168 
LEU CD1 HD12 sing N N 169 
LEU CD1 HD13 sing N N 170 
LEU CD2 HD21 sing N N 171 
LEU CD2 HD22 sing N N 172 
LEU CD2 HD23 sing N N 173 
LEU OXT HXT  sing N N 174 
LYS N   CA   sing N N 175 
LYS N   H    sing N N 176 
LYS N   H2   sing N N 177 
LYS CA  C    sing N N 178 
LYS CA  CB   sing N N 179 
LYS CA  HA   sing N N 180 
LYS C   O    doub N N 181 
LYS C   OXT  sing N N 182 
LYS CB  CG   sing N N 183 
LYS CB  HB2  sing N N 184 
LYS CB  HB3  sing N N 185 
LYS CG  CD   sing N N 186 
LYS CG  HG2  sing N N 187 
LYS CG  HG3  sing N N 188 
LYS CD  CE   sing N N 189 
LYS CD  HD2  sing N N 190 
LYS CD  HD3  sing N N 191 
LYS CE  NZ   sing N N 192 
LYS CE  HE2  sing N N 193 
LYS CE  HE3  sing N N 194 
LYS NZ  HZ1  sing N N 195 
LYS NZ  HZ2  sing N N 196 
LYS NZ  HZ3  sing N N 197 
LYS OXT HXT  sing N N 198 
MET N   CA   sing N N 199 
MET N   H    sing N N 200 
MET N   H2   sing N N 201 
MET CA  C    sing N N 202 
MET CA  CB   sing N N 203 
MET CA  HA   sing N N 204 
MET C   O    doub N N 205 
MET C   OXT  sing N N 206 
MET CB  CG   sing N N 207 
MET CB  HB2  sing N N 208 
MET CB  HB3  sing N N 209 
MET CG  SD   sing N N 210 
MET CG  HG2  sing N N 211 
MET CG  HG3  sing N N 212 
MET SD  CE   sing N N 213 
MET CE  HE1  sing N N 214 
MET CE  HE2  sing N N 215 
MET CE  HE3  sing N N 216 
MET OXT HXT  sing N N 217 
PHE N   CA   sing N N 218 
PHE N   H    sing N N 219 
PHE N   H2   sing N N 220 
PHE CA  C    sing N N 221 
PHE CA  CB   sing N N 222 
PHE CA  HA   sing N N 223 
PHE C   O    doub N N 224 
PHE C   OXT  sing N N 225 
PHE CB  CG   sing N N 226 
PHE CB  HB2  sing N N 227 
PHE CB  HB3  sing N N 228 
PHE CG  CD1  doub Y N 229 
PHE CG  CD2  sing Y N 230 
PHE CD1 CE1  sing Y N 231 
PHE CD1 HD1  sing N N 232 
PHE CD2 CE2  doub Y N 233 
PHE CD2 HD2  sing N N 234 
PHE CE1 CZ   doub Y N 235 
PHE CE1 HE1  sing N N 236 
PHE CE2 CZ   sing Y N 237 
PHE CE2 HE2  sing N N 238 
PHE CZ  HZ   sing N N 239 
PHE OXT HXT  sing N N 240 
PRO N   CA   sing N N 241 
PRO N   CD   sing N N 242 
PRO N   H    sing N N 243 
PRO CA  C    sing N N 244 
PRO CA  CB   sing N N 245 
PRO CA  HA   sing N N 246 
PRO C   O    doub N N 247 
PRO C   OXT  sing N N 248 
PRO CB  CG   sing N N 249 
PRO CB  HB2  sing N N 250 
PRO CB  HB3  sing N N 251 
PRO CG  CD   sing N N 252 
PRO CG  HG2  sing N N 253 
PRO CG  HG3  sing N N 254 
PRO CD  HD2  sing N N 255 
PRO CD  HD3  sing N N 256 
PRO OXT HXT  sing N N 257 
SER N   CA   sing N N 258 
SER N   H    sing N N 259 
SER N   H2   sing N N 260 
SER CA  C    sing N N 261 
SER CA  CB   sing N N 262 
SER CA  HA   sing N N 263 
SER C   O    doub N N 264 
SER C   OXT  sing N N 265 
SER CB  OG   sing N N 266 
SER CB  HB2  sing N N 267 
SER CB  HB3  sing N N 268 
SER OG  HG   sing N N 269 
SER OXT HXT  sing N N 270 
THR N   CA   sing N N 271 
THR N   H    sing N N 272 
THR N   H2   sing N N 273 
THR CA  C    sing N N 274 
THR CA  CB   sing N N 275 
THR CA  HA   sing N N 276 
THR C   O    doub N N 277 
THR C   OXT  sing N N 278 
THR CB  OG1  sing N N 279 
THR CB  CG2  sing N N 280 
THR CB  HB   sing N N 281 
THR OG1 HG1  sing N N 282 
THR CG2 HG21 sing N N 283 
THR CG2 HG22 sing N N 284 
THR CG2 HG23 sing N N 285 
THR OXT HXT  sing N N 286 
TRP N   CA   sing N N 287 
TRP N   H    sing N N 288 
TRP N   H2   sing N N 289 
TRP CA  C    sing N N 290 
TRP CA  CB   sing N N 291 
TRP CA  HA   sing N N 292 
TRP C   O    doub N N 293 
TRP C   OXT  sing N N 294 
TRP CB  CG   sing N N 295 
TRP CB  HB2  sing N N 296 
TRP CB  HB3  sing N N 297 
TRP CG  CD1  doub Y N 298 
TRP CG  CD2  sing Y N 299 
TRP CD1 NE1  sing Y N 300 
TRP CD1 HD1  sing N N 301 
TRP CD2 CE2  doub Y N 302 
TRP CD2 CE3  sing Y N 303 
TRP NE1 CE2  sing Y N 304 
TRP NE1 HE1  sing N N 305 
TRP CE2 CZ2  sing Y N 306 
TRP CE3 CZ3  doub Y N 307 
TRP CE3 HE3  sing N N 308 
TRP CZ2 CH2  doub Y N 309 
TRP CZ2 HZ2  sing N N 310 
TRP CZ3 CH2  sing Y N 311 
TRP CZ3 HZ3  sing N N 312 
TRP CH2 HH2  sing N N 313 
TRP OXT HXT  sing N N 314 
TYR N   CA   sing N N 315 
TYR N   H    sing N N 316 
TYR N   H2   sing N N 317 
TYR CA  C    sing N N 318 
TYR CA  CB   sing N N 319 
TYR CA  HA   sing N N 320 
TYR C   O    doub N N 321 
TYR C   OXT  sing N N 322 
TYR CB  CG   sing N N 323 
TYR CB  HB2  sing N N 324 
TYR CB  HB3  sing N N 325 
TYR CG  CD1  doub Y N 326 
TYR CG  CD2  sing Y N 327 
TYR CD1 CE1  sing Y N 328 
TYR CD1 HD1  sing N N 329 
TYR CD2 CE2  doub Y N 330 
TYR CD2 HD2  sing N N 331 
TYR CE1 CZ   doub Y N 332 
TYR CE1 HE1  sing N N 333 
TYR CE2 CZ   sing Y N 334 
TYR CE2 HE2  sing N N 335 
TYR CZ  OH   sing N N 336 
TYR OH  HH   sing N N 337 
TYR OXT HXT  sing N N 338 
VAL N   CA   sing N N 339 
VAL N   H    sing N N 340 
VAL N   H2   sing N N 341 
VAL CA  C    sing N N 342 
VAL CA  CB   sing N N 343 
VAL CA  HA   sing N N 344 
VAL C   O    doub N N 345 
VAL C   OXT  sing N N 346 
VAL CB  CG1  sing N N 347 
VAL CB  CG2  sing N N 348 
VAL CB  HB   sing N N 349 
VAL CG1 HG11 sing N N 350 
VAL CG1 HG12 sing N N 351 
VAL CG1 HG13 sing N N 352 
VAL CG2 HG21 sing N N 353 
VAL CG2 HG22 sing N N 354 
VAL CG2 HG23 sing N N 355 
VAL OXT HXT  sing N N 356 
# 
_atom_sites.entry_id                    1P1L 
_atom_sites.fract_transf_matrix[1][1]   -0.00954154 
_atom_sites.fract_transf_matrix[1][2]   -0.00533738 
_atom_sites.fract_transf_matrix[1][3]   -0.00114778 
_atom_sites.fract_transf_matrix[2][1]   -0.00267917 
_atom_sites.fract_transf_matrix[2][2]   0.00256408 
_atom_sites.fract_transf_matrix[2][3]   0.01034860 
_atom_sites.fract_transf_matrix[3][1]   -0.00475680 
_atom_sites.fract_transf_matrix[3][2]   0.00926196 
_atom_sites.fract_transf_matrix[3][3]   -0.00352633 
_atom_sites.fract_transf_vector[1]      0.285522 
_atom_sites.fract_transf_vector[2]      0.324103 
_atom_sites.fract_transf_vector[3]      0.156042 
# 
loop_
_atom_type.symbol 
C 
N 
O 
S 
# 
loop_
_atom_site.group_PDB 
_atom_site.id 
_atom_site.type_symbol 
_atom_site.label_atom_id 
_atom_site.label_alt_id 
_atom_site.label_comp_id 
_atom_site.label_asym_id 
_atom_site.label_entity_id 
_atom_site.label_seq_id 
_atom_site.pdbx_PDB_ins_code 
_atom_site.Cartn_x 
_atom_site.Cartn_y 
_atom_site.Cartn_z 
_atom_site.occupancy 
_atom_site.B_iso_or_equiv 
_atom_site.pdbx_formal_charge 
_atom_site.auth_seq_id 
_atom_site.auth_comp_id 
_atom_site.auth_asym_id 
_atom_site.auth_atom_id 
_atom_site.pdbx_PDB_model_num 
ATOM   1   N N   . MET A 1 1   ? 16.018  2.179   -3.390  1.00 29.07 ? 1   MET A N   1 
ATOM   2   C CA  . MET A 1 1   ? 16.072  2.196   -1.904  1.00 29.54 ? 1   MET A CA  1 
ATOM   3   C C   . MET A 1 1   ? 14.743  2.583   -1.285  1.00 27.90 ? 1   MET A C   1 
ATOM   4   O O   . MET A 1 1   ? 14.439  2.206   -0.154  1.00 27.64 ? 1   MET A O   1 
ATOM   5   C CB  . MET A 1 1   ? 17.126  3.177   -1.409  1.00 33.89 ? 1   MET A CB  1 
ATOM   6   C CG  . MET A 1 1   ? 18.555  2.713   -1.567  1.00 40.60 ? 1   MET A CG  1 
ATOM   7   S SD  . MET A 1 1   ? 19.584  3.667   -0.445  1.00 47.89 ? 1   MET A SD  1 
ATOM   8   C CE  . MET A 1 1   ? 19.559  5.282   -1.252  1.00 46.79 ? 1   MET A CE  1 
ATOM   9   N N   . HIS A 1 2   ? 13.966  3.369   -2.020  1.00 25.52 ? 2   HIS A N   1 
ATOM   10  C CA  . HIS A 1 2   ? 12.664  3.808   -1.551  1.00 24.91 ? 2   HIS A CA  1 
ATOM   11  C C   . HIS A 1 2   ? 11.627  3.530   -2.623  1.00 23.81 ? 2   HIS A C   1 
ATOM   12  O O   . HIS A 1 2   ? 11.910  3.631   -3.819  1.00 22.46 ? 2   HIS A O   1 
ATOM   13  C CB  . HIS A 1 2   ? 12.693  5.303   -1.231  1.00 25.81 ? 2   HIS A CB  1 
ATOM   14  C CG  . HIS A 1 2   ? 13.653  5.662   -0.145  1.00 25.26 ? 2   HIS A CG  1 
ATOM   15  N ND1 . HIS A 1 2   ? 13.396  5.427   1.187   1.00 28.14 ? 2   HIS A ND1 1 
ATOM   16  C CD2 . HIS A 1 2   ? 14.897  6.200   -0.198  1.00 25.68 ? 2   HIS A CD2 1 
ATOM   17  C CE1 . HIS A 1 2   ? 14.438  5.802   1.909   1.00 26.41 ? 2   HIS A CE1 1 
ATOM   18  N NE2 . HIS A 1 2   ? 15.361  6.274   1.090   1.00 27.24 ? 2   HIS A NE2 1 
ATOM   19  N N   . ASN A 1 3   ? 10.431  3.158   -2.190  1.00 23.22 ? 3   ASN A N   1 
ATOM   20  C CA  . ASN A 1 3   ? 9.364   2.876   -3.128  1.00 22.73 ? 3   ASN A CA  1 
ATOM   21  C C   . ASN A 1 3   ? 7.989   3.216   -2.587  1.00 22.99 ? 3   ASN A C   1 
ATOM   22  O O   . ASN A 1 3   ? 7.790   3.414   -1.386  1.00 22.13 ? 3   ASN A O   1 
ATOM   23  C CB  . ASN A 1 3   ? 9.390   1.401   -3.572  1.00 24.36 ? 3   ASN A CB  1 
ATOM   24  C CG  . ASN A 1 3   ? 9.150   0.421   -2.435  1.00 23.68 ? 3   ASN A CG  1 
ATOM   25  O OD1 . ASN A 1 3   ? 8.667   0.787   -1.365  1.00 26.24 ? 3   ASN A OD1 1 
ATOM   26  N ND2 . ASN A 1 3   ? 9.474   -0.851  -2.679  1.00 21.78 ? 3   ASN A ND2 1 
ATOM   27  N N   . PHE A 1 4   ? 7.054   3.339   -3.517  1.00 22.30 ? 4   PHE A N   1 
ATOM   28  C CA  . PHE A 1 4   ? 5.668   3.600   -3.197  1.00 23.17 ? 4   PHE A CA  1 
ATOM   29  C C   . PHE A 1 4   ? 4.998   2.275   -3.458  1.00 22.60 ? 4   PHE A C   1 
ATOM   30  O O   . PHE A 1 4   ? 5.135   1.712   -4.547  1.00 23.85 ? 4   PHE A O   1 
ATOM   31  C CB  . PHE A 1 4   ? 5.073   4.665   -4.126  1.00 25.65 ? 4   PHE A CB  1 
ATOM   32  C CG  . PHE A 1 4   ? 5.311   6.074   -3.666  1.00 27.80 ? 4   PHE A CG  1 
ATOM   33  C CD1 . PHE A 1 4   ? 4.880   7.152   -4.425  1.00 30.51 ? 4   PHE A CD1 1 
ATOM   34  C CD2 . PHE A 1 4   ? 5.958   6.323   -2.463  1.00 29.82 ? 4   PHE A CD2 1 
ATOM   35  C CE1 . PHE A 1 4   ? 5.101   8.466   -3.993  1.00 30.93 ? 4   PHE A CE1 1 
ATOM   36  C CE2 . PHE A 1 4   ? 6.183   7.627   -2.022  1.00 30.36 ? 4   PHE A CE2 1 
ATOM   37  C CZ  . PHE A 1 4   ? 5.750   8.693   -2.787  1.00 30.39 ? 4   PHE A CZ  1 
ATOM   38  N N   . ILE A 1 5   ? 4.321   1.746   -2.450  1.00 20.07 ? 5   ILE A N   1 
ATOM   39  C CA  . ILE A 1 5   ? 3.614   0.493   -2.626  1.00 19.85 ? 5   ILE A CA  1 
ATOM   40  C C   . ILE A 1 5   ? 2.143   0.858   -2.804  1.00 18.72 ? 5   ILE A C   1 
ATOM   41  O O   . ILE A 1 5   ? 1.515   1.426   -1.913  1.00 18.51 ? 5   ILE A O   1 
ATOM   42  C CB  . ILE A 1 5   ? 3.811   -0.447  -1.418  1.00 18.69 ? 5   ILE A CB  1 
ATOM   43  C CG1 . ILE A 1 5   ? 5.307   -0.711  -1.216  1.00 21.05 ? 5   ILE A CG1 1 
ATOM   44  C CG2 . ILE A 1 5   ? 3.081   -1.779  -1.671  1.00 19.88 ? 5   ILE A CG2 1 
ATOM   45  C CD1 . ILE A 1 5   ? 5.646   -1.522  0.034   1.00 19.61 ? 5   ILE A CD1 1 
ATOM   46  N N   . TYR A 1 6   ? 1.618   0.547   -3.983  1.00 18.84 ? 6   TYR A N   1 
ATOM   47  C CA  . TYR A 1 6   ? 0.233   0.839   -4.340  1.00 19.06 ? 6   TYR A CA  1 
ATOM   48  C C   . TYR A 1 6   ? -0.635  -0.393  -4.079  1.00 19.69 ? 6   TYR A C   1 
ATOM   49  O O   . TYR A 1 6   ? -0.322  -1.493  -4.549  1.00 21.07 ? 6   TYR A O   1 
ATOM   50  C CB  . TYR A 1 6   ? 0.160   1.219   -5.820  1.00 18.44 ? 6   TYR A CB  1 
ATOM   51  C CG  . TYR A 1 6   ? -1.188  1.726   -6.300  1.00 18.68 ? 6   TYR A CG  1 
ATOM   52  C CD1 . TYR A 1 6   ? -1.588  3.042   -6.075  1.00 19.39 ? 6   TYR A CD1 1 
ATOM   53  C CD2 . TYR A 1 6   ? -2.058  0.886   -6.989  1.00 18.90 ? 6   TYR A CD2 1 
ATOM   54  C CE1 . TYR A 1 6   ? -2.826  3.507   -6.528  1.00 20.07 ? 6   TYR A CE1 1 
ATOM   55  C CE2 . TYR A 1 6   ? -3.304  1.341   -7.449  1.00 19.71 ? 6   TYR A CE2 1 
ATOM   56  C CZ  . TYR A 1 6   ? -3.675  2.659   -7.211  1.00 19.17 ? 6   TYR A CZ  1 
ATOM   57  O OH  . TYR A 1 6   ? -4.888  3.121   -7.667  1.00 20.92 ? 6   TYR A OH  1 
ATOM   58  N N   . ILE A 1 7   ? -1.720  -0.199  -3.331  1.00 19.10 ? 7   ILE A N   1 
ATOM   59  C CA  . ILE A 1 7   ? -2.634  -1.275  -2.973  1.00 19.75 ? 7   ILE A CA  1 
ATOM   60  C C   . ILE A 1 7   ? -4.070  -0.749  -3.027  1.00 19.80 ? 7   ILE A C   1 
ATOM   61  O O   . ILE A 1 7   ? -4.286  0.442   -2.825  1.00 19.94 ? 7   ILE A O   1 
ATOM   62  C CB  . ILE A 1 7   ? -2.345  -1.733  -1.526  1.00 21.25 ? 7   ILE A CB  1 
ATOM   63  C CG1 . ILE A 1 7   ? -0.854  -2.022  -1.361  1.00 20.94 ? 7   ILE A CG1 1 
ATOM   64  C CG2 . ILE A 1 7   ? -3.196  -2.942  -1.171  1.00 22.46 ? 7   ILE A CG2 1 
ATOM   65  C CD1 . ILE A 1 7   ? -0.379  -2.035  0.088   1.00 22.37 ? 7   ILE A CD1 1 
ATOM   66  N N   . THR A 1 8   ? -5.048  -1.604  -3.321  1.00 19.35 ? 8   THR A N   1 
ATOM   67  C CA  . THR A 1 8   ? -6.430  -1.140  -3.315  1.00 19.98 ? 8   THR A CA  1 
ATOM   68  C C   . THR A 1 8   ? -7.175  -1.946  -2.254  1.00 20.03 ? 8   THR A C   1 
ATOM   69  O O   . THR A 1 8   ? -6.870  -3.112  -2.015  1.00 21.78 ? 8   THR A O   1 
ATOM   70  C CB  . THR A 1 8   ? -7.131  -1.285  -4.707  1.00 19.49 ? 8   THR A CB  1 
ATOM   71  O OG1 . THR A 1 8   ? -7.377  -2.665  -4.996  1.00 21.22 ? 8   THR A OG1 1 
ATOM   72  C CG2 . THR A 1 8   ? -6.263  -0.669  -5.816  1.00 21.97 ? 8   THR A CG2 1 
ATOM   73  N N   . ALA A 1 9   ? -8.130  -1.305  -1.594  1.00 20.27 ? 9   ALA A N   1 
ATOM   74  C CA  . ALA A 1 9   ? -8.903  -1.952  -0.538  1.00 20.07 ? 9   ALA A CA  1 
ATOM   75  C C   . ALA A 1 9   ? -10.400 -1.744  -0.761  1.00 19.93 ? 9   ALA A C   1 
ATOM   76  O O   . ALA A 1 9   ? -10.818 -0.754  -1.361  1.00 18.96 ? 9   ALA A O   1 
ATOM   77  C CB  . ALA A 1 9   ? -8.485  -1.395  0.826   1.00 20.30 ? 9   ALA A CB  1 
ATOM   78  N N   . PRO A 1 10  ? -11.233 -2.661  -0.246  1.00 19.95 ? 10  PRO A N   1 
ATOM   79  C CA  . PRO A 1 10  ? -12.688 -2.570  -0.412  1.00 20.48 ? 10  PRO A CA  1 
ATOM   80  C C   . PRO A 1 10  ? -13.417 -1.411  0.249   1.00 21.98 ? 10  PRO A C   1 
ATOM   81  O O   . PRO A 1 10  ? -14.449 -0.959  -0.249  1.00 23.01 ? 10  PRO A O   1 
ATOM   82  C CB  . PRO A 1 10  ? -13.181 -3.924  0.103   1.00 20.54 ? 10  PRO A CB  1 
ATOM   83  C CG  . PRO A 1 10  ? -12.174 -4.265  1.174   1.00 20.02 ? 10  PRO A CG  1 
ATOM   84  C CD  . PRO A 1 10  ? -10.862 -3.861  0.526   1.00 18.96 ? 10  PRO A CD  1 
ATOM   85  N N   . SER A 1 11  ? -12.879 -0.911  1.352   1.00 21.59 ? 11  SER A N   1 
ATOM   86  C CA  . SER A 1 11  ? -13.535 0.177   2.065   1.00 22.62 ? 11  SER A CA  1 
ATOM   87  C C   . SER A 1 11  ? -12.532 1.044   2.792   1.00 22.36 ? 11  SER A C   1 
ATOM   88  O O   . SER A 1 11  ? -11.371 0.677   2.925   1.00 22.68 ? 11  SER A O   1 
ATOM   89  C CB  . SER A 1 11  ? -14.485 -0.408  3.097   1.00 22.75 ? 11  SER A CB  1 
ATOM   90  O OG  . SER A 1 11  ? -13.745 -1.187  4.027   1.00 22.92 ? 11  SER A OG  1 
ATOM   91  N N   . LEU A 1 12  ? -13.001 2.186   3.275   1.00 23.07 ? 12  LEU A N   1 
ATOM   92  C CA  . LEU A 1 12  ? -12.157 3.096   4.022   1.00 23.40 ? 12  LEU A CA  1 
ATOM   93  C C   . LEU A 1 12  ? -11.726 2.390   5.307   1.00 23.56 ? 12  LEU A C   1 
ATOM   94  O O   . LEU A 1 12  ? -10.564 2.476   5.704   1.00 22.57 ? 12  LEU A O   1 
ATOM   95  C CB  . LEU A 1 12  ? -12.932 4.371   4.347   1.00 23.48 ? 12  LEU A CB  1 
ATOM   96  C CG  . LEU A 1 12  ? -12.245 5.433   5.205   1.00 23.86 ? 12  LEU A CG  1 
ATOM   97  C CD1 . LEU A 1 12  ? -10.966 5.900   4.534   1.00 23.61 ? 12  LEU A CD1 1 
ATOM   98  C CD2 . LEU A 1 12  ? -13.191 6.603   5.409   1.00 26.95 ? 12  LEU A CD2 1 
ATOM   99  N N   . GLU A 1 13  ? -12.659 1.684   5.948   1.00 24.06 ? 13  GLU A N   1 
ATOM   100 C CA  . GLU A 1 13  ? -12.374 0.952   7.189   1.00 25.61 ? 13  GLU A CA  1 
ATOM   101 C C   . GLU A 1 13  ? -11.218 -0.034  7.022   1.00 24.33 ? 13  GLU A C   1 
ATOM   102 O O   . GLU A 1 13  ? -10.296 -0.061  7.840   1.00 23.10 ? 13  GLU A O   1 
ATOM   103 C CB  . GLU A 1 13  ? -13.628 0.202   7.676   1.00 28.91 ? 13  GLU A CB  1 
ATOM   104 C CG  . GLU A 1 13  ? -13.419 -0.683  8.914   1.00 34.99 ? 13  GLU A CG  1 
ATOM   105 C CD  . GLU A 1 13  ? -14.697 -1.396  9.350   1.00 38.24 ? 13  GLU A CD  1 
ATOM   106 O OE1 . GLU A 1 13  ? -15.306 -2.095  8.513   1.00 41.43 ? 13  GLU A OE1 1 
ATOM   107 O OE2 . GLU A 1 13  ? -15.089 -1.268  10.530  1.00 41.62 ? 13  GLU A OE2 1 
ATOM   108 N N   . GLU A 1 14  ? -11.258 -0.846  5.973   1.00 23.25 ? 14  GLU A N   1 
ATOM   109 C CA  . GLU A 1 14  ? -10.175 -1.800  5.762   1.00 21.97 ? 14  GLU A CA  1 
ATOM   110 C C   . GLU A 1 14  ? -8.892  -1.077  5.352   1.00 21.55 ? 14  GLU A C   1 
ATOM   111 O O   . GLU A 1 14  ? -7.796  -1.472  5.738   1.00 21.29 ? 14  GLU A O   1 
ATOM   112 C CB  . GLU A 1 14  ? -10.560 -2.824  4.702   1.00 22.34 ? 14  GLU A CB  1 
ATOM   113 C CG  . GLU A 1 14  ? -9.444  -3.802  4.397   1.00 23.23 ? 14  GLU A CG  1 
ATOM   114 C CD  . GLU A 1 14  ? -9.946  -5.121  3.860   1.00 24.26 ? 14  GLU A CD  1 
ATOM   115 O OE1 . GLU A 1 14  ? -9.205  -5.752  3.079   1.00 25.59 ? 14  GLU A OE1 1 
ATOM   116 O OE2 . GLU A 1 14  ? -11.066 -5.531  4.229   1.00 24.43 ? 14  GLU A OE2 1 
ATOM   117 N N   . ALA A 1 15  ? -9.027  -0.013  4.571   1.00 20.48 ? 15  ALA A N   1 
ATOM   118 C CA  . ALA A 1 15  ? -7.858  0.739   4.151   1.00 20.77 ? 15  ALA A CA  1 
ATOM   119 C C   . ALA A 1 15  ? -7.129  1.322   5.360   1.00 21.08 ? 15  ALA A C   1 
ATOM   120 O O   . ALA A 1 15  ? -5.906  1.229   5.457   1.00 20.97 ? 15  ALA A O   1 
ATOM   121 C CB  . ALA A 1 15  ? -8.262  1.856   3.190   1.00 19.98 ? 15  ALA A CB  1 
ATOM   122 N N   . GLU A 1 16  ? -7.872  1.914   6.288   1.00 21.16 ? 16  GLU A N   1 
ATOM   123 C CA  . GLU A 1 16  ? -7.255  2.509   7.476   1.00 22.50 ? 16  GLU A CA  1 
ATOM   124 C C   . GLU A 1 16  ? -6.701  1.443   8.408   1.00 22.36 ? 16  GLU A C   1 
ATOM   125 O O   . GLU A 1 16  ? -5.693  1.658   9.076   1.00 21.74 ? 16  GLU A O   1 
ATOM   126 C CB  . GLU A 1 16  ? -8.276  3.361   8.221   1.00 23.16 ? 16  GLU A CB  1 
ATOM   127 C CG  . GLU A 1 16  ? -8.966  4.372   7.341   1.00 25.83 ? 16  GLU A CG  1 
ATOM   128 C CD  . GLU A 1 16  ? -9.790  5.351   8.144   1.00 28.52 ? 16  GLU A CD  1 
ATOM   129 O OE1 . GLU A 1 16  ? -10.463 4.907   9.095   1.00 30.40 ? 16  GLU A OE1 1 
ATOM   130 O OE2 . GLU A 1 16  ? -9.763  6.553   7.819   1.00 29.35 ? 16  GLU A OE2 1 
ATOM   131 N N   . ARG A 1 17  ? -7.380  0.300   8.456   1.00 23.38 ? 17  ARG A N   1 
ATOM   132 C CA  . ARG A 1 17  ? -6.952  -0.816  9.292   1.00 24.85 ? 17  ARG A CA  1 
ATOM   133 C C   . ARG A 1 17  ? -5.593  -1.309  8.805   1.00 23.76 ? 17  ARG A C   1 
ATOM   134 O O   . ARG A 1 17  ? -4.677  -1.559  9.596   1.00 23.57 ? 17  ARG A O   1 
ATOM   135 C CB  . ARG A 1 17  ? -7.981  -1.949  9.217   1.00 28.10 ? 17  ARG A CB  1 
ATOM   136 C CG  . ARG A 1 17  ? -7.778  -3.074  10.218  1.00 33.16 ? 17  ARG A CG  1 
ATOM   137 C CD  . ARG A 1 17  ? -8.918  -4.087  10.137  1.00 36.93 ? 17  ARG A CD  1 
ATOM   138 N NE  . ARG A 1 17  ? -10.229 -3.452  10.284  1.00 41.32 ? 17  ARG A NE  1 
ATOM   139 C CZ  . ARG A 1 17  ? -11.384 -4.112  10.365  1.00 43.55 ? 17  ARG A CZ  1 
ATOM   140 N NH1 . ARG A 1 17  ? -11.398 -5.439  10.317  1.00 44.30 ? 17  ARG A NH1 1 
ATOM   141 N NH2 . ARG A 1 17  ? -12.525 -3.447  10.484  1.00 44.22 ? 17  ARG A NH2 1 
ATOM   142 N N   . ILE A 1 18  ? -5.464  -1.447  7.491   1.00 22.18 ? 18  ILE A N   1 
ATOM   143 C CA  . ILE A 1 18  ? -4.209  -1.899  6.898   1.00 20.86 ? 18  ILE A CA  1 
ATOM   144 C C   . ILE A 1 18  ? -3.114  -0.860  7.110   1.00 20.15 ? 18  ILE A C   1 
ATOM   145 O O   . ILE A 1 18  ? -1.979  -1.209  7.424   1.00 19.74 ? 18  ILE A O   1 
ATOM   146 C CB  . ILE A 1 18  ? -4.364  -2.160  5.380   1.00 20.59 ? 18  ILE A CB  1 
ATOM   147 C CG1 . ILE A 1 18  ? -5.287  -3.365  5.153   1.00 21.76 ? 18  ILE A CG1 1 
ATOM   148 C CG2 . ILE A 1 18  ? -2.998  -2.411  4.749   1.00 21.18 ? 18  ILE A CG2 1 
ATOM   149 C CD1 . ILE A 1 18  ? -5.636  -3.607  3.687   1.00 22.79 ? 18  ILE A CD1 1 
ATOM   150 N N   . ALA A 1 19  ? -3.462  0.413   6.938   1.00 20.75 ? 19  ALA A N   1 
ATOM   151 C CA  . ALA A 1 19  ? -2.502  1.492   7.098   1.00 21.08 ? 19  ALA A CA  1 
ATOM   152 C C   . ALA A 1 19  ? -1.948  1.570   8.511   1.00 21.16 ? 19  ALA A C   1 
ATOM   153 O O   . ALA A 1 19  ? -0.733  1.714   8.705   1.00 20.26 ? 19  ALA A O   1 
ATOM   154 C CB  . ALA A 1 19  ? -3.141  2.836   6.708   1.00 20.88 ? 19  ALA A CB  1 
ATOM   155 N N   . LYS A 1 20  ? -2.835  1.489   9.497   1.00 21.00 ? 20  LYS A N   1 
ATOM   156 C CA  . LYS A 1 20  ? -2.409  1.575   10.884  1.00 22.67 ? 20  LYS A CA  1 
ATOM   157 C C   . LYS A 1 20  ? -1.553  0.390   11.290  1.00 22.10 ? 20  LYS A C   1 
ATOM   158 O O   . LYS A 1 20  ? -0.634  0.535   12.098  1.00 21.47 ? 20  LYS A O   1 
ATOM   159 C CB  . LYS A 1 20  ? -3.625  1.698   11.805  1.00 23.58 ? 20  LYS A CB  1 
ATOM   160 C CG  . LYS A 1 20  ? -4.304  3.051   11.699  1.00 25.10 ? 20  LYS A CG  1 
ATOM   161 C CD  . LYS A 1 20  ? -5.563  3.117   12.536  1.00 27.88 ? 20  LYS A CD  1 
ATOM   162 C CE  . LYS A 1 20  ? -6.244  4.468   12.405  1.00 29.94 ? 20  LYS A CE  1 
ATOM   163 N NZ  . LYS A 1 20  ? -7.557  4.454   13.106  1.00 32.86 ? 20  LYS A NZ  1 
ATOM   164 N N   . ARG A 1 21  ? -1.847  -0.782  10.731  1.00 22.16 ? 21  ARG A N   1 
ATOM   165 C CA  . ARG A 1 21  ? -1.060  -1.962  11.062  1.00 23.19 ? 21  ARG A CA  1 
ATOM   166 C C   . ARG A 1 21  ? 0.360   -1.842  10.513  1.00 22.66 ? 21  ARG A C   1 
ATOM   167 O O   . ARG A 1 21  ? 1.333   -2.202  11.184  1.00 23.39 ? 21  ARG A O   1 
ATOM   168 C CB  . ARG A 1 21  ? -1.723  -3.231  10.518  1.00 26.18 ? 21  ARG A CB  1 
ATOM   169 C CG  . ARG A 1 21  ? -0.908  -4.484  10.806  1.00 31.05 ? 21  ARG A CG  1 
ATOM   170 C CD  . ARG A 1 21  ? -1.767  -5.719  10.801  1.00 35.50 ? 21  ARG A CD  1 
ATOM   171 N NE  . ARG A 1 21  ? -2.800  -5.670  11.829  1.00 38.13 ? 21  ARG A NE  1 
ATOM   172 C CZ  . ARG A 1 21  ? -3.716  -6.615  11.996  1.00 39.60 ? 21  ARG A CZ  1 
ATOM   173 N NH1 . ARG A 1 21  ? -3.719  -7.677  11.202  1.00 41.06 ? 21  ARG A NH1 1 
ATOM   174 N NH2 . ARG A 1 21  ? -4.628  -6.501  12.952  1.00 41.24 ? 21  ARG A NH2 1 
ATOM   175 N N   . LEU A 1 22  ? 0.489   -1.340  9.290   1.00 21.16 ? 22  LEU A N   1 
ATOM   176 C CA  . LEU A 1 22  ? 1.810   -1.181  8.696   1.00 21.04 ? 22  LEU A CA  1 
ATOM   177 C C   . LEU A 1 22  ? 2.622   -0.158  9.486   1.00 20.89 ? 22  LEU A C   1 
ATOM   178 O O   . LEU A 1 22  ? 3.811   -0.358  9.749   1.00 19.78 ? 22  LEU A O   1 
ATOM   179 C CB  . LEU A 1 22  ? 1.690   -0.733  7.238   1.00 19.82 ? 22  LEU A CB  1 
ATOM   180 C CG  . LEU A 1 22  ? 1.031   -1.715  6.249   1.00 21.00 ? 22  LEU A CG  1 
ATOM   181 C CD1 . LEU A 1 22  ? 0.946   -1.064  4.876   1.00 19.22 ? 22  LEU A CD1 1 
ATOM   182 C CD2 . LEU A 1 22  ? 1.838   -3.016  6.173   1.00 19.48 ? 22  LEU A CD2 1 
ATOM   183 N N   . LEU A 1 23  ? 1.981   0.938   9.882   1.00 20.11 ? 23  LEU A N   1 
ATOM   184 C CA  . LEU A 1 23  ? 2.679   1.975   10.649  1.00 21.55 ? 23  LEU A CA  1 
ATOM   185 C C   . LEU A 1 23  ? 3.094   1.474   12.033  1.00 22.78 ? 23  LEU A C   1 
ATOM   186 O O   . LEU A 1 23  ? 4.230   1.697   12.461  1.00 22.96 ? 23  LEU A O   1 
ATOM   187 C CB  . LEU A 1 23  ? 1.801   3.229   10.778  1.00 20.76 ? 23  LEU A CB  1 
ATOM   188 C CG  . LEU A 1 23  ? 1.525   3.951   9.448   1.00 20.31 ? 23  LEU A CG  1 
ATOM   189 C CD1 . LEU A 1 23  ? 0.466   5.037   9.641   1.00 20.96 ? 23  LEU A CD1 1 
ATOM   190 C CD2 . LEU A 1 23  ? 2.815   4.556   8.928   1.00 21.68 ? 23  LEU A CD2 1 
ATOM   191 N N   . GLU A 1 24  ? 2.186   0.784   12.719  1.00 23.67 ? 24  GLU A N   1 
ATOM   192 C CA  . GLU A 1 24  ? 2.490   0.263   14.053  1.00 25.61 ? 24  GLU A CA  1 
ATOM   193 C C   . GLU A 1 24  ? 3.634   -0.753  14.047  1.00 26.08 ? 24  GLU A C   1 
ATOM   194 O O   . GLU A 1 24  ? 4.384   -0.845  15.017  1.00 25.94 ? 24  GLU A O   1 
ATOM   195 C CB  . GLU A 1 24  ? 1.257   -0.396  14.675  1.00 28.62 ? 24  GLU A CB  1 
ATOM   196 C CG  . GLU A 1 24  ? 0.109   0.543   14.967  1.00 32.66 ? 24  GLU A CG  1 
ATOM   197 C CD  . GLU A 1 24  ? -1.009  -0.179  15.678  1.00 36.34 ? 24  GLU A CD  1 
ATOM   198 O OE1 . GLU A 1 24  ? -1.517  -1.189  15.131  1.00 37.75 ? 24  GLU A OE1 1 
ATOM   199 O OE2 . GLU A 1 24  ? -1.389  0.260   16.785  1.00 40.14 ? 24  GLU A OE2 1 
ATOM   200 N N   . LYS A 1 25  ? 3.755   -1.519  12.966  1.00 25.38 ? 25  LYS A N   1 
ATOM   201 C CA  . LYS A 1 25  ? 4.808   -2.525  12.865  1.00 26.32 ? 25  LYS A CA  1 
ATOM   202 C C   . LYS A 1 25  ? 6.073   -1.935  12.252  1.00 25.41 ? 25  LYS A C   1 
ATOM   203 O O   . LYS A 1 25  ? 7.049   -2.647  12.025  1.00 25.25 ? 25  LYS A O   1 
ATOM   204 C CB  . LYS A 1 25  ? 4.338   -3.714  12.025  1.00 28.24 ? 25  LYS A CB  1 
ATOM   205 C CG  . LYS A 1 25  ? 3.152   -4.473  12.607  1.00 31.64 ? 25  LYS A CG  1 
ATOM   206 C CD  . LYS A 1 25  ? 3.467   -5.060  13.976  1.00 35.32 ? 25  LYS A CD  1 
ATOM   207 C CE  . LYS A 1 25  ? 2.302   -5.901  14.490  1.00 38.42 ? 25  LYS A CE  1 
ATOM   208 N NZ  . LYS A 1 25  ? 2.573   -6.513  15.823  1.00 40.18 ? 25  LYS A NZ  1 
ATOM   209 N N   . LYS A 1 26  ? 6.034   -0.634  11.975  1.00 24.05 ? 26  LYS A N   1 
ATOM   210 C CA  . LYS A 1 26  ? 7.164   0.084   11.408  1.00 23.85 ? 26  LYS A CA  1 
ATOM   211 C C   . LYS A 1 26  ? 7.577   -0.478  10.045  1.00 23.18 ? 26  LYS A C   1 
ATOM   212 O O   . LYS A 1 26  ? 8.762   -0.538  9.725   1.00 23.54 ? 26  LYS A O   1 
ATOM   213 C CB  . LYS A 1 26  ? 8.345   0.036   12.383  1.00 27.23 ? 26  LYS A CB  1 
ATOM   214 C CG  . LYS A 1 26  ? 7.977   0.370   13.836  1.00 30.14 ? 26  LYS A CG  1 
ATOM   215 C CD  . LYS A 1 26  ? 7.489   1.814   14.011  1.00 34.04 ? 26  LYS A CD  1 
ATOM   216 C CE  . LYS A 1 26  ? 8.639   2.819   14.018  1.00 36.14 ? 26  LYS A CE  1 
ATOM   217 N NZ  . LYS A 1 26  ? 8.168   4.236   14.131  1.00 37.26 ? 26  LYS A NZ  1 
ATOM   218 N N   . LEU A 1 27  ? 6.591   -0.883  9.246   1.00 21.09 ? 27  LEU A N   1 
ATOM   219 C CA  . LEU A 1 27  ? 6.857   -1.418  7.915   1.00 21.00 ? 27  LEU A CA  1 
ATOM   220 C C   . LEU A 1 27  ? 6.737   -0.314  6.869   1.00 20.03 ? 27  LEU A C   1 
ATOM   221 O O   . LEU A 1 27  ? 7.065   -0.504  5.695   1.00 20.07 ? 27  LEU A O   1 
ATOM   222 C CB  . LEU A 1 27  ? 5.888   -2.551  7.583   1.00 20.46 ? 27  LEU A CB  1 
ATOM   223 C CG  . LEU A 1 27  ? 6.021   -3.819  8.433   1.00 21.16 ? 27  LEU A CG  1 
ATOM   224 C CD1 . LEU A 1 27  ? 5.007   -4.845  7.947   1.00 21.48 ? 27  LEU A CD1 1 
ATOM   225 C CD2 . LEU A 1 27  ? 7.440   -4.388  8.305   1.00 23.07 ? 27  LEU A CD2 1 
ATOM   226 N N   . ALA A 1 28  ? 6.265   0.847   7.311   1.00 19.71 ? 28  ALA A N   1 
ATOM   227 C CA  . ALA A 1 28  ? 6.095   2.000   6.436   1.00 19.44 ? 28  ALA A CA  1 
ATOM   228 C C   . ALA A 1 28  ? 6.066   3.251   7.305   1.00 19.39 ? 28  ALA A C   1 
ATOM   229 O O   . ALA A 1 28  ? 5.863   3.161   8.517   1.00 19.26 ? 28  ALA A O   1 
ATOM   230 C CB  . ALA A 1 28  ? 4.791   1.872   5.647   1.00 18.25 ? 28  ALA A CB  1 
ATOM   231 N N   . ALA A 1 29  ? 6.256   4.412   6.685   1.00 19.67 ? 29  ALA A N   1 
ATOM   232 C CA  . ALA A 1 29  ? 6.274   5.670   7.417   1.00 19.25 ? 29  ALA A CA  1 
ATOM   233 C C   . ALA A 1 29  ? 5.031   6.518   7.189   1.00 19.82 ? 29  ALA A C   1 
ATOM   234 O O   . ALA A 1 29  ? 4.576   7.222   8.090   1.00 19.51 ? 29  ALA A O   1 
ATOM   235 C CB  . ALA A 1 29  ? 7.515   6.468   7.025   1.00 18.23 ? 29  ALA A CB  1 
ATOM   236 N N   . CYS A 1 30  ? 4.486   6.459   5.978   1.00 20.43 ? 30  CYS A N   1 
ATOM   237 C CA  . CYS A 1 30  ? 3.310   7.261   5.639   1.00 20.79 ? 30  CYS A CA  1 
ATOM   238 C C   . CYS A 1 30  ? 2.420   6.523   4.650   1.00 19.96 ? 30  CYS A C   1 
ATOM   239 O O   . CYS A 1 30  ? 2.902   5.770   3.809   1.00 20.37 ? 30  CYS A O   1 
ATOM   240 C CB  . CYS A 1 30  ? 3.762   8.593   5.022   1.00 22.05 ? 30  CYS A CB  1 
ATOM   241 S SG  . CYS A 1 30  ? 2.424   9.702   4.479   1.00 27.11 ? 30  CYS A SG  1 
ATOM   242 N N   . VAL A 1 31  ? 1.119   6.757   4.758   1.00 19.18 ? 31  VAL A N   1 
ATOM   243 C CA  . VAL A 1 31  ? 0.155   6.135   3.856   1.00 19.30 ? 31  VAL A CA  1 
ATOM   244 C C   . VAL A 1 31  ? -0.887  7.158   3.404   1.00 19.02 ? 31  VAL A C   1 
ATOM   245 O O   . VAL A 1 31  ? -1.452  7.868   4.226   1.00 19.85 ? 31  VAL A O   1 
ATOM   246 C CB  . VAL A 1 31  ? -0.581  4.952   4.533   1.00 19.03 ? 31  VAL A CB  1 
ATOM   247 C CG1 . VAL A 1 31  ? -1.527  4.306   3.536   1.00 18.27 ? 31  VAL A CG1 1 
ATOM   248 C CG2 . VAL A 1 31  ? 0.424   3.929   5.061   1.00 19.05 ? 31  VAL A CG2 1 
ATOM   249 N N   . ASN A 1 32  ? -1.131  7.240   2.100   1.00 19.45 ? 32  ASN A N   1 
ATOM   250 C CA  . ASN A 1 32  ? -2.133  8.161   1.565   1.00 18.65 ? 32  ASN A CA  1 
ATOM   251 C C   . ASN A 1 32  ? -3.282  7.307   1.034   1.00 17.78 ? 32  ASN A C   1 
ATOM   252 O O   . ASN A 1 32  ? -3.053  6.359   0.279   1.00 18.37 ? 32  ASN A O   1 
ATOM   253 C CB  . ASN A 1 32  ? -1.573  8.979   0.403   1.00 18.43 ? 32  ASN A CB  1 
ATOM   254 C CG  . ASN A 1 32  ? -0.416  9.881   0.804   1.00 20.11 ? 32  ASN A CG  1 
ATOM   255 O OD1 . ASN A 1 32  ? 0.358   10.308  -0.049  1.00 22.16 ? 32  ASN A OD1 1 
ATOM   256 N ND2 . ASN A 1 32  ? -0.308  10.194  2.088   1.00 18.81 ? 32  ASN A ND2 1 
ATOM   257 N N   . ILE A 1 33  ? -4.511  7.645   1.409   1.00 17.18 ? 33  ILE A N   1 
ATOM   258 C CA  . ILE A 1 33  ? -5.679  6.891   0.974   1.00 18.31 ? 33  ILE A CA  1 
ATOM   259 C C   . ILE A 1 33  ? -6.707  7.768   0.260   1.00 18.72 ? 33  ILE A C   1 
ATOM   260 O O   . ILE A 1 33  ? -6.948  8.913   0.656   1.00 17.34 ? 33  ILE A O   1 
ATOM   261 C CB  . ILE A 1 33  ? -6.376  6.231   2.180   1.00 19.62 ? 33  ILE A CB  1 
ATOM   262 C CG1 . ILE A 1 33  ? -5.378  5.333   2.921   1.00 21.19 ? 33  ILE A CG1 1 
ATOM   263 C CG2 . ILE A 1 33  ? -7.578  5.414   1.727   1.00 21.96 ? 33  ILE A CG2 1 
ATOM   264 C CD1 . ILE A 1 33  ? -5.932  4.734   4.216   1.00 21.27 ? 33  ILE A CD1 1 
ATOM   265 N N   . PHE A 1 34  ? -7.331  7.220   -0.777  1.00 18.87 ? 34  PHE A N   1 
ATOM   266 C CA  . PHE A 1 34  ? -8.356  7.954   -1.510  1.00 19.21 ? 34  PHE A CA  1 
ATOM   267 C C   . PHE A 1 34  ? -9.298  7.030   -2.267  1.00 18.58 ? 34  PHE A C   1 
ATOM   268 O O   . PHE A 1 34  ? -8.903  5.949   -2.707  1.00 18.07 ? 34  PHE A O   1 
ATOM   269 C CB  . PHE A 1 34  ? -7.716  8.977   -2.462  1.00 17.76 ? 34  PHE A CB  1 
ATOM   270 C CG  . PHE A 1 34  ? -6.762  8.376   -3.468  1.00 17.62 ? 34  PHE A CG  1 
ATOM   271 C CD1 . PHE A 1 34  ? -7.148  8.179   -4.790  1.00 17.05 ? 34  PHE A CD1 1 
ATOM   272 C CD2 . PHE A 1 34  ? -5.450  8.077   -3.103  1.00 17.50 ? 34  PHE A CD2 1 
ATOM   273 C CE1 . PHE A 1 34  ? -6.242  7.689   -5.733  1.00 17.70 ? 34  PHE A CE1 1 
ATOM   274 C CE2 . PHE A 1 34  ? -4.540  7.589   -4.034  1.00 18.14 ? 34  PHE A CE2 1 
ATOM   275 C CZ  . PHE A 1 34  ? -4.931  7.402   -5.355  1.00 17.10 ? 34  PHE A CZ  1 
ATOM   276 N N   . PRO A 1 35  ? -10.569 7.441   -2.411  1.00 18.79 ? 35  PRO A N   1 
ATOM   277 C CA  . PRO A 1 35  ? -11.561 6.632   -3.125  1.00 18.68 ? 35  PRO A CA  1 
ATOM   278 C C   . PRO A 1 35  ? -11.328 6.591   -4.634  1.00 18.87 ? 35  PRO A C   1 
ATOM   279 O O   . PRO A 1 35  ? -10.848 7.559   -5.240  1.00 18.22 ? 35  PRO A O   1 
ATOM   280 C CB  . PRO A 1 35  ? -12.894 7.289   -2.742  1.00 20.20 ? 35  PRO A CB  1 
ATOM   281 C CG  . PRO A 1 35  ? -12.520 8.714   -2.518  1.00 20.23 ? 35  PRO A CG  1 
ATOM   282 C CD  . PRO A 1 35  ? -11.207 8.601   -1.765  1.00 19.12 ? 35  PRO A CD  1 
ATOM   283 N N   . ILE A 1 36  ? -11.645 5.442   -5.222  1.00 17.97 ? 36  ILE A N   1 
ATOM   284 C CA  . ILE A 1 36  ? -11.490 5.225   -6.649  1.00 18.65 ? 36  ILE A CA  1 
ATOM   285 C C   . ILE A 1 36  ? -12.593 4.308   -7.129  1.00 18.54 ? 36  ILE A C   1 
ATOM   286 O O   . ILE A 1 36  ? -13.273 3.663   -6.328  1.00 18.79 ? 36  ILE A O   1 
ATOM   287 C CB  . ILE A 1 36  ? -10.181 4.507   -6.991  1.00 18.69 ? 36  ILE A CB  1 
ATOM   288 C CG1 . ILE A 1 36  ? -10.132 3.163   -6.267  1.00 20.03 ? 36  ILE A CG1 1 
ATOM   289 C CG2 . ILE A 1 36  ? -8.995  5.400   -6.639  1.00 18.72 ? 36  ILE A CG2 1 
ATOM   290 C CD1 . ILE A 1 36  ? -9.004  2.230   -6.727  1.00 19.22 ? 36  ILE A CD1 1 
ATOM   291 N N   . LYS A 1 37  ? -12.768 4.255   -8.444  1.00 18.81 ? 37  LYS A N   1 
ATOM   292 C CA  . LYS A 1 37  ? -13.736 3.354   -9.044  1.00 20.56 ? 37  LYS A CA  1 
ATOM   293 C C   . LYS A 1 37  ? -12.909 2.434   -9.924  1.00 20.17 ? 37  LYS A C   1 
ATOM   294 O O   . LYS A 1 37  ? -12.127 2.884   -10.767 1.00 20.34 ? 37  LYS A O   1 
ATOM   295 C CB  . LYS A 1 37  ? -14.758 4.106   -9.881  1.00 22.95 ? 37  LYS A CB  1 
ATOM   296 C CG  . LYS A 1 37  ? -15.833 3.186   -10.426 1.00 26.28 ? 37  LYS A CG  1 
ATOM   297 C CD  . LYS A 1 37  ? -16.985 3.956   -11.039 1.00 29.46 ? 37  LYS A CD  1 
ATOM   298 C CE  . LYS A 1 37  ? -18.108 3.016   -11.465 1.00 30.57 ? 37  LYS A CE  1 
ATOM   299 N NZ  . LYS A 1 37  ? -19.276 3.782   -11.995 1.00 32.25 ? 37  LYS A NZ  1 
ATOM   300 N N   . SER A 1 38  ? -13.082 1.138   -9.720  1.00 19.75 ? 38  SER A N   1 
ATOM   301 C CA  . SER A 1 38  ? -12.312 0.170   -10.476 1.00 20.90 ? 38  SER A CA  1 
ATOM   302 C C   . SER A 1 38  ? -13.109 -0.659  -11.470 1.00 20.83 ? 38  SER A C   1 
ATOM   303 O O   . SER A 1 38  ? -14.293 -0.946  -11.280 1.00 20.08 ? 38  SER A O   1 
ATOM   304 C CB  . SER A 1 38  ? -11.586 -0.777  -9.517  1.00 21.19 ? 38  SER A CB  1 
ATOM   305 O OG  . SER A 1 38  ? -10.714 -0.068  -8.649  1.00 26.08 ? 38  SER A OG  1 
ATOM   306 N N   . PHE A 1 39  ? -12.426 -1.030  -12.544 1.00 21.03 ? 39  PHE A N   1 
ATOM   307 C CA  . PHE A 1 39  ? -12.983 -1.873  -13.583 1.00 21.26 ? 39  PHE A CA  1 
ATOM   308 C C   . PHE A 1 39  ? -11.902 -2.917  -13.840 1.00 20.90 ? 39  PHE A C   1 
ATOM   309 O O   . PHE A 1 39  ? -10.740 -2.570  -14.035 1.00 20.14 ? 39  PHE A O   1 
ATOM   310 C CB  . PHE A 1 39  ? -13.271 -1.071  -14.865 1.00 22.15 ? 39  PHE A CB  1 
ATOM   311 C CG  . PHE A 1 39  ? -14.407 -0.084  -14.733 1.00 22.11 ? 39  PHE A CG  1 
ATOM   312 C CD1 . PHE A 1 39  ? -14.215 1.143   -14.103 1.00 24.53 ? 39  PHE A CD1 1 
ATOM   313 C CD2 . PHE A 1 39  ? -15.678 -0.395  -15.217 1.00 23.80 ? 39  PHE A CD2 1 
ATOM   314 C CE1 . PHE A 1 39  ? -15.275 2.049   -13.954 1.00 24.05 ? 39  PHE A CE1 1 
ATOM   315 C CE2 . PHE A 1 39  ? -16.741 0.500   -15.074 1.00 24.22 ? 39  PHE A CE2 1 
ATOM   316 C CZ  . PHE A 1 39  ? -16.536 1.724   -14.439 1.00 24.40 ? 39  PHE A CZ  1 
ATOM   317 N N   . PHE A 1 40  ? -12.277 -4.191  -13.807 1.00 20.55 ? 40  PHE A N   1 
ATOM   318 C CA  . PHE A 1 40  ? -11.317 -5.264  -14.033 1.00 22.17 ? 40  PHE A CA  1 
ATOM   319 C C   . PHE A 1 40  ? -11.977 -6.500  -14.638 1.00 23.32 ? 40  PHE A C   1 
ATOM   320 O O   . PHE A 1 40  ? -13.170 -6.734  -14.453 1.00 22.00 ? 40  PHE A O   1 
ATOM   321 C CB  . PHE A 1 40  ? -10.627 -5.638  -12.718 1.00 22.79 ? 40  PHE A CB  1 
ATOM   322 C CG  . PHE A 1 40  ? -11.577 -5.943  -11.590 1.00 25.12 ? 40  PHE A CG  1 
ATOM   323 C CD1 . PHE A 1 40  ? -12.046 -7.237  -11.383 1.00 25.27 ? 40  PHE A CD1 1 
ATOM   324 C CD2 . PHE A 1 40  ? -12.003 -4.929  -10.738 1.00 25.53 ? 40  PHE A CD2 1 
ATOM   325 C CE1 . PHE A 1 40  ? -12.927 -7.517  -10.337 1.00 25.62 ? 40  PHE A CE1 1 
ATOM   326 C CE2 . PHE A 1 40  ? -12.882 -5.196  -9.693  1.00 26.24 ? 40  PHE A CE2 1 
ATOM   327 C CZ  . PHE A 1 40  ? -13.346 -6.490  -9.491  1.00 26.18 ? 40  PHE A CZ  1 
ATOM   328 N N   . TRP A 1 41  ? -11.194 -7.293  -15.361 1.00 23.57 ? 41  TRP A N   1 
ATOM   329 C CA  . TRP A 1 41  ? -11.719 -8.500  -15.992 1.00 25.69 ? 41  TRP A CA  1 
ATOM   330 C C   . TRP A 1 41  ? -11.632 -9.682  -15.036 1.00 26.18 ? 41  TRP A C   1 
ATOM   331 O O   . TRP A 1 41  ? -10.549 -10.039 -14.576 1.00 26.99 ? 41  TRP A O   1 
ATOM   332 C CB  . TRP A 1 41  ? -10.939 -8.796  -17.280 1.00 26.30 ? 41  TRP A CB  1 
ATOM   333 C CG  . TRP A 1 41  ? -11.542 -9.887  -18.122 1.00 27.63 ? 41  TRP A CG  1 
ATOM   334 C CD1 . TRP A 1 41  ? -11.358 -11.238 -17.982 1.00 27.71 ? 41  TRP A CD1 1 
ATOM   335 C CD2 . TRP A 1 41  ? -12.441 -9.717  -19.222 1.00 28.93 ? 41  TRP A CD2 1 
ATOM   336 N NE1 . TRP A 1 41  ? -12.088 -11.916 -18.929 1.00 28.86 ? 41  TRP A NE1 1 
ATOM   337 C CE2 . TRP A 1 41  ? -12.764 -11.008 -19.699 1.00 29.36 ? 41  TRP A CE2 1 
ATOM   338 C CE3 . TRP A 1 41  ? -13.010 -8.600  -19.848 1.00 30.19 ? 41  TRP A CE3 1 
ATOM   339 C CZ2 . TRP A 1 41  ? -13.631 -11.209 -20.779 1.00 30.37 ? 41  TRP A CZ2 1 
ATOM   340 C CZ3 . TRP A 1 41  ? -13.870 -8.804  -20.921 1.00 29.57 ? 41  TRP A CZ3 1 
ATOM   341 C CH2 . TRP A 1 41  ? -14.174 -10.099 -21.372 1.00 30.48 ? 41  TRP A CH2 1 
ATOM   342 N N   . TRP A 1 42  ? -12.777 -10.280 -14.723 1.00 26.56 ? 42  TRP A N   1 
ATOM   343 C CA  . TRP A 1 42  ? -12.810 -11.432 -13.823 1.00 27.17 ? 42  TRP A CA  1 
ATOM   344 C C   . TRP A 1 42  ? -13.901 -12.419 -14.228 1.00 27.50 ? 42  TRP A C   1 
ATOM   345 O O   . TRP A 1 42  ? -15.063 -12.047 -14.380 1.00 25.89 ? 42  TRP A O   1 
ATOM   346 C CB  . TRP A 1 42  ? -13.030 -10.977 -12.380 1.00 28.70 ? 42  TRP A CB  1 
ATOM   347 C CG  . TRP A 1 42  ? -13.030 -12.111 -11.403 1.00 31.37 ? 42  TRP A CG  1 
ATOM   348 C CD1 . TRP A 1 42  ? -14.103 -12.606 -10.717 1.00 31.76 ? 42  TRP A CD1 1 
ATOM   349 C CD2 . TRP A 1 42  ? -11.906 -12.924 -11.032 1.00 33.10 ? 42  TRP A CD2 1 
ATOM   350 N NE1 . TRP A 1 42  ? -13.718 -13.676 -9.942  1.00 34.19 ? 42  TRP A NE1 1 
ATOM   351 C CE2 . TRP A 1 42  ? -12.376 -13.893 -10.117 1.00 33.40 ? 42  TRP A CE2 1 
ATOM   352 C CE3 . TRP A 1 42  ? -10.547 -12.925 -11.382 1.00 34.22 ? 42  TRP A CE3 1 
ATOM   353 C CZ2 . TRP A 1 42  ? -11.537 -14.858 -9.550  1.00 34.15 ? 42  TRP A CZ2 1 
ATOM   354 C CZ3 . TRP A 1 42  ? -9.711  -13.888 -10.815 1.00 35.04 ? 42  TRP A CZ3 1 
ATOM   355 C CH2 . TRP A 1 42  ? -10.213 -14.839 -9.909  1.00 34.90 ? 42  TRP A CH2 1 
ATOM   356 N N   . GLU A 1 43  ? -13.503 -13.676 -14.387 1.00 27.98 ? 43  GLU A N   1 
ATOM   357 C CA  . GLU A 1 43  ? -14.398 -14.753 -14.783 1.00 28.97 ? 43  GLU A CA  1 
ATOM   358 C C   . GLU A 1 43  ? -15.238 -14.413 -16.008 1.00 28.07 ? 43  GLU A C   1 
ATOM   359 O O   . GLU A 1 43  ? -16.466 -14.423 -15.948 1.00 29.15 ? 43  GLU A O   1 
ATOM   360 C CB  . GLU A 1 43  ? -15.317 -15.157 -13.622 1.00 30.22 ? 43  GLU A CB  1 
ATOM   361 C CG  . GLU A 1 43  ? -14.570 -15.636 -12.393 1.00 33.17 ? 43  GLU A CG  1 
ATOM   362 C CD  . GLU A 1 43  ? -15.471 -16.320 -11.387 1.00 34.35 ? 43  GLU A CD  1 
ATOM   363 O OE1 . GLU A 1 43  ? -16.548 -15.777 -11.067 1.00 36.70 ? 43  GLU A OE1 1 
ATOM   364 O OE2 . GLU A 1 43  ? -15.093 -17.405 -10.910 1.00 36.99 ? 43  GLU A OE2 1 
ATOM   365 N N   . GLY A 1 44  ? -14.563 -14.095 -17.109 1.00 27.11 ? 44  GLY A N   1 
ATOM   366 C CA  . GLY A 1 44  ? -15.239 -13.802 -18.362 1.00 26.34 ? 44  GLY A CA  1 
ATOM   367 C C   . GLY A 1 44  ? -16.007 -12.506 -18.535 1.00 25.55 ? 44  GLY A C   1 
ATOM   368 O O   . GLY A 1 44  ? -16.743 -12.361 -19.508 1.00 25.27 ? 44  GLY A O   1 
ATOM   369 N N   . LYS A 1 45  ? -15.841 -11.552 -17.630 1.00 25.61 ? 45  LYS A N   1 
ATOM   370 C CA  . LYS A 1 45  ? -16.567 -10.293 -17.762 1.00 25.35 ? 45  LYS A CA  1 
ATOM   371 C C   . LYS A 1 45  ? -15.883 -9.148  -17.033 1.00 23.92 ? 45  LYS A C   1 
ATOM   372 O O   . LYS A 1 45  ? -15.018 -9.357  -16.180 1.00 22.64 ? 45  LYS A O   1 
ATOM   373 C CB  . LYS A 1 45  ? -17.976 -10.459 -17.198 1.00 24.71 ? 45  LYS A CB  1 
ATOM   374 C CG  . LYS A 1 45  ? -17.977 -10.729 -15.710 1.00 25.03 ? 45  LYS A CG  1 
ATOM   375 C CD  . LYS A 1 45  ? -19.268 -11.380 -15.268 1.00 25.34 ? 45  LYS A CD  1 
ATOM   376 C CE  . LYS A 1 45  ? -19.196 -11.790 -13.804 1.00 25.35 ? 45  LYS A CE  1 
ATOM   377 N NZ  . LYS A 1 45  ? -17.969 -12.610 -13.532 1.00 25.91 ? 45  LYS A NZ  1 
ATOM   378 N N   . ILE A 1 46  ? -16.279 -7.932  -17.378 1.00 23.64 ? 46  ILE A N   1 
ATOM   379 C CA  . ILE A 1 46  ? -15.725 -6.766  -16.725 1.00 22.72 ? 46  ILE A CA  1 
ATOM   380 C C   . ILE A 1 46  ? -16.580 -6.516  -15.498 1.00 22.89 ? 46  ILE A C   1 
ATOM   381 O O   . ILE A 1 46  ? -17.808 -6.562  -15.565 1.00 23.03 ? 46  ILE A O   1 
ATOM   382 C CB  . ILE A 1 46  ? -15.773 -5.528  -17.639 1.00 23.35 ? 46  ILE A CB  1 
ATOM   383 C CG1 . ILE A 1 46  ? -14.797 -5.709  -18.799 1.00 24.69 ? 46  ILE A CG1 1 
ATOM   384 C CG2 . ILE A 1 46  ? -15.441 -4.274  -16.840 1.00 23.43 ? 46  ILE A CG2 1 
ATOM   385 C CD1 . ILE A 1 46  ? -14.997 -4.727  -19.931 1.00 26.44 ? 46  ILE A CD1 1 
ATOM   386 N N   . GLU A 1 47  ? -15.924 -6.291  -14.369 1.00 21.66 ? 47  GLU A N   1 
ATOM   387 C CA  . GLU A 1 47  ? -16.626 -6.014  -13.126 1.00 21.97 ? 47  GLU A CA  1 
ATOM   388 C C   . GLU A 1 47  ? -16.175 -4.645  -12.648 1.00 21.81 ? 47  GLU A C   1 
ATOM   389 O O   . GLU A 1 47  ? -15.013 -4.268  -12.819 1.00 21.70 ? 47  GLU A O   1 
ATOM   390 C CB  . GLU A 1 47  ? -16.297 -7.068  -12.075 1.00 22.68 ? 47  GLU A CB  1 
ATOM   391 C CG  . GLU A 1 47  ? -16.492 -8.494  -12.557 1.00 25.51 ? 47  GLU A CG  1 
ATOM   392 C CD  . GLU A 1 47  ? -16.540 -9.491  -11.414 1.00 27.90 ? 47  GLU A CD  1 
ATOM   393 O OE1 . GLU A 1 47  ? -15.749 -9.335  -10.463 1.00 30.05 ? 47  GLU A OE1 1 
ATOM   394 O OE2 . GLU A 1 47  ? -17.359 -10.429 -11.475 1.00 29.16 ? 47  GLU A OE2 1 
ATOM   395 N N   . ALA A 1 48  ? -17.105 -3.903  -12.064 1.00 20.62 ? 48  ALA A N   1 
ATOM   396 C CA  . ALA A 1 48  ? -16.833 -2.566  -11.558 1.00 20.13 ? 48  ALA A CA  1 
ATOM   397 C C   . ALA A 1 48  ? -17.139 -2.514  -10.070 1.00 20.51 ? 48  ALA A C   1 
ATOM   398 O O   . ALA A 1 48  ? -18.087 -3.148  -9.601  1.00 20.40 ? 48  ALA A O   1 
ATOM   399 C CB  . ALA A 1 48  ? -17.691 -1.548  -12.293 1.00 21.32 ? 48  ALA A CB  1 
ATOM   400 N N   . ALA A 1 49  ? -16.338 -1.759  -9.326  1.00 18.89 ? 49  ALA A N   1 
ATOM   401 C CA  . ALA A 1 49  ? -16.549 -1.630  -7.890  1.00 18.97 ? 49  ALA A CA  1 
ATOM   402 C C   . ALA A 1 49  ? -15.910 -0.359  -7.370  1.00 19.79 ? 49  ALA A C   1 
ATOM   403 O O   . ALA A 1 49  ? -14.960 0.158   -7.957  1.00 20.72 ? 49  ALA A O   1 
ATOM   404 C CB  . ALA A 1 49  ? -15.958 -2.843  -7.163  1.00 18.56 ? 49  ALA A CB  1 
ATOM   405 N N   . THR A 1 50  ? -16.460 0.173   -6.287  1.00 20.15 ? 50  THR A N   1 
ATOM   406 C CA  . THR A 1 50  ? -15.872 1.348   -5.676  1.00 21.60 ? 50  THR A CA  1 
ATOM   407 C C   . THR A 1 50  ? -14.852 0.745   -4.720  1.00 21.68 ? 50  THR A C   1 
ATOM   408 O O   . THR A 1 50  ? -15.113 -0.276  -4.081  1.00 22.02 ? 50  THR A O   1 
ATOM   409 C CB  . THR A 1 50  ? -16.897 2.171   -4.863  1.00 22.98 ? 50  THR A CB  1 
ATOM   410 O OG1 . THR A 1 50  ? -17.834 2.793   -5.754  1.00 25.22 ? 50  THR A OG1 1 
ATOM   411 C CG2 . THR A 1 50  ? -16.186 3.247   -4.061  1.00 24.54 ? 50  THR A CG2 1 
ATOM   412 N N   . GLU A 1 51  ? -13.682 1.361   -4.645  1.00 20.42 ? 51  GLU A N   1 
ATOM   413 C CA  . GLU A 1 51  ? -12.619 0.888   -3.766  1.00 20.84 ? 51  GLU A CA  1 
ATOM   414 C C   . GLU A 1 51  ? -11.873 2.083   -3.214  1.00 19.16 ? 51  GLU A C   1 
ATOM   415 O O   . GLU A 1 51  ? -12.259 3.224   -3.435  1.00 18.14 ? 51  GLU A O   1 
ATOM   416 C CB  . GLU A 1 51  ? -11.602 0.051   -4.535  1.00 21.40 ? 51  GLU A CB  1 
ATOM   417 C CG  . GLU A 1 51  ? -12.056 -1.289  -5.043  1.00 24.78 ? 51  GLU A CG  1 
ATOM   418 C CD  . GLU A 1 51  ? -10.887 -2.044  -5.647  1.00 25.93 ? 51  GLU A CD  1 
ATOM   419 O OE1 . GLU A 1 51  ? -10.472 -1.706  -6.773  1.00 27.64 ? 51  GLU A OE1 1 
ATOM   420 O OE2 . GLU A 1 51  ? -10.360 -2.946  -4.975  1.00 27.74 ? 51  GLU A OE2 1 
ATOM   421 N N   . PHE A 1 52  ? -10.790 1.801   -2.500  1.00 18.20 ? 52  PHE A N   1 
ATOM   422 C CA  . PHE A 1 52  ? -9.945  2.840   -1.947  1.00 19.53 ? 52  PHE A CA  1 
ATOM   423 C C   . PHE A 1 52  ? -8.512  2.493   -2.311  1.00 19.43 ? 52  PHE A C   1 
ATOM   424 O O   . PHE A 1 52  ? -8.065  1.366   -2.097  1.00 20.86 ? 52  PHE A O   1 
ATOM   425 C CB  . PHE A 1 52  ? -10.108 2.937   -0.423  1.00 20.11 ? 52  PHE A CB  1 
ATOM   426 C CG  . PHE A 1 52  ? -11.410 3.552   0.000   1.00 22.04 ? 52  PHE A CG  1 
ATOM   427 C CD1 . PHE A 1 52  ? -12.595 2.831   -0.078  1.00 22.83 ? 52  PHE A CD1 1 
ATOM   428 C CD2 . PHE A 1 52  ? -11.460 4.878   0.408   1.00 21.73 ? 52  PHE A CD2 1 
ATOM   429 C CE1 . PHE A 1 52  ? -13.817 3.426   0.241   1.00 25.44 ? 52  PHE A CE1 1 
ATOM   430 C CE2 . PHE A 1 52  ? -12.676 5.485   0.730   1.00 23.70 ? 52  PHE A CE2 1 
ATOM   431 C CZ  . PHE A 1 52  ? -13.854 4.755   0.642   1.00 23.76 ? 52  PHE A CZ  1 
ATOM   432 N N   . ALA A 1 53  ? -7.810  3.447   -2.908  1.00 18.91 ? 53  ALA A N   1 
ATOM   433 C CA  . ALA A 1 53  ? -6.423  3.224   -3.291  1.00 18.49 ? 53  ALA A CA  1 
ATOM   434 C C   . ALA A 1 53  ? -5.536  3.612   -2.107  1.00 19.05 ? 53  ALA A C   1 
ATOM   435 O O   . ALA A 1 53  ? -5.918  4.461   -1.305  1.00 19.13 ? 53  ALA A O   1 
ATOM   436 C CB  . ALA A 1 53  ? -6.075  4.080   -4.511  1.00 16.59 ? 53  ALA A CB  1 
ATOM   437 N N   . MET A 1 54  ? -4.368  2.982   -1.986  1.00 19.30 ? 54  MET A N   1 
ATOM   438 C CA  . MET A 1 54  ? -3.433  3.299   -0.909  1.00 19.52 ? 54  MET A CA  1 
ATOM   439 C C   . MET A 1 54  ? -2.048  3.465   -1.499  1.00 19.26 ? 54  MET A C   1 
ATOM   440 O O   . MET A 1 54  ? -1.636  2.679   -2.354  1.00 18.60 ? 54  MET A O   1 
ATOM   441 C CB  . MET A 1 54  ? -3.390  2.175   0.124   1.00 20.46 ? 54  MET A CB  1 
ATOM   442 C CG  . MET A 1 54  ? -4.755  1.757   0.599   1.00 21.50 ? 54  MET A CG  1 
ATOM   443 S SD  . MET A 1 54  ? -4.744  0.354   1.726   1.00 22.66 ? 54  MET A SD  1 
ATOM   444 C CE  . MET A 1 54  ? -4.154  -0.882  0.729   1.00 26.51 ? 54  MET A CE  1 
ATOM   445 N N   . ILE A 1 55  ? -1.353  4.511   -1.067  1.00 18.73 ? 55  ILE A N   1 
ATOM   446 C CA  . ILE A 1 55  ? 0.013   4.759   -1.506  1.00 19.37 ? 55  ILE A CA  1 
ATOM   447 C C   . ILE A 1 55  ? 0.836   4.635   -0.224  1.00 19.15 ? 55  ILE A C   1 
ATOM   448 O O   . ILE A 1 55  ? 0.721   5.475   0.672   1.00 17.52 ? 55  ILE A O   1 
ATOM   449 C CB  . ILE A 1 55  ? 0.181   6.181   -2.125  1.00 19.78 ? 55  ILE A CB  1 
ATOM   450 C CG1 . ILE A 1 55  ? -0.619  6.272   -3.428  1.00 20.43 ? 55  ILE A CG1 1 
ATOM   451 C CG2 . ILE A 1 55  ? 1.663   6.462   -2.410  1.00 18.96 ? 55  ILE A CG2 1 
ATOM   452 C CD1 . ILE A 1 55  ? -0.686  7.676   -4.015  1.00 21.18 ? 55  ILE A CD1 1 
ATOM   453 N N   . VAL A 1 56  ? 1.629   3.564   -0.137  1.00 18.95 ? 56  VAL A N   1 
ATOM   454 C CA  . VAL A 1 56  ? 2.471   3.286   1.028   1.00 19.24 ? 56  VAL A CA  1 
ATOM   455 C C   . VAL A 1 56  ? 3.921   3.732   0.794   1.00 19.75 ? 56  VAL A C   1 
ATOM   456 O O   . VAL A 1 56  ? 4.585   3.231   -0.111  1.00 20.19 ? 56  VAL A O   1 
ATOM   457 C CB  . VAL A 1 56  ? 2.478   1.751   1.365   1.00 20.30 ? 56  VAL A CB  1 
ATOM   458 C CG1 . VAL A 1 56  ? 3.355   1.473   2.584   1.00 20.43 ? 56  VAL A CG1 1 
ATOM   459 C CG2 . VAL A 1 56  ? 1.047   1.251   1.623   1.00 19.94 ? 56  VAL A CG2 1 
ATOM   460 N N   . LYS A 1 57  ? 4.415   4.667   1.604   1.00 19.36 ? 57  LYS A N   1 
ATOM   461 C CA  . LYS A 1 57  ? 5.787   5.158   1.447   1.00 20.89 ? 57  LYS A CA  1 
ATOM   462 C C   . LYS A 1 57  ? 6.695   4.434   2.435   1.00 21.46 ? 57  LYS A C   1 
ATOM   463 O O   . LYS A 1 57  ? 6.453   4.459   3.645   1.00 20.37 ? 57  LYS A O   1 
ATOM   464 C CB  . LYS A 1 57  ? 5.846   6.666   1.709   1.00 22.06 ? 57  LYS A CB  1 
ATOM   465 C CG  . LYS A 1 57  ? 4.660   7.451   1.146   1.00 25.09 ? 57  LYS A CG  1 
ATOM   466 C CD  . LYS A 1 57  ? 4.805   8.938   1.416   1.00 27.67 ? 57  LYS A CD  1 
ATOM   467 C CE  . LYS A 1 57  ? 3.486   9.660   1.184   1.00 28.16 ? 57  LYS A CE  1 
ATOM   468 N NZ  . LYS A 1 57  ? 2.959   9.367   -0.175  1.00 33.13 ? 57  LYS A NZ  1 
ATOM   469 N N   . THR A 1 58  ? 7.742   3.791   1.925   1.00 21.75 ? 58  THR A N   1 
ATOM   470 C CA  . THR A 1 58  ? 8.654   3.047   2.789   1.00 21.70 ? 58  THR A CA  1 
ATOM   471 C C   . THR A 1 58  ? 9.940   2.683   2.045   1.00 22.19 ? 58  THR A C   1 
ATOM   472 O O   . THR A 1 58  ? 10.175  3.144   0.921   1.00 20.60 ? 58  THR A O   1 
ATOM   473 C CB  . THR A 1 58  ? 7.957   1.761   3.303   1.00 22.90 ? 58  THR A CB  1 
ATOM   474 O OG1 . THR A 1 58  ? 8.783   1.116   4.281   1.00 23.09 ? 58  THR A OG1 1 
ATOM   475 C CG2 . THR A 1 58  ? 7.666   0.793   2.148   1.00 21.47 ? 58  THR A CG2 1 
ATOM   476 N N   . ARG A 1 59  ? 10.799  1.891   2.682   1.00 22.44 ? 59  ARG A N   1 
ATOM   477 C CA  . ARG A 1 59  ? 12.041  1.460   2.038   1.00 23.03 ? 59  ARG A CA  1 
ATOM   478 C C   . ARG A 1 59  ? 11.774  0.230   1.191   1.00 23.22 ? 59  ARG A C   1 
ATOM   479 O O   . ARG A 1 59  ? 10.990  -0.639  1.564   1.00 21.84 ? 59  ARG A O   1 
ATOM   480 C CB  . ARG A 1 59  ? 13.121  1.138   3.077   1.00 24.11 ? 59  ARG A CB  1 
ATOM   481 C CG  . ARG A 1 59  ? 13.766  2.362   3.696   1.00 25.24 ? 59  ARG A CG  1 
ATOM   482 C CD  . ARG A 1 59  ? 14.758  1.972   4.786   1.00 29.02 ? 59  ARG A CD  1 
ATOM   483 N NE  . ARG A 1 59  ? 15.900  1.215   4.278   1.00 30.85 ? 59  ARG A NE  1 
ATOM   484 C CZ  . ARG A 1 59  ? 16.931  1.745   3.625   1.00 32.84 ? 59  ARG A CZ  1 
ATOM   485 N NH1 . ARG A 1 59  ? 16.979  3.048   3.389   1.00 33.72 ? 59  ARG A NH1 1 
ATOM   486 N NH2 . ARG A 1 59  ? 17.925  0.969   3.213   1.00 34.14 ? 59  ARG A NH2 1 
ATOM   487 N N   . SER A 1 60  ? 12.434  0.167   0.043   1.00 23.23 ? 60  SER A N   1 
ATOM   488 C CA  . SER A 1 60  ? 12.271  -0.947  -0.875  1.00 23.79 ? 60  SER A CA  1 
ATOM   489 C C   . SER A 1 60  ? 12.511  -2.315  -0.229  1.00 24.41 ? 60  SER A C   1 
ATOM   490 O O   . SER A 1 60  ? 11.831  -3.279  -0.560  1.00 24.85 ? 60  SER A O   1 
ATOM   491 C CB  . SER A 1 60  ? 13.204  -0.748  -2.074  1.00 24.22 ? 60  SER A CB  1 
ATOM   492 O OG  . SER A 1 60  ? 12.904  0.480   -2.722  1.00 23.68 ? 60  SER A OG  1 
ATOM   493 N N   . GLU A 1 61  ? 13.450  -2.396  0.710   1.00 25.18 ? 61  GLU A N   1 
ATOM   494 C CA  . GLU A 1 61  ? 13.741  -3.667  1.367   1.00 26.09 ? 61  GLU A CA  1 
ATOM   495 C C   . GLU A 1 61  ? 12.594  -4.133  2.264   1.00 26.62 ? 61  GLU A C   1 
ATOM   496 O O   . GLU A 1 61  ? 12.614  -5.252  2.773   1.00 27.34 ? 61  GLU A O   1 
ATOM   497 C CB  . GLU A 1 61  ? 15.012  -3.559  2.201   1.00 27.32 ? 61  GLU A CB  1 
ATOM   498 C CG  . GLU A 1 61  ? 14.935  -2.542  3.326   1.00 29.34 ? 61  GLU A CG  1 
ATOM   499 C CD  . GLU A 1 61  ? 16.147  -2.594  4.232   1.00 31.57 ? 61  GLU A CD  1 
ATOM   500 O OE1 . GLU A 1 61  ? 16.338  -1.650  5.021   1.00 32.03 ? 61  GLU A OE1 1 
ATOM   501 O OE2 . GLU A 1 61  ? 16.896  -3.585  4.151   1.00 32.99 ? 61  GLU A OE2 1 
ATOM   502 N N   . LYS A 1 62  ? 11.597  -3.274  2.463   1.00 25.64 ? 62  LYS A N   1 
ATOM   503 C CA  . LYS A 1 62  ? 10.457  -3.626  3.294   1.00 25.01 ? 62  LYS A CA  1 
ATOM   504 C C   . LYS A 1 62  ? 9.287   -4.198  2.481   1.00 23.38 ? 62  LYS A C   1 
ATOM   505 O O   . LYS A 1 62  ? 8.280   -4.609  3.049   1.00 21.71 ? 62  LYS A O   1 
ATOM   506 C CB  . LYS A 1 62  ? 9.984   -2.404  4.100   1.00 26.43 ? 62  LYS A CB  1 
ATOM   507 C CG  . LYS A 1 62  ? 10.957  -1.934  5.170   1.00 29.45 ? 62  LYS A CG  1 
ATOM   508 C CD  . LYS A 1 62  ? 11.087  -2.948  6.309   1.00 32.38 ? 62  LYS A CD  1 
ATOM   509 C CE  . LYS A 1 62  ? 12.070  -2.462  7.378   1.00 34.14 ? 62  LYS A CE  1 
ATOM   510 N NZ  . LYS A 1 62  ? 12.137  -3.384  8.549   1.00 35.28 ? 62  LYS A NZ  1 
ATOM   511 N N   . PHE A 1 63  ? 9.425   -4.233  1.156   1.00 22.83 ? 63  PHE A N   1 
ATOM   512 C CA  . PHE A 1 63  ? 8.358   -4.737  0.285   1.00 22.57 ? 63  PHE A CA  1 
ATOM   513 C C   . PHE A 1 63  ? 7.777   -6.098  0.675   1.00 22.86 ? 63  PHE A C   1 
ATOM   514 O O   . PHE A 1 63  ? 6.557   -6.263  0.726   1.00 22.91 ? 63  PHE A O   1 
ATOM   515 C CB  . PHE A 1 63  ? 8.821   -4.818  -1.179  1.00 23.89 ? 63  PHE A CB  1 
ATOM   516 C CG  . PHE A 1 63  ? 7.775   -5.382  -2.109  1.00 24.19 ? 63  PHE A CG  1 
ATOM   517 C CD1 . PHE A 1 63  ? 6.644   -4.636  -2.444  1.00 24.30 ? 63  PHE A CD1 1 
ATOM   518 C CD2 . PHE A 1 63  ? 7.882   -6.685  -2.594  1.00 24.57 ? 63  PHE A CD2 1 
ATOM   519 C CE1 . PHE A 1 63  ? 5.637   -5.182  -3.244  1.00 24.61 ? 63  PHE A CE1 1 
ATOM   520 C CE2 . PHE A 1 63  ? 6.876   -7.238  -3.396  1.00 26.41 ? 63  PHE A CE2 1 
ATOM   521 C CZ  . PHE A 1 63  ? 5.751   -6.486  -3.719  1.00 25.24 ? 63  PHE A CZ  1 
ATOM   522 N N   . ALA A 1 64  ? 8.639   -7.074  0.941   1.00 21.97 ? 64  ALA A N   1 
ATOM   523 C CA  . ALA A 1 64  ? 8.168   -8.413  1.301   1.00 22.20 ? 64  ALA A CA  1 
ATOM   524 C C   . ALA A 1 64  ? 7.283   -8.448  2.545   1.00 21.78 ? 64  ALA A C   1 
ATOM   525 O O   . ALA A 1 64  ? 6.265   -9.146  2.569   1.00 21.45 ? 64  ALA A O   1 
ATOM   526 C CB  . ALA A 1 64  ? 9.365   -9.359  1.484   1.00 22.83 ? 64  ALA A CB  1 
ATOM   527 N N   . GLU A 1 65  ? 7.679   -7.716  3.582   1.00 22.37 ? 65  GLU A N   1 
ATOM   528 C CA  . GLU A 1 65  ? 6.905   -7.675  4.824   1.00 23.29 ? 65  GLU A CA  1 
ATOM   529 C C   . GLU A 1 65  ? 5.568   -6.961  4.646   1.00 23.05 ? 65  GLU A C   1 
ATOM   530 O O   . GLU A 1 65  ? 4.546   -7.402  5.174   1.00 22.88 ? 65  GLU A O   1 
ATOM   531 C CB  . GLU A 1 65  ? 7.706   -6.992  5.939   1.00 23.40 ? 65  GLU A CB  1 
ATOM   532 C CG  . GLU A 1 65  ? 8.818   -7.853  6.512   1.00 26.08 ? 65  GLU A CG  1 
ATOM   533 C CD  . GLU A 1 65  ? 9.954   -8.059  5.535   1.00 28.08 ? 65  GLU A CD  1 
ATOM   534 O OE1 . GLU A 1 65  ? 10.709  -9.040  5.701   1.00 27.90 ? 65  GLU A OE1 1 
ATOM   535 O OE2 . GLU A 1 65  ? 10.109  -7.238  4.604   1.00 30.15 ? 65  GLU A OE2 1 
ATOM   536 N N   . VAL A 1 66  ? 5.580   -5.851  3.916   1.00 21.82 ? 66  VAL A N   1 
ATOM   537 C CA  . VAL A 1 66  ? 4.355   -5.103  3.668   1.00 21.93 ? 66  VAL A CA  1 
ATOM   538 C C   . VAL A 1 66  ? 3.419   -5.992  2.870   1.00 21.35 ? 66  VAL A C   1 
ATOM   539 O O   . VAL A 1 66  ? 2.243   -6.131  3.204   1.00 22.43 ? 66  VAL A O   1 
ATOM   540 C CB  . VAL A 1 66  ? 4.633   -3.807  2.874   1.00 20.74 ? 66  VAL A CB  1 
ATOM   541 C CG1 . VAL A 1 66  ? 3.320   -3.177  2.405   1.00 21.38 ? 66  VAL A CG1 1 
ATOM   542 C CG2 . VAL A 1 66  ? 5.390   -2.816  3.753   1.00 22.62 ? 66  VAL A CG2 1 
ATOM   543 N N   . ARG A 1 67  ? 3.965   -6.607  1.827   1.00 22.20 ? 67  ARG A N   1 
ATOM   544 C CA  . ARG A 1 67  ? 3.206   -7.493  0.962   1.00 23.07 ? 67  ARG A CA  1 
ATOM   545 C C   . ARG A 1 67  ? 2.513   -8.595  1.754   1.00 22.77 ? 67  ARG A C   1 
ATOM   546 O O   . ARG A 1 67  ? 1.296   -8.753  1.679   1.00 22.97 ? 67  ARG A O   1 
ATOM   547 C CB  . ARG A 1 67  ? 4.142   -8.124  -0.072  1.00 22.72 ? 67  ARG A CB  1 
ATOM   548 C CG  . ARG A 1 67  ? 3.492   -9.144  -0.988  1.00 24.76 ? 67  ARG A CG  1 
ATOM   549 C CD  . ARG A 1 67  ? 4.559   -9.994  -1.637  1.00 26.34 ? 67  ARG A CD  1 
ATOM   550 N NE  . ARG A 1 67  ? 5.240   -10.816 -0.636  1.00 26.51 ? 67  ARG A NE  1 
ATOM   551 C CZ  . ARG A 1 67  ? 6.474   -11.290 -0.771  1.00 27.44 ? 67  ARG A CZ  1 
ATOM   552 N NH1 . ARG A 1 67  ? 7.173   -11.021 -1.867  1.00 26.90 ? 67  ARG A NH1 1 
ATOM   553 N NH2 . ARG A 1 67  ? 7.009   -12.033 0.188   1.00 27.15 ? 67  ARG A NH2 1 
ATOM   554 N N   . ASP A 1 68  ? 3.292   -9.350  2.524   1.00 22.88 ? 68  ASP A N   1 
ATOM   555 C CA  . ASP A 1 68  ? 2.740   -10.456 3.298   1.00 23.03 ? 68  ASP A CA  1 
ATOM   556 C C   . ASP A 1 68  ? 1.799   -10.025 4.412   1.00 22.73 ? 68  ASP A C   1 
ATOM   557 O O   . ASP A 1 68  ? 0.821   -10.718 4.722   1.00 22.08 ? 68  ASP A O   1 
ATOM   558 C CB  . ASP A 1 68  ? 3.874   -11.317 3.866   1.00 23.05 ? 68  ASP A CB  1 
ATOM   559 C CG  . ASP A 1 68  ? 4.732   -11.927 2.776   1.00 23.99 ? 68  ASP A CG  1 
ATOM   560 O OD1 . ASP A 1 68  ? 4.182   -12.223 1.693   1.00 25.19 ? 68  ASP A OD1 1 
ATOM   561 O OD2 . ASP A 1 68  ? 5.943   -12.127 2.997   1.00 24.32 ? 68  ASP A OD2 1 
ATOM   562 N N   . GLU A 1 69  ? 2.093   -8.880  5.017   1.00 23.09 ? 69  GLU A N   1 
ATOM   563 C CA  . GLU A 1 69  ? 1.257   -8.364  6.091   1.00 23.16 ? 69  GLU A CA  1 
ATOM   564 C C   . GLU A 1 69  ? -0.107  -7.968  5.524   1.00 23.84 ? 69  GLU A C   1 
ATOM   565 O O   . GLU A 1 69  ? -1.138  -8.258  6.124   1.00 22.78 ? 69  GLU A O   1 
ATOM   566 C CB  . GLU A 1 69  ? 1.933   -7.157  6.747   1.00 24.00 ? 69  GLU A CB  1 
ATOM   567 C CG  . GLU A 1 69  ? 1.270   -6.679  8.037   1.00 26.99 ? 69  GLU A CG  1 
ATOM   568 C CD  . GLU A 1 69  ? 1.434   -7.657  9.185   1.00 27.64 ? 69  GLU A CD  1 
ATOM   569 O OE1 . GLU A 1 69  ? 2.426   -8.412  9.191   1.00 29.21 ? 69  GLU A OE1 1 
ATOM   570 O OE2 . GLU A 1 69  ? 0.579   -7.662  10.094  1.00 30.14 ? 69  GLU A OE2 1 
ATOM   571 N N   . VAL A 1 70  ? -0.109  -7.305  4.370   1.00 23.89 ? 70  VAL A N   1 
ATOM   572 C CA  . VAL A 1 70  ? -1.354  -6.890  3.732   1.00 24.34 ? 70  VAL A CA  1 
ATOM   573 C C   . VAL A 1 70  ? -2.152  -8.110  3.282   1.00 24.55 ? 70  VAL A C   1 
ATOM   574 O O   . VAL A 1 70  ? -3.345  -8.228  3.574   1.00 24.21 ? 70  VAL A O   1 
ATOM   575 C CB  . VAL A 1 70  ? -1.092  -5.975  2.509   1.00 24.43 ? 70  VAL A CB  1 
ATOM   576 C CG1 . VAL A 1 70  ? -2.381  -5.780  1.703   1.00 24.03 ? 70  VAL A CG1 1 
ATOM   577 C CG2 . VAL A 1 70  ? -0.564  -4.627  2.983   1.00 23.15 ? 70  VAL A CG2 1 
ATOM   578 N N   . LYS A 1 71  ? -1.492  -9.023  2.579   1.00 25.65 ? 71  LYS A N   1 
ATOM   579 C CA  . LYS A 1 71  ? -2.169  -10.219 2.106   1.00 27.69 ? 71  LYS A CA  1 
ATOM   580 C C   . LYS A 1 71  ? -2.854  -10.987 3.236   1.00 27.84 ? 71  LYS A C   1 
ATOM   581 O O   . LYS A 1 71  ? -3.950  -11.520 3.057   1.00 26.78 ? 71  LYS A O   1 
ATOM   582 C CB  . LYS A 1 71  ? -1.187  -11.147 1.390   1.00 29.32 ? 71  LYS A CB  1 
ATOM   583 C CG  . LYS A 1 71  ? -1.861  -12.369 0.812   1.00 33.95 ? 71  LYS A CG  1 
ATOM   584 C CD  . LYS A 1 71  ? -1.184  -12.839 -0.444  1.00 36.83 ? 71  LYS A CD  1 
ATOM   585 C CE  . LYS A 1 71  ? -2.069  -13.834 -1.171  1.00 38.73 ? 71  LYS A CE  1 
ATOM   586 N NZ  . LYS A 1 71  ? -1.502  -14.186 -2.499  1.00 40.73 ? 71  LYS A NZ  1 
ATOM   587 N N   . ALA A 1 72  ? -2.216  -11.029 4.402   1.00 27.92 ? 72  ALA A N   1 
ATOM   588 C CA  . ALA A 1 72  ? -2.761  -11.755 5.552   1.00 27.89 ? 72  ALA A CA  1 
ATOM   589 C C   . ALA A 1 72  ? -4.021  -11.148 6.161   1.00 28.83 ? 72  ALA A C   1 
ATOM   590 O O   . ALA A 1 72  ? -4.802  -11.852 6.801   1.00 30.52 ? 72  ALA A O   1 
ATOM   591 C CB  . ALA A 1 72  ? -1.684  -11.900 6.637   1.00 28.06 ? 72  ALA A CB  1 
ATOM   592 N N   . MET A 1 73  ? -4.234  -9.850  5.972   1.00 28.18 ? 73  MET A N   1 
ATOM   593 C CA  . MET A 1 73  ? -5.418  -9.213  6.542   1.00 27.40 ? 73  MET A CA  1 
ATOM   594 C C   . MET A 1 73  ? -6.402  -8.678  5.494   1.00 26.16 ? 73  MET A C   1 
ATOM   595 O O   . MET A 1 73  ? -7.474  -8.183  5.838   1.00 25.75 ? 73  MET A O   1 
ATOM   596 C CB  . MET A 1 73  ? -4.982  -8.084  7.486   1.00 28.25 ? 73  MET A CB  1 
ATOM   597 C CG  . MET A 1 73  ? -4.236  -6.949  6.801   1.00 28.93 ? 73  MET A CG  1 
ATOM   598 S SD  . MET A 1 73  ? -3.536  -5.718  7.956   1.00 30.12 ? 73  MET A SD  1 
ATOM   599 C CE  . MET A 1 73  ? -5.001  -4.910  8.578   1.00 30.34 ? 73  MET A CE  1 
ATOM   600 N N   . HIS A 1 74  ? -6.045  -8.808  4.220   1.00 24.89 ? 74  HIS A N   1 
ATOM   601 C CA  . HIS A 1 74  ? -6.879  -8.307  3.123   1.00 24.08 ? 74  HIS A CA  1 
ATOM   602 C C   . HIS A 1 74  ? -8.120  -9.151  2.803   1.00 24.59 ? 74  HIS A C   1 
ATOM   603 O O   . HIS A 1 74  ? -8.086  -10.377 2.918   1.00 23.25 ? 74  HIS A O   1 
ATOM   604 C CB  . HIS A 1 74  ? -6.022  -8.173  1.861   1.00 23.38 ? 74  HIS A CB  1 
ATOM   605 C CG  . HIS A 1 74  ? -6.431  -7.045  0.966   1.00 23.04 ? 74  HIS A CG  1 
ATOM   606 N ND1 . HIS A 1 74  ? -7.623  -7.037  0.273   1.00 23.54 ? 74  HIS A ND1 1 
ATOM   607 C CD2 . HIS A 1 74  ? -5.818  -5.876  0.677   1.00 22.29 ? 74  HIS A CD2 1 
ATOM   608 C CE1 . HIS A 1 74  ? -7.725  -5.905  -0.403  1.00 22.99 ? 74  HIS A CE1 1 
ATOM   609 N NE2 . HIS A 1 74  ? -6.644  -5.183  -0.175  1.00 23.42 ? 74  HIS A NE2 1 
ATOM   610 N N   . SER A 1 75  ? -9.202  -8.487  2.395   1.00 24.22 ? 75  SER A N   1 
ATOM   611 C CA  . SER A 1 75  ? -10.439 -9.172  2.042   1.00 24.88 ? 75  SER A CA  1 
ATOM   612 C C   . SER A 1 75  ? -10.305 -9.951  0.736   1.00 25.28 ? 75  SER A C   1 
ATOM   613 O O   . SER A 1 75  ? -10.972 -10.969 0.539   1.00 25.84 ? 75  SER A O   1 
ATOM   614 C CB  . SER A 1 75  ? -11.604 -8.177  1.912   1.00 25.07 ? 75  SER A CB  1 
ATOM   615 O OG  . SER A 1 75  ? -12.011 -7.653  3.160   1.00 26.54 ? 75  SER A OG  1 
ATOM   616 N N   . TYR A 1 76  ? -9.446  -9.474  -0.163  1.00 24.73 ? 76  TYR A N   1 
ATOM   617 C CA  . TYR A 1 76  ? -9.257  -10.126 -1.466  1.00 24.72 ? 76  TYR A CA  1 
ATOM   618 C C   . TYR A 1 76  ? -8.302  -11.317 -1.425  1.00 25.18 ? 76  TYR A C   1 
ATOM   619 O O   . TYR A 1 76  ? -7.307  -11.316 -0.696  1.00 23.71 ? 76  TYR A O   1 
ATOM   620 C CB  . TYR A 1 76  ? -8.716  -9.133  -2.506  1.00 23.86 ? 76  TYR A CB  1 
ATOM   621 C CG  . TYR A 1 76  ? -9.468  -7.825  -2.658  1.00 23.09 ? 76  TYR A CG  1 
ATOM   622 C CD1 . TYR A 1 76  ? -8.917  -6.787  -3.409  1.00 24.10 ? 76  TYR A CD1 1 
ATOM   623 C CD2 . TYR A 1 76  ? -10.687 -7.602  -2.020  1.00 23.97 ? 76  TYR A CD2 1 
ATOM   624 C CE1 . TYR A 1 76  ? -9.548  -5.553  -3.517  1.00 25.69 ? 76  TYR A CE1 1 
ATOM   625 C CE2 . TYR A 1 76  ? -11.333 -6.367  -2.120  1.00 23.69 ? 76  TYR A CE2 1 
ATOM   626 C CZ  . TYR A 1 76  ? -10.760 -5.348  -2.862  1.00 25.34 ? 76  TYR A CZ  1 
ATOM   627 O OH  . TYR A 1 76  ? -11.375 -4.111  -2.923  1.00 25.68 ? 76  TYR A OH  1 
ATOM   628 N N   . THR A 1 77  ? -8.602  -12.331 -2.230  1.00 25.91 ? 77  THR A N   1 
ATOM   629 C CA  . THR A 1 77  ? -7.745  -13.502 -2.294  1.00 27.08 ? 77  THR A CA  1 
ATOM   630 C C   . THR A 1 77  ? -6.468  -13.099 -3.016  1.00 26.33 ? 77  THR A C   1 
ATOM   631 O O   . THR A 1 77  ? -5.380  -13.545 -2.663  1.00 26.42 ? 77  THR A O   1 
ATOM   632 C CB  . THR A 1 77  ? -8.417  -14.663 -3.061  1.00 28.62 ? 77  THR A CB  1 
ATOM   633 O OG1 . THR A 1 77  ? -9.631  -15.027 -2.397  1.00 30.41 ? 77  THR A OG1 1 
ATOM   634 C CG2 . THR A 1 77  ? -7.500  -15.878 -3.111  1.00 29.86 ? 77  THR A CG2 1 
ATOM   635 N N   . THR A 1 78  ? -6.608  -12.228 -4.010  1.00 25.72 ? 78  THR A N   1 
ATOM   636 C CA  . THR A 1 78  ? -5.470  -11.755 -4.787  1.00 25.12 ? 78  THR A CA  1 
ATOM   637 C C   . THR A 1 78  ? -5.497  -10.229 -4.905  1.00 25.24 ? 78  THR A C   1 
ATOM   638 O O   . THR A 1 78  ? -5.838  -9.685  -5.959  1.00 24.09 ? 78  THR A O   1 
ATOM   639 C CB  . THR A 1 78  ? -5.493  -12.353 -6.205  1.00 26.76 ? 78  THR A CB  1 
ATOM   640 O OG1 . THR A 1 78  ? -5.778  -13.756 -6.119  1.00 28.07 ? 78  THR A OG1 1 
ATOM   641 C CG2 . THR A 1 78  ? -4.147  -12.145 -6.881  1.00 26.74 ? 78  THR A CG2 1 
ATOM   642 N N   . PRO A 1 79  ? -5.127  -9.518  -3.829  1.00 24.10 ? 79  PRO A N   1 
ATOM   643 C CA  . PRO A 1 79  ? -5.121  -8.051  -3.827  1.00 23.98 ? 79  PRO A CA  1 
ATOM   644 C C   . PRO A 1 79  ? -4.018  -7.422  -4.670  1.00 22.98 ? 79  PRO A C   1 
ATOM   645 O O   . PRO A 1 79  ? -2.970  -8.026  -4.885  1.00 22.52 ? 79  PRO A O   1 
ATOM   646 C CB  . PRO A 1 79  ? -4.969  -7.720  -2.349  1.00 24.22 ? 79  PRO A CB  1 
ATOM   647 C CG  . PRO A 1 79  ? -4.053  -8.803  -1.878  1.00 24.08 ? 79  PRO A CG  1 
ATOM   648 C CD  . PRO A 1 79  ? -4.645  -10.049 -2.544  1.00 24.06 ? 79  PRO A CD  1 
ATOM   649 N N   . CYS A 1 80  ? -4.251  -6.207  -5.154  1.00 22.59 ? 80  CYS A N   1 
ATOM   650 C CA  . CYS A 1 80  ? -3.242  -5.521  -5.942  1.00 22.42 ? 80  CYS A CA  1 
ATOM   651 C C   . CYS A 1 80  ? -2.222  -4.983  -4.943  1.00 21.89 ? 80  CYS A C   1 
ATOM   652 O O   . CYS A 1 80  ? -2.576  -4.284  -3.990  1.00 21.97 ? 80  CYS A O   1 
ATOM   653 C CB  . CYS A 1 80  ? -3.882  -4.370  -6.729  1.00 23.57 ? 80  CYS A CB  1 
ATOM   654 S SG  . CYS A 1 80  ? -2.709  -3.189  -7.467  1.00 26.55 ? 80  CYS A SG  1 
ATOM   655 N N   . ILE A 1 81  ? -0.969  -5.372  -5.136  1.00 21.77 ? 81  ILE A N   1 
ATOM   656 C CA  . ILE A 1 81  ? 0.122   -4.925  -4.291  1.00 21.95 ? 81  ILE A CA  1 
ATOM   657 C C   . ILE A 1 81  ? 1.317   -4.761  -5.216  1.00 22.81 ? 81  ILE A C   1 
ATOM   658 O O   . ILE A 1 81  ? 2.017   -5.726  -5.535  1.00 22.14 ? 81  ILE A O   1 
ATOM   659 C CB  . ILE A 1 81  ? 0.491   -5.945  -3.195  1.00 21.64 ? 81  ILE A CB  1 
ATOM   660 C CG1 . ILE A 1 81  ? -0.737  -6.289  -2.350  1.00 22.22 ? 81  ILE A CG1 1 
ATOM   661 C CG2 . ILE A 1 81  ? 1.564   -5.346  -2.292  1.00 22.51 ? 81  ILE A CG2 1 
ATOM   662 C CD1 . ILE A 1 81  ? -0.475  -7.365  -1.300  1.00 22.92 ? 81  ILE A CD1 1 
ATOM   663 N N   . CYS A 1 82  ? 1.544   -3.530  -5.652  1.00 22.61 ? 82  CYS A N   1 
ATOM   664 C CA  . CYS A 1 82  ? 2.634   -3.235  -6.574  1.00 22.87 ? 82  CYS A CA  1 
ATOM   665 C C   . CYS A 1 82  ? 3.585   -2.153  -6.071  1.00 22.26 ? 82  CYS A C   1 
ATOM   666 O O   . CYS A 1 82  ? 3.153   -1.103  -5.602  1.00 22.33 ? 82  CYS A O   1 
ATOM   667 C CB  . CYS A 1 82  ? 2.061   -2.790  -7.918  1.00 23.21 ? 82  CYS A CB  1 
ATOM   668 S SG  . CYS A 1 82  ? 1.019   -4.005  -8.735  1.00 27.07 ? 82  CYS A SG  1 
ATOM   669 N N   . ALA A 1 83  ? 4.884   -2.406  -6.182  1.00 21.44 ? 83  ALA A N   1 
ATOM   670 C CA  . ALA A 1 83  ? 5.867   -1.434  -5.749  1.00 20.64 ? 83  ALA A CA  1 
ATOM   671 C C   . ALA A 1 83  ? 6.303   -0.584  -6.920  1.00 20.93 ? 83  ALA A C   1 
ATOM   672 O O   . ALA A 1 83  ? 6.611   -1.097  -7.994  1.00 18.58 ? 83  ALA A O   1 
ATOM   673 C CB  . ALA A 1 83  ? 7.067   -2.125  -5.155  1.00 22.22 ? 83  ALA A CB  1 
ATOM   674 N N   . ILE A 1 84  ? 6.319   0.724   -6.693  1.00 20.35 ? 84  ILE A N   1 
ATOM   675 C CA  . ILE A 1 84  ? 6.736   1.689   -7.695  1.00 21.19 ? 84  ILE A CA  1 
ATOM   676 C C   . ILE A 1 84  ? 7.998   2.337   -7.145  1.00 20.87 ? 84  ILE A C   1 
ATOM   677 O O   . ILE A 1 84  ? 8.032   2.795   -6.007  1.00 19.99 ? 84  ILE A O   1 
ATOM   678 C CB  . ILE A 1 84  ? 5.656   2.761   -7.923  1.00 22.60 ? 84  ILE A CB  1 
ATOM   679 C CG1 . ILE A 1 84  ? 4.346   2.093   -8.348  1.00 23.70 ? 84  ILE A CG1 1 
ATOM   680 C CG2 . ILE A 1 84  ? 6.104   3.737   -8.998  1.00 23.59 ? 84  ILE A CG2 1 
ATOM   681 C CD1 . ILE A 1 84  ? 3.170   3.034   -8.450  1.00 27.17 ? 84  ILE A CD1 1 
ATOM   682 N N   . PRO A 1 85  ? 9.058   2.377   -7.954  1.00 21.41 ? 85  PRO A N   1 
ATOM   683 C CA  . PRO A 1 85  ? 10.330  2.966   -7.535  1.00 22.11 ? 85  PRO A CA  1 
ATOM   684 C C   . PRO A 1 85  ? 10.375  4.484   -7.427  1.00 22.36 ? 85  PRO A C   1 
ATOM   685 O O   . PRO A 1 85  ? 9.776   5.208   -8.231  1.00 21.88 ? 85  PRO A O   1 
ATOM   686 C CB  . PRO A 1 85  ? 11.304  2.438   -8.584  1.00 22.68 ? 85  PRO A CB  1 
ATOM   687 C CG  . PRO A 1 85  ? 10.449  2.397   -9.816  1.00 21.52 ? 85  PRO A CG  1 
ATOM   688 C CD  . PRO A 1 85  ? 9.180   1.766   -9.289  1.00 20.81 ? 85  PRO A CD  1 
ATOM   689 N N   . ILE A 1 86  ? 11.081  4.954   -6.404  1.00 23.05 ? 86  ILE A N   1 
ATOM   690 C CA  . ILE A 1 86  ? 11.274  6.382   -6.207  1.00 22.92 ? 86  ILE A CA  1 
ATOM   691 C C   . ILE A 1 86  ? 12.684  6.664   -6.728  1.00 23.89 ? 86  ILE A C   1 
ATOM   692 O O   . ILE A 1 86  ? 13.666  6.141   -6.207  1.00 24.53 ? 86  ILE A O   1 
ATOM   693 C CB  . ILE A 1 86  ? 11.182  6.772   -4.717  1.00 22.04 ? 86  ILE A CB  1 
ATOM   694 C CG1 . ILE A 1 86  ? 9.731   6.619   -4.241  1.00 22.21 ? 86  ILE A CG1 1 
ATOM   695 C CG2 . ILE A 1 86  ? 11.663  8.214   -4.515  1.00 21.30 ? 86  ILE A CG2 1 
ATOM   696 C CD1 . ILE A 1 86  ? 9.544   6.877   -2.753  1.00 22.34 ? 86  ILE A CD1 1 
ATOM   697 N N   . GLU A 1 87  ? 12.769  7.490   -7.762  1.00 24.50 ? 87  GLU A N   1 
ATOM   698 C CA  . GLU A 1 87  ? 14.040  7.839   -8.383  1.00 27.15 ? 87  GLU A CA  1 
ATOM   699 C C   . GLU A 1 87  ? 14.830  8.827   -7.539  1.00 27.65 ? 87  GLU A C   1 
ATOM   700 O O   . GLU A 1 87  ? 16.035  8.670   -7.345  1.00 28.07 ? 87  GLU A O   1 
ATOM   701 C CB  . GLU A 1 87  ? 13.791  8.428   -9.778  1.00 28.19 ? 87  GLU A CB  1 
ATOM   702 C CG  . GLU A 1 87  ? 15.040  8.592   -10.630 1.00 30.50 ? 87  GLU A CG  1 
ATOM   703 C CD  . GLU A 1 87  ? 14.727  8.955   -12.083 1.00 30.82 ? 87  GLU A CD  1 
ATOM   704 O OE1 . GLU A 1 87  ? 15.654  8.949   -12.912 1.00 34.30 ? 87  GLU A OE1 1 
ATOM   705 O OE2 . GLU A 1 87  ? 13.560  9.247   -12.395 1.00 32.49 ? 87  GLU A OE2 1 
ATOM   706 N N   . ARG A 1 88  ? 14.139  9.838   -7.027  1.00 28.17 ? 88  ARG A N   1 
ATOM   707 C CA  . ARG A 1 88  ? 14.764  10.873  -6.204  1.00 27.50 ? 88  ARG A CA  1 
ATOM   708 C C   . ARG A 1 88  ? 13.749  11.430  -5.218  1.00 25.99 ? 88  ARG A C   1 
ATOM   709 O O   . ARG A 1 88  ? 12.545  11.262  -5.398  1.00 24.22 ? 88  ARG A O   1 
ATOM   710 C CB  . ARG A 1 88  ? 15.277  12.009  -7.093  1.00 30.18 ? 88  ARG A CB  1 
ATOM   711 C CG  . ARG A 1 88  ? 16.418  11.620  -8.018  1.00 35.40 ? 88  ARG A CG  1 
ATOM   712 C CD  . ARG A 1 88  ? 16.771  12.751  -8.971  1.00 39.03 ? 88  ARG A CD  1 
ATOM   713 N NE  . ARG A 1 88  ? 17.088  13.996  -8.279  1.00 43.41 ? 88  ARG A NE  1 
ATOM   714 C CZ  . ARG A 1 88  ? 18.036  14.126  -7.354  1.00 44.56 ? 88  ARG A CZ  1 
ATOM   715 N NH1 . ARG A 1 88  ? 18.770  13.084  -6.996  1.00 46.62 ? 88  ARG A NH1 1 
ATOM   716 N NH2 . ARG A 1 88  ? 18.255  15.306  -6.790  1.00 46.39 ? 88  ARG A NH2 1 
ATOM   717 N N   . GLY A 1 89  ? 14.241  12.085  -4.173  1.00 24.47 ? 89  GLY A N   1 
ATOM   718 C CA  . GLY A 1 89  ? 13.353  12.664  -3.188  1.00 23.41 ? 89  GLY A CA  1 
ATOM   719 C C   . GLY A 1 89  ? 14.057  13.606  -2.236  1.00 24.65 ? 89  GLY A C   1 
ATOM   720 O O   . GLY A 1 89  ? 15.282  13.551  -2.075  1.00 24.24 ? 89  GLY A O   1 
ATOM   721 N N   . LEU A 1 90  ? 13.285  14.489  -1.611  1.00 23.31 ? 90  LEU A N   1 
ATOM   722 C CA  . LEU A 1 90  ? 13.848  15.432  -0.657  1.00 23.87 ? 90  LEU A CA  1 
ATOM   723 C C   . LEU A 1 90  ? 14.609  14.606  0.375   1.00 23.66 ? 90  LEU A C   1 
ATOM   724 O O   . LEU A 1 90  ? 14.038  13.714  0.995   1.00 22.52 ? 90  LEU A O   1 
ATOM   725 C CB  . LEU A 1 90  ? 12.729  16.221  0.029   1.00 23.35 ? 90  LEU A CB  1 
ATOM   726 C CG  . LEU A 1 90  ? 13.179  17.182  1.133   1.00 23.24 ? 90  LEU A CG  1 
ATOM   727 C CD1 . LEU A 1 90  ? 14.025  18.300  0.541   1.00 22.45 ? 90  LEU A CD1 1 
ATOM   728 C CD2 . LEU A 1 90  ? 11.954  17.757  1.829   1.00 23.03 ? 90  LEU A CD2 1 
ATOM   729 N N   . LYS A 1 91  ? 15.896  14.892  0.553   1.00 24.56 ? 91  LYS A N   1 
ATOM   730 C CA  . LYS A 1 91  ? 16.721  14.148  1.510   1.00 24.67 ? 91  LYS A CA  1 
ATOM   731 C C   . LYS A 1 91  ? 16.090  14.072  2.891   1.00 24.82 ? 91  LYS A C   1 
ATOM   732 O O   . LYS A 1 91  ? 15.987  12.998  3.482   1.00 24.69 ? 91  LYS A O   1 
ATOM   733 C CB  . LYS A 1 91  ? 18.102  14.791  1.639   1.00 27.06 ? 91  LYS A CB  1 
ATOM   734 C CG  . LYS A 1 91  ? 18.954  14.177  2.739   1.00 29.57 ? 91  LYS A CG  1 
ATOM   735 C CD  . LYS A 1 91  ? 20.261  14.927  2.941   1.00 33.77 ? 91  LYS A CD  1 
ATOM   736 C CE  . LYS A 1 91  ? 21.058  14.351  4.106   1.00 35.24 ? 91  LYS A CE  1 
ATOM   737 N NZ  . LYS A 1 91  ? 22.349  15.081  4.284   1.00 39.17 ? 91  LYS A NZ  1 
ATOM   738 N N   . GLU A 1 92  ? 15.685  15.231  3.396   1.00 25.19 ? 92  GLU A N   1 
ATOM   739 C CA  . GLU A 1 92  ? 15.057  15.342  4.703   1.00 26.46 ? 92  GLU A CA  1 
ATOM   740 C C   . GLU A 1 92  ? 13.874  14.380  4.839   1.00 26.05 ? 92  GLU A C   1 
ATOM   741 O O   . GLU A 1 92  ? 13.694  13.747  5.877   1.00 23.77 ? 92  GLU A O   1 
ATOM   742 C CB  . GLU A 1 92  ? 14.552  16.770  4.932   1.00 29.61 ? 92  GLU A CB  1 
ATOM   743 C CG  . GLU A 1 92  ? 15.620  17.861  5.095   1.00 33.95 ? 92  GLU A CG  1 
ATOM   744 C CD  . GLU A 1 92  ? 16.590  17.972  3.928   1.00 35.92 ? 92  GLU A CD  1 
ATOM   745 O OE1 . GLU A 1 92  ? 16.166  17.901  2.752   1.00 35.91 ? 92  GLU A OE1 1 
ATOM   746 O OE2 . GLU A 1 92  ? 17.800  18.155  4.193   1.00 39.37 ? 92  GLU A OE2 1 
ATOM   747 N N   . PHE A 1 93  ? 13.059  14.285  3.790   1.00 24.58 ? 93  PHE A N   1 
ATOM   748 C CA  . PHE A 1 93  ? 11.889  13.409  3.808   1.00 23.32 ? 93  PHE A CA  1 
ATOM   749 C C   . PHE A 1 93  ? 12.294  11.940  3.768   1.00 22.74 ? 93  PHE A C   1 
ATOM   750 O O   . PHE A 1 93  ? 11.761  11.130  4.521   1.00 22.96 ? 93  PHE A O   1 
ATOM   751 C CB  . PHE A 1 93  ? 10.969  13.709  2.616   1.00 21.45 ? 93  PHE A CB  1 
ATOM   752 C CG  . PHE A 1 93  ? 9.718   12.865  2.592   1.00 21.83 ? 93  PHE A CG  1 
ATOM   753 C CD1 . PHE A 1 93  ? 8.704   13.081  3.521   1.00 22.61 ? 93  PHE A CD1 1 
ATOM   754 C CD2 . PHE A 1 93  ? 9.566   11.840  1.658   1.00 21.36 ? 93  PHE A CD2 1 
ATOM   755 C CE1 . PHE A 1 93  ? 7.560   12.293  3.523   1.00 21.46 ? 93  PHE A CE1 1 
ATOM   756 C CE2 . PHE A 1 93  ? 8.431   11.046  1.649   1.00 20.62 ? 93  PHE A CE2 1 
ATOM   757 C CZ  . PHE A 1 93  ? 7.423   11.272  2.586   1.00 21.97 ? 93  PHE A CZ  1 
ATOM   758 N N   . LEU A 1 94  ? 13.223  11.599  2.883   1.00 22.38 ? 94  LEU A N   1 
ATOM   759 C CA  . LEU A 1 94  ? 13.670  10.225  2.767   1.00 23.09 ? 94  LEU A CA  1 
ATOM   760 C C   . LEU A 1 94  ? 14.361  9.763   4.043   1.00 23.27 ? 94  LEU A C   1 
ATOM   761 O O   . LEU A 1 94  ? 14.209  8.609   4.453   1.00 23.40 ? 94  LEU A O   1 
ATOM   762 C CB  . LEU A 1 94  ? 14.604  10.056  1.569   1.00 22.05 ? 94  LEU A CB  1 
ATOM   763 C CG  . LEU A 1 94  ? 13.993  10.298  0.189   1.00 22.28 ? 94  LEU A CG  1 
ATOM   764 C CD1 . LEU A 1 94  ? 15.023  9.948   -0.881  1.00 23.34 ? 94  LEU A CD1 1 
ATOM   765 C CD2 . LEU A 1 94  ? 12.733  9.451   0.013   1.00 22.09 ? 94  LEU A CD2 1 
ATOM   766 N N   . ASP A 1 95  ? 15.114  10.655  4.682   1.00 24.09 ? 95  ASP A N   1 
ATOM   767 C CA  . ASP A 1 95  ? 15.799  10.300  5.928   1.00 24.67 ? 95  ASP A CA  1 
ATOM   768 C C   . ASP A 1 95  ? 14.768  10.029  7.014   1.00 24.25 ? 95  ASP A C   1 
ATOM   769 O O   . ASP A 1 95  ? 14.974  9.169   7.865   1.00 24.52 ? 95  ASP A O   1 
ATOM   770 C CB  . ASP A 1 95  ? 16.735  11.419  6.405   1.00 26.63 ? 95  ASP A CB  1 
ATOM   771 C CG  . ASP A 1 95  ? 17.961  11.592  5.521   1.00 27.71 ? 95  ASP A CG  1 
ATOM   772 O OD1 . ASP A 1 95  ? 18.442  10.603  4.933   1.00 28.69 ? 95  ASP A OD1 1 
ATOM   773 O OD2 . ASP A 1 95  ? 18.457  12.726  5.442   1.00 30.22 ? 95  ASP A OD2 1 
ATOM   774 N N   . TRP A 1 96  ? 13.659  10.764  6.981   1.00 23.75 ? 96  TRP A N   1 
ATOM   775 C CA  . TRP A 1 96  ? 12.603  10.572  7.966   1.00 23.01 ? 96  TRP A CA  1 
ATOM   776 C C   . TRP A 1 96  ? 12.011  9.180   7.789   1.00 23.10 ? 96  TRP A C   1 
ATOM   777 O O   . TRP A 1 96  ? 11.734  8.478   8.766   1.00 23.38 ? 96  TRP A O   1 
ATOM   778 C CB  . TRP A 1 96  ? 11.514  11.630  7.791   1.00 23.88 ? 96  TRP A CB  1 
ATOM   779 C CG  . TRP A 1 96  ? 10.269  11.308  8.540   1.00 24.34 ? 96  TRP A CG  1 
ATOM   780 C CD1 . TRP A 1 96  ? 10.097  11.302  9.898   1.00 23.98 ? 96  TRP A CD1 1 
ATOM   781 C CD2 . TRP A 1 96  ? 9.026   10.883  7.976   1.00 24.38 ? 96  TRP A CD2 1 
ATOM   782 N NE1 . TRP A 1 96  ? 8.823   10.895  10.210  1.00 24.61 ? 96  TRP A NE1 1 
ATOM   783 C CE2 . TRP A 1 96  ? 8.148   10.627  9.053   1.00 24.64 ? 96  TRP A CE2 1 
ATOM   784 C CE3 . TRP A 1 96  ? 8.575   10.682  6.665   1.00 23.84 ? 96  TRP A CE3 1 
ATOM   785 C CZ2 . TRP A 1 96  ? 6.831   10.192  8.852   1.00 24.63 ? 96  TRP A CZ2 1 
ATOM   786 C CZ3 . TRP A 1 96  ? 7.273   10.248  6.468   1.00 24.91 ? 96  TRP A CZ3 1 
ATOM   787 C CH2 . TRP A 1 96  ? 6.414   10.003  7.559   1.00 23.97 ? 96  TRP A CH2 1 
ATOM   788 N N   . ILE A 1 97  ? 11.810  8.780   6.537   1.00 22.39 ? 97  ILE A N   1 
ATOM   789 C CA  . ILE A 1 97  ? 11.273  7.454   6.267   1.00 22.13 ? 97  ILE A CA  1 
ATOM   790 C C   . ILE A 1 97  ? 12.199  6.390   6.863   1.00 22.47 ? 97  ILE A C   1 
ATOM   791 O O   . ILE A 1 97  ? 11.748  5.495   7.581   1.00 22.03 ? 97  ILE A O   1 
ATOM   792 C CB  . ILE A 1 97  ? 11.131  7.192   4.753   1.00 21.21 ? 97  ILE A CB  1 
ATOM   793 C CG1 . ILE A 1 97  ? 9.965   8.017   4.190   1.00 21.05 ? 97  ILE A CG1 1 
ATOM   794 C CG2 . ILE A 1 97  ? 10.897  5.703   4.501   1.00 20.36 ? 97  ILE A CG2 1 
ATOM   795 C CD1 . ILE A 1 97  ? 9.746   7.823   2.697   1.00 21.15 ? 97  ILE A CD1 1 
ATOM   796 N N   . ASP A 1 98  ? 13.492  6.495   6.573   1.00 24.74 ? 98  ASP A N   1 
ATOM   797 C CA  . ASP A 1 98  ? 14.469  5.530   7.077   1.00 25.84 ? 98  ASP A CA  1 
ATOM   798 C C   . ASP A 1 98  ? 14.485  5.424   8.602   1.00 26.50 ? 98  ASP A C   1 
ATOM   799 O O   . ASP A 1 98  ? 14.490  4.322   9.146   1.00 27.02 ? 98  ASP A O   1 
ATOM   800 C CB  . ASP A 1 98  ? 15.881  5.878   6.592   1.00 26.17 ? 98  ASP A CB  1 
ATOM   801 C CG  . ASP A 1 98  ? 16.013  5.841   5.087   1.00 27.34 ? 98  ASP A CG  1 
ATOM   802 O OD1 . ASP A 1 98  ? 15.266  5.081   4.431   1.00 26.17 ? 98  ASP A OD1 1 
ATOM   803 O OD2 . ASP A 1 98  ? 16.884  6.569   4.556   1.00 27.84 ? 98  ASP A OD2 1 
ATOM   804 N N   . GLU A 1 99  ? 14.518  6.561   9.289   1.00 27.39 ? 99  GLU A N   1 
ATOM   805 C CA  . GLU A 1 99  ? 14.538  6.563   10.749  1.00 28.98 ? 99  GLU A CA  1 
ATOM   806 C C   . GLU A 1 99  ? 13.257  5.952   11.310  1.00 28.31 ? 99  GLU A C   1 
ATOM   807 O O   . GLU A 1 99  ? 13.261  5.346   12.382  1.00 26.94 ? 99  GLU A O   1 
ATOM   808 C CB  . GLU A 1 99  ? 14.708  7.995   11.257  1.00 31.30 ? 99  GLU A CB  1 
ATOM   809 C CG  . GLU A 1 99  ? 15.892  8.702   10.619  1.00 37.15 ? 99  GLU A CG  1 
ATOM   810 C CD  . GLU A 1 99  ? 16.021  10.147  11.032  1.00 39.80 ? 99  GLU A CD  1 
ATOM   811 O OE1 . GLU A 1 99  ? 15.025  10.894  10.920  1.00 42.28 ? 99  GLU A OE1 1 
ATOM   812 O OE2 . GLU A 1 99  ? 17.126  10.543  11.459  1.00 43.54 ? 99  GLU A OE2 1 
ATOM   813 N N   . THR A 1 100 ? 12.159  6.105   10.575  1.00 27.83 ? 100 THR A N   1 
ATOM   814 C CA  . THR A 1 100 ? 10.879  5.565   11.012  1.00 28.20 ? 100 THR A CA  1 
ATOM   815 C C   . THR A 1 100 ? 10.796  4.050   10.853  1.00 29.30 ? 100 THR A C   1 
ATOM   816 O O   . THR A 1 100 ? 10.339  3.353   11.754  1.00 29.16 ? 100 THR A O   1 
ATOM   817 C CB  . THR A 1 100 ? 9.707   6.193   10.235  1.00 27.15 ? 100 THR A CB  1 
ATOM   818 O OG1 . THR A 1 100 ? 9.749   7.617   10.368  1.00 23.64 ? 100 THR A OG1 1 
ATOM   819 C CG2 . THR A 1 100 ? 8.375   5.678   10.765  1.00 26.24 ? 100 THR A CG2 1 
ATOM   820 N N   . VAL A 1 101 ? 11.232  3.535   9.709   1.00 31.00 ? 101 VAL A N   1 
ATOM   821 C CA  . VAL A 1 101 ? 11.181  2.094   9.475   1.00 35.19 ? 101 VAL A CA  1 
ATOM   822 C C   . VAL A 1 101 ? 12.384  1.351   10.045  1.00 38.35 ? 101 VAL A C   1 
ATOM   823 O O   . VAL A 1 101 ? 12.406  0.122   10.078  1.00 38.96 ? 101 VAL A O   1 
ATOM   824 C CB  . VAL A 1 101 ? 11.063  1.771   7.965   1.00 34.94 ? 101 VAL A CB  1 
ATOM   825 C CG1 . VAL A 1 101 ? 9.730   2.264   7.432   1.00 35.12 ? 101 VAL A CG1 1 
ATOM   826 C CG2 . VAL A 1 101 ? 12.213  2.415   7.203   1.00 35.21 ? 101 VAL A CG2 1 
ATOM   827 N N   . GLU A 1 102 ? 13.380  2.105   10.495  1.00 41.79 ? 102 GLU A N   1 
ATOM   828 C CA  . GLU A 1 102 ? 14.592  1.534   11.073  1.00 45.41 ? 102 GLU A CA  1 
ATOM   829 C C   . GLU A 1 102 ? 14.741  2.033   12.507  1.00 46.14 ? 102 GLU A C   1 
ATOM   830 O O   . GLU A 1 102 ? 15.487  3.015   12.703  1.00 47.31 ? 102 GLU A O   1 
ATOM   831 C CB  . GLU A 1 102 ? 15.815  1.948   10.248  1.00 46.83 ? 102 GLU A CB  1 
ATOM   832 C CG  . GLU A 1 102 ? 15.747  1.540   8.787   1.00 49.81 ? 102 GLU A CG  1 
ATOM   833 C CD  . GLU A 1 102 ? 16.885  2.123   7.976   1.00 51.59 ? 102 GLU A CD  1 
ATOM   834 O OE1 . GLU A 1 102 ? 18.057  1.828   8.292   1.00 53.43 ? 102 GLU A OE1 1 
ATOM   835 O OE2 . GLU A 1 102 ? 16.606  2.880   7.021   1.00 52.69 ? 102 GLU A OE2 1 
ATOM   836 O OXT . GLU A 1 102 ? 14.097  1.450   13.403  1.00 47.21 ? 102 GLU A OXT 1 
HETATM 837 O O   . HOH B 2 .   ? -15.563 1.904   5.609   1.00 25.75 ? 103 HOH A O   1 
HETATM 838 O O   . HOH B 2 .   ? -9.167  -11.276 -5.385  1.00 26.00 ? 104 HOH A O   1 
HETATM 839 O O   . HOH B 2 .   ? -19.629 -6.046  -17.518 1.00 19.88 ? 105 HOH A O   1 
HETATM 840 O O   . HOH B 2 .   ? 15.450  -0.440  0.929   1.00 23.31 ? 106 HOH A O   1 
HETATM 841 O O   . HOH B 2 .   ? 13.653  1.394   -5.563  1.00 35.62 ? 107 HOH A O   1 
HETATM 842 O O   . HOH B 2 .   ? 17.223  17.017  -1.290  1.00 23.17 ? 108 HOH A O   1 
HETATM 843 O O   . HOH B 2 .   ? -15.983 2.744   2.779   1.00 28.10 ? 109 HOH A O   1 
HETATM 844 O O   . HOH B 2 .   ? -6.492  -5.011  -4.559  1.00 31.21 ? 110 HOH A O   1 
HETATM 845 O O   . HOH B 2 .   ? -11.211 10.205  -5.328  1.00 27.61 ? 111 HOH A O   1 
HETATM 846 O O   . HOH B 2 .   ? 15.067  4.837   -4.316  1.00 28.67 ? 112 HOH A O   1 
HETATM 847 O O   . HOH B 2 .   ? -8.083  -9.599  -8.108  1.00 44.85 ? 113 HOH A O   1 
HETATM 848 O O   . HOH B 2 .   ? 17.201  11.276  -3.753  1.00 29.33 ? 114 HOH A O   1 
HETATM 849 O O   . HOH B 2 .   ? 16.027  6.930   -2.854  1.00 43.20 ? 115 HOH A O   1 
HETATM 850 O O   . HOH B 2 .   ? 18.171  12.522  -1.373  1.00 51.40 ? 116 HOH A O   1 
HETATM 851 O O   . HOH B 2 .   ? 19.010  7.897   6.031   1.00 42.75 ? 117 HOH A O   1 
HETATM 852 O O   . HOH B 2 .   ? 13.827  11.875  -10.994 1.00 34.12 ? 118 HOH A O   1 
HETATM 853 O O   . HOH B 2 .   ? -8.247  -2.515  -8.241  1.00 33.03 ? 119 HOH A O   1 
HETATM 854 O O   . HOH B 2 .   ? -12.085 -14.779 -17.815 1.00 32.94 ? 120 HOH A O   1 
HETATM 855 O O   . HOH B 2 .   ? -18.310 -7.842  -19.779 1.00 27.64 ? 121 HOH A O   1 
HETATM 856 O O   . HOH B 2 .   ? -14.375 10.577  -5.031  1.00 31.55 ? 122 HOH A O   1 
HETATM 857 O O   . HOH B 2 .   ? -8.564  -13.573 2.325   1.00 47.79 ? 123 HOH A O   1 
HETATM 858 O O   . HOH B 2 .   ? -16.394 -0.014  -1.766  1.00 30.08 ? 124 HOH A O   1 
HETATM 859 O O   . HOH B 2 .   ? -16.756 -12.829 -8.871  1.00 39.83 ? 125 HOH A O   1 
HETATM 860 O O   . HOH B 2 .   ? 15.399  -6.150  4.928   1.00 34.26 ? 126 HOH A O   1 
HETATM 861 O O   . HOH B 2 .   ? -13.069 -11.796 1.969   1.00 31.56 ? 127 HOH A O   1 
HETATM 862 O O   . HOH B 2 .   ? 17.507  8.565   2.686   1.00 38.57 ? 128 HOH A O   1 
HETATM 863 O O   . HOH B 2 .   ? -3.004  1.137   3.642   1.00 47.70 ? 129 HOH A O   1 
HETATM 864 O O   . HOH B 2 .   ? 16.836  15.468  -3.409  1.00 41.50 ? 130 HOH A O   1 
HETATM 865 O O   . HOH B 2 .   ? 13.779  -6.301  9.503   1.00 53.19 ? 131 HOH A O   1 
HETATM 866 O O   . HOH B 2 .   ? -5.004  -2.174  12.362  1.00 36.62 ? 132 HOH A O   1 
HETATM 867 O O   . HOH B 2 .   ? 11.678  0.757   13.592  1.00 57.68 ? 133 HOH A O   1 
HETATM 868 O O   . HOH B 2 .   ? -8.837  -6.011  7.507   1.00 52.50 ? 134 HOH A O   1 
HETATM 869 O O   . HOH B 2 .   ? -16.446 5.527   3.018   1.00 37.95 ? 135 HOH A O   1 
HETATM 870 O O   . HOH B 2 .   ? 17.765  6.896   -8.463  1.00 45.17 ? 136 HOH A O   1 
HETATM 871 O O   . HOH B 2 .   ? -19.132 -3.140  -16.524 1.00 51.78 ? 137 HOH A O   1 
HETATM 872 O O   . HOH B 2 .   ? 11.365  -6.867  0.041   1.00 35.11 ? 138 HOH A O   1 
HETATM 873 O O   . HOH B 2 .   ? -20.090 6.256   -10.690 1.00 60.51 ? 139 HOH A O   1 
HETATM 874 O O   . HOH B 2 .   ? 18.247  13.547  -4.277  1.00 73.00 ? 140 HOH A O   1 
HETATM 875 O O   . HOH B 2 .   ? 20.179  3.883   3.880   1.00 52.65 ? 141 HOH A O   1 
HETATM 876 O O   . HOH B 2 .   ? -10.429 0.851   10.436  1.00 37.36 ? 142 HOH A O   1 
HETATM 877 O O   . HOH B 2 .   ? 6.224   -2.494  16.587  1.00 45.38 ? 143 HOH A O   1 
HETATM 878 O O   . HOH B 2 .   ? 0.741   -13.460 4.211   1.00 35.24 ? 144 HOH A O   1 
HETATM 879 O O   . HOH B 2 .   ? -14.523 -3.447  5.277   1.00 45.26 ? 145 HOH A O   1 
HETATM 880 O O   . HOH B 2 .   ? 19.098  8.390   -1.373  1.00 50.00 ? 146 HOH A O   1 
HETATM 881 O O   . HOH B 2 .   ? 17.419  3.989   -5.505  1.00 42.46 ? 147 HOH A O   1 
HETATM 882 O O   . HOH B 2 .   ? 12.762  -5.989  5.507   1.00 35.55 ? 148 HOH A O   1 
HETATM 883 O O   . HOH B 2 .   ? -3.931  -15.431 -5.021  1.00 41.41 ? 149 HOH A O   1 
HETATM 884 O O   . HOH B 2 .   ? 20.233  18.177  2.873   1.00 52.78 ? 150 HOH A O   1 
HETATM 885 O O   . HOH B 2 .   ? -10.383 5.136   13.382  1.00 65.69 ? 151 HOH A O   1 
HETATM 886 O O   . HOH B 2 .   ? 18.080  -1.677  0.954   1.00 59.48 ? 152 HOH A O   1 
HETATM 887 O O   . HOH B 2 .   ? 14.220  4.270   -9.756  1.00 48.72 ? 153 HOH A O   1 
HETATM 888 O O   . HOH B 2 .   ? -7.459  -14.509 -8.509  1.00 51.86 ? 154 HOH A O   1 
HETATM 889 O O   . HOH B 2 .   ? 6.065   3.569   11.280  1.00 38.71 ? 155 HOH A O   1 
HETATM 890 O O   . HOH B 2 .   ? -7.605  -0.123  13.213  1.00 46.56 ? 156 HOH A O   1 
HETATM 891 O O   . HOH B 2 .   ? -0.078  -0.691  19.314  1.00 53.01 ? 157 HOH A O   1 
HETATM 892 O O   . HOH B 2 .   ? 7.703   -7.731  10.216  1.00 49.93 ? 158 HOH A O   1 
# 
